data_7A3M
# 
_entry.id   7A3M 
# 
_audit_conform.dict_name       mmcif_pdbx.dic 
_audit_conform.dict_version    5.384 
_audit_conform.dict_location   http://mmcif.pdb.org/dictionaries/ascii/mmcif_pdbx.dic 
# 
loop_
_database_2.database_id 
_database_2.database_code 
_database_2.pdbx_database_accession 
_database_2.pdbx_DOI 
PDB   7A3M         pdb_00007a3m 10.2210/pdb7a3m/pdb 
WWPDB D_1292110802 ?            ?                   
# 
loop_
_pdbx_audit_revision_history.ordinal 
_pdbx_audit_revision_history.data_content_type 
_pdbx_audit_revision_history.major_revision 
_pdbx_audit_revision_history.minor_revision 
_pdbx_audit_revision_history.revision_date 
1 'Structure model' 1 0 2020-12-09 
2 'Structure model' 1 1 2021-09-29 
3 'Structure model' 1 2 2024-01-31 
# 
_pdbx_audit_revision_details.ordinal             1 
_pdbx_audit_revision_details.revision_ordinal    1 
_pdbx_audit_revision_details.data_content_type   'Structure model' 
_pdbx_audit_revision_details.provider            repository 
_pdbx_audit_revision_details.type                'Initial release' 
_pdbx_audit_revision_details.description         ? 
_pdbx_audit_revision_details.details             ? 
# 
loop_
_pdbx_audit_revision_group.ordinal 
_pdbx_audit_revision_group.revision_ordinal 
_pdbx_audit_revision_group.data_content_type 
_pdbx_audit_revision_group.group 
1 2 'Structure model' 'Data collection'        
2 2 'Structure model' 'Database references'    
3 3 'Structure model' 'Data collection'        
4 3 'Structure model' 'Database references'    
5 3 'Structure model' 'Refinement description' 
# 
loop_
_pdbx_audit_revision_category.ordinal 
_pdbx_audit_revision_category.revision_ordinal 
_pdbx_audit_revision_category.data_content_type 
_pdbx_audit_revision_category.category 
1 2 'Structure model' citation                      
2 2 'Structure model' citation_author               
3 2 'Structure model' database_2                    
4 2 'Structure model' pdbx_database_proc            
5 3 'Structure model' chem_comp_atom                
6 3 'Structure model' chem_comp_bond                
7 3 'Structure model' citation                      
8 3 'Structure model' pdbx_initial_refinement_model 
# 
loop_
_pdbx_audit_revision_item.ordinal 
_pdbx_audit_revision_item.revision_ordinal 
_pdbx_audit_revision_item.data_content_type 
_pdbx_audit_revision_item.item 
1 2 'Structure model' '_database_2.pdbx_DOI'                
2 2 'Structure model' '_database_2.pdbx_database_accession' 
3 3 'Structure model' '_citation.journal_id_ISSN'           
# 
_pdbx_database_status.status_code                     REL 
_pdbx_database_status.status_code_sf                  REL 
_pdbx_database_status.status_code_mr                  ? 
_pdbx_database_status.entry_id                        7A3M 
_pdbx_database_status.recvd_initial_deposition_date   2020-08-18 
_pdbx_database_status.SG_entry                        N 
_pdbx_database_status.deposit_site                    PDBE 
_pdbx_database_status.process_site                    PDBE 
_pdbx_database_status.status_code_cs                  ? 
_pdbx_database_status.status_code_nmr_data            ? 
_pdbx_database_status.methods_development_category    ? 
_pdbx_database_status.pdb_format_compatible           Y 
# 
loop_
_pdbx_database_related.db_name 
_pdbx_database_related.details 
_pdbx_database_related.db_id 
_pdbx_database_related.content_type 
PDB wt           7A1H unspecified 
PDB L49I         7A2C unspecified 
PDB 'L49I, I57V' 7A2E unspecified 
# 
loop_
_audit_author.name 
_audit_author.pdbx_ordinal 
_audit_author.identifier_ORCID 
'Olsen, J.G.' 1 0000-0001-8805-6372 
'Teilum, K.'  2 0000-0001-6919-1982 
'Hamborg, L.' 3 ?                   
'Roche, J.V.' 4 ?                   
# 
loop_
_citation.abstract 
_citation.abstract_id_CAS 
_citation.book_id_ISBN 
_citation.book_publisher 
_citation.book_publisher_city 
_citation.book_title 
_citation.coordinate_linkage 
_citation.country 
_citation.database_id_Medline 
_citation.details 
_citation.id 
_citation.journal_abbrev 
_citation.journal_id_ASTM 
_citation.journal_id_CSD 
_citation.journal_id_ISSN 
_citation.journal_full 
_citation.journal_issue 
_citation.journal_volume 
_citation.language 
_citation.page_first 
_citation.page_last 
_citation.title 
_citation.year 
_citation.database_id_CSD 
_citation.pdbx_database_id_DOI 
_citation.pdbx_database_id_PubMed 
_citation.unpublished_flag 
? ? ? ? ? ? ? UK ? ? primary 'Commun Biol' ? ? 2399-3642 ? ? 4 ? 980 980 
'Synergistic stabilization of a double mutant in chymotrypsin inhibitor 2 from a library screen in E. coli.' 2021 ? 
10.1038/s42003-021-02490-7 34408246 ? 
? ? ? ? ? ? ? US ? ? 1       Biorxiv       ? ? 2692-8205 ? ? ? ? ?   ?   
'Synergistic stabilization of a double mutant in CI2 from an in-cell library screen'                         2020 ? 
10.1101/2020.12.01.406082  ?        ? 
# 
loop_
_citation_author.citation_id 
_citation_author.name 
_citation_author.ordinal 
_citation_author.identifier_ORCID 
primary 'Hamborg, L.'         1  ?                   
primary 'Granata, D.'         2  ?                   
primary 'Olsen, J.G.'         3  ?                   
primary 'Roche, J.V.'         4  ?                   
primary 'Pedersen, L.E.'      5  ?                   
primary 'Nielsen, A.T.'       6  0000-0001-6616-0187 
primary 'Lindorff-Larsen, K.' 7  0000-0002-4750-6039 
primary 'Teilum, K.'          8  0000-0001-6919-1982 
1       'Hamborg, L.'         9  ?                   
1       'Granata, D.'         10 ?                   
1       'Olsen, J.G.'         11 0000-0001-8805-6372 
1       'Roche, J.V.'         12 ?                   
1       'Pedersen, L.E.'      13 ?                   
1       'Nielsen, A.T.'       14 ?                   
1       'Lindorff-Larsen, K.' 15 ?                   
1       'Teilum, K.'          16 0000-0001-6919-1982 
# 
loop_
_entity.id 
_entity.type 
_entity.src_method 
_entity.pdbx_description 
_entity.formula_weight 
_entity.pdbx_number_of_molecules 
_entity.pdbx_ec 
_entity.pdbx_mutation 
_entity.pdbx_fragment 
_entity.details 
1 polymer man 'Subtilisin-chymotrypsin inhibitor-2A' 7299.596 1  ? I57V ? ? 
2 water   nat water                                  18.015   98 ? ?    ? ? 
# 
_entity_name_com.entity_id   1 
_entity_name_com.name        CI-2A 
# 
_entity_poly.entity_id                      1 
_entity_poly.type                           'polypeptide(L)' 
_entity_poly.nstd_linkage                   no 
_entity_poly.nstd_monomer                   no 
_entity_poly.pdbx_seq_one_letter_code       MKTEWPELVGKSVEEAKKVILQDKPEAQIIVLPVGTIVTMEYRIDRVRLFVDKLDNVAQVPRVG 
_entity_poly.pdbx_seq_one_letter_code_can   MKTEWPELVGKSVEEAKKVILQDKPEAQIIVLPVGTIVTMEYRIDRVRLFVDKLDNVAQVPRVG 
_entity_poly.pdbx_strand_id                 A 
_entity_poly.pdbx_target_identifier         ? 
# 
_pdbx_entity_nonpoly.entity_id   2 
_pdbx_entity_nonpoly.name        water 
_pdbx_entity_nonpoly.comp_id     HOH 
# 
loop_
_entity_poly_seq.entity_id 
_entity_poly_seq.num 
_entity_poly_seq.mon_id 
_entity_poly_seq.hetero 
1 1  MET n 
1 2  LYS n 
1 3  THR n 
1 4  GLU n 
1 5  TRP n 
1 6  PRO n 
1 7  GLU n 
1 8  LEU n 
1 9  VAL n 
1 10 GLY n 
1 11 LYS n 
1 12 SER n 
1 13 VAL n 
1 14 GLU n 
1 15 GLU n 
1 16 ALA n 
1 17 LYS n 
1 18 LYS n 
1 19 VAL n 
1 20 ILE n 
1 21 LEU n 
1 22 GLN n 
1 23 ASP n 
1 24 LYS n 
1 25 PRO n 
1 26 GLU n 
1 27 ALA n 
1 28 GLN n 
1 29 ILE n 
1 30 ILE n 
1 31 VAL n 
1 32 LEU n 
1 33 PRO n 
1 34 VAL n 
1 35 GLY n 
1 36 THR n 
1 37 ILE n 
1 38 VAL n 
1 39 THR n 
1 40 MET n 
1 41 GLU n 
1 42 TYR n 
1 43 ARG n 
1 44 ILE n 
1 45 ASP n 
1 46 ARG n 
1 47 VAL n 
1 48 ARG n 
1 49 LEU n 
1 50 PHE n 
1 51 VAL n 
1 52 ASP n 
1 53 LYS n 
1 54 LEU n 
1 55 ASP n 
1 56 ASN n 
1 57 VAL n 
1 58 ALA n 
1 59 GLN n 
1 60 VAL n 
1 61 PRO n 
1 62 ARG n 
1 63 VAL n 
1 64 GLY n 
# 
_entity_src_gen.entity_id                          1 
_entity_src_gen.pdbx_src_id                        1 
_entity_src_gen.pdbx_alt_source_flag               sample 
_entity_src_gen.pdbx_seq_type                      'Biological sequence' 
_entity_src_gen.pdbx_beg_seq_num                   1 
_entity_src_gen.pdbx_end_seq_num                   64 
_entity_src_gen.gene_src_common_name               Barley 
_entity_src_gen.gene_src_genus                     ? 
_entity_src_gen.pdbx_gene_src_gene                 ? 
_entity_src_gen.gene_src_species                   ? 
_entity_src_gen.gene_src_strain                    ? 
_entity_src_gen.gene_src_tissue                    ? 
_entity_src_gen.gene_src_tissue_fraction           ? 
_entity_src_gen.gene_src_details                   ? 
_entity_src_gen.pdbx_gene_src_fragment             ? 
_entity_src_gen.pdbx_gene_src_scientific_name      'Hordeum vulgare' 
_entity_src_gen.pdbx_gene_src_ncbi_taxonomy_id     4513 
_entity_src_gen.pdbx_gene_src_variant              ? 
_entity_src_gen.pdbx_gene_src_cell_line            ? 
_entity_src_gen.pdbx_gene_src_atcc                 ? 
_entity_src_gen.pdbx_gene_src_organ                ? 
_entity_src_gen.pdbx_gene_src_organelle            ? 
_entity_src_gen.pdbx_gene_src_cell                 ? 
_entity_src_gen.pdbx_gene_src_cellular_location    ? 
_entity_src_gen.host_org_common_name               ? 
_entity_src_gen.pdbx_host_org_scientific_name      
;Escherichia coli 'BL21-Gold(DE3)pLysS AG'
;
_entity_src_gen.pdbx_host_org_ncbi_taxonomy_id     866768 
_entity_src_gen.host_org_genus                     ? 
_entity_src_gen.pdbx_host_org_gene                 ? 
_entity_src_gen.pdbx_host_org_organ                ? 
_entity_src_gen.host_org_species                   ? 
_entity_src_gen.pdbx_host_org_tissue               ? 
_entity_src_gen.pdbx_host_org_tissue_fraction      ? 
_entity_src_gen.pdbx_host_org_strain               ? 
_entity_src_gen.pdbx_host_org_variant              ? 
_entity_src_gen.pdbx_host_org_cell_line            ? 
_entity_src_gen.pdbx_host_org_atcc                 ? 
_entity_src_gen.pdbx_host_org_culture_collection   ? 
_entity_src_gen.pdbx_host_org_cell                 ? 
_entity_src_gen.pdbx_host_org_organelle            ? 
_entity_src_gen.pdbx_host_org_cellular_location    ? 
_entity_src_gen.pdbx_host_org_vector_type          ? 
_entity_src_gen.pdbx_host_org_vector               ? 
_entity_src_gen.host_org_details                   ? 
_entity_src_gen.expression_system_id               ? 
_entity_src_gen.plasmid_name                       ? 
_entity_src_gen.plasmid_details                    ? 
_entity_src_gen.pdbx_description                   ? 
# 
loop_
_chem_comp.id 
_chem_comp.type 
_chem_comp.mon_nstd_flag 
_chem_comp.name 
_chem_comp.pdbx_synonyms 
_chem_comp.formula 
_chem_comp.formula_weight 
ALA 'L-peptide linking' y ALANINE         ? 'C3 H7 N O2'     89.093  
ARG 'L-peptide linking' y ARGININE        ? 'C6 H15 N4 O2 1' 175.209 
ASN 'L-peptide linking' y ASPARAGINE      ? 'C4 H8 N2 O3'    132.118 
ASP 'L-peptide linking' y 'ASPARTIC ACID' ? 'C4 H7 N O4'     133.103 
GLN 'L-peptide linking' y GLUTAMINE       ? 'C5 H10 N2 O3'   146.144 
GLU 'L-peptide linking' y 'GLUTAMIC ACID' ? 'C5 H9 N O4'     147.129 
GLY 'peptide linking'   y GLYCINE         ? 'C2 H5 N O2'     75.067  
HOH non-polymer         . WATER           ? 'H2 O'           18.015  
ILE 'L-peptide linking' y ISOLEUCINE      ? 'C6 H13 N O2'    131.173 
LEU 'L-peptide linking' y LEUCINE         ? 'C6 H13 N O2'    131.173 
LYS 'L-peptide linking' y LYSINE          ? 'C6 H15 N2 O2 1' 147.195 
MET 'L-peptide linking' y METHIONINE      ? 'C5 H11 N O2 S'  149.211 
PHE 'L-peptide linking' y PHENYLALANINE   ? 'C9 H11 N O2'    165.189 
PRO 'L-peptide linking' y PROLINE         ? 'C5 H9 N O2'     115.130 
SER 'L-peptide linking' y SERINE          ? 'C3 H7 N O3'     105.093 
THR 'L-peptide linking' y THREONINE       ? 'C4 H9 N O3'     119.119 
TRP 'L-peptide linking' y TRYPTOPHAN      ? 'C11 H12 N2 O2'  204.225 
TYR 'L-peptide linking' y TYROSINE        ? 'C9 H11 N O3'    181.189 
VAL 'L-peptide linking' y VALINE          ? 'C5 H11 N O2'    117.146 
# 
loop_
_pdbx_poly_seq_scheme.asym_id 
_pdbx_poly_seq_scheme.entity_id 
_pdbx_poly_seq_scheme.seq_id 
_pdbx_poly_seq_scheme.mon_id 
_pdbx_poly_seq_scheme.ndb_seq_num 
_pdbx_poly_seq_scheme.pdb_seq_num 
_pdbx_poly_seq_scheme.auth_seq_num 
_pdbx_poly_seq_scheme.pdb_mon_id 
_pdbx_poly_seq_scheme.auth_mon_id 
_pdbx_poly_seq_scheme.pdb_strand_id 
_pdbx_poly_seq_scheme.pdb_ins_code 
_pdbx_poly_seq_scheme.hetero 
A 1 1  MET 1  1  1  MET MET A . n 
A 1 2  LYS 2  2  2  LYS LYS A . n 
A 1 3  THR 3  3  3  THR THR A . n 
A 1 4  GLU 4  4  4  GLU GLU A . n 
A 1 5  TRP 5  5  5  TRP TRP A . n 
A 1 6  PRO 6  6  6  PRO PRO A . n 
A 1 7  GLU 7  7  7  GLU GLU A . n 
A 1 8  LEU 8  8  8  LEU LEU A . n 
A 1 9  VAL 9  9  9  VAL VAL A . n 
A 1 10 GLY 10 10 10 GLY GLY A . n 
A 1 11 LYS 11 11 11 LYS LYS A . n 
A 1 12 SER 12 12 12 SER SER A . n 
A 1 13 VAL 13 13 13 VAL VAL A . n 
A 1 14 GLU 14 14 14 GLU GLU A . n 
A 1 15 GLU 15 15 15 GLU GLU A . n 
A 1 16 ALA 16 16 16 ALA ALA A . n 
A 1 17 LYS 17 17 17 LYS LYS A . n 
A 1 18 LYS 18 18 18 LYS LYS A . n 
A 1 19 VAL 19 19 19 VAL VAL A . n 
A 1 20 ILE 20 20 20 ILE ILE A . n 
A 1 21 LEU 21 21 21 LEU LEU A . n 
A 1 22 GLN 22 22 22 GLN GLN A . n 
A 1 23 ASP 23 23 23 ASP ASP A . n 
A 1 24 LYS 24 24 24 LYS LYS A . n 
A 1 25 PRO 25 25 25 PRO PRO A . n 
A 1 26 GLU 26 26 26 GLU GLU A . n 
A 1 27 ALA 27 27 27 ALA ALA A . n 
A 1 28 GLN 28 28 28 GLN GLN A . n 
A 1 29 ILE 29 29 29 ILE ILE A . n 
A 1 30 ILE 30 30 30 ILE ILE A . n 
A 1 31 VAL 31 31 31 VAL VAL A . n 
A 1 32 LEU 32 32 32 LEU LEU A . n 
A 1 33 PRO 33 33 33 PRO PRO A . n 
A 1 34 VAL 34 34 34 VAL VAL A . n 
A 1 35 GLY 35 35 35 GLY GLY A . n 
A 1 36 THR 36 36 36 THR THR A . n 
A 1 37 ILE 37 37 37 ILE ILE A . n 
A 1 38 VAL 38 38 38 VAL VAL A . n 
A 1 39 THR 39 39 39 THR THR A . n 
A 1 40 MET 40 40 40 MET MET A . n 
A 1 41 GLU 41 41 41 GLU GLU A . n 
A 1 42 TYR 42 42 42 TYR TYR A . n 
A 1 43 ARG 43 43 43 ARG ARG A . n 
A 1 44 ILE 44 44 44 ILE ILE A . n 
A 1 45 ASP 45 45 45 ASP ASP A . n 
A 1 46 ARG 46 46 46 ARG ARG A . n 
A 1 47 VAL 47 47 47 VAL VAL A . n 
A 1 48 ARG 48 48 48 ARG ARG A . n 
A 1 49 LEU 49 49 49 LEU LEU A . n 
A 1 50 PHE 50 50 50 PHE PHE A . n 
A 1 51 VAL 51 51 51 VAL VAL A . n 
A 1 52 ASP 52 52 52 ASP ASP A . n 
A 1 53 LYS 53 53 53 LYS LYS A . n 
A 1 54 LEU 54 54 54 LEU LEU A . n 
A 1 55 ASP 55 55 55 ASP ASP A . n 
A 1 56 ASN 56 56 56 ASN ASN A . n 
A 1 57 VAL 57 57 57 VAL VAL A . n 
A 1 58 ALA 58 58 58 ALA ALA A . n 
A 1 59 GLN 59 59 59 GLN GLN A . n 
A 1 60 VAL 60 60 60 VAL VAL A . n 
A 1 61 PRO 61 61 61 PRO PRO A . n 
A 1 62 ARG 62 62 62 ARG ARG A . n 
A 1 63 VAL 63 63 63 VAL VAL A . n 
A 1 64 GLY 64 64 64 GLY GLY A . n 
# 
loop_
_pdbx_nonpoly_scheme.asym_id 
_pdbx_nonpoly_scheme.entity_id 
_pdbx_nonpoly_scheme.mon_id 
_pdbx_nonpoly_scheme.ndb_seq_num 
_pdbx_nonpoly_scheme.pdb_seq_num 
_pdbx_nonpoly_scheme.auth_seq_num 
_pdbx_nonpoly_scheme.pdb_mon_id 
_pdbx_nonpoly_scheme.auth_mon_id 
_pdbx_nonpoly_scheme.pdb_strand_id 
_pdbx_nonpoly_scheme.pdb_ins_code 
B 2 HOH 1  101 5  HOH HOH A . 
B 2 HOH 2  102 72 HOH HOH A . 
B 2 HOH 3  103 75 HOH HOH A . 
B 2 HOH 4  104 89 HOH HOH A . 
B 2 HOH 5  105 56 HOH HOH A . 
B 2 HOH 6  106 22 HOH HOH A . 
B 2 HOH 7  107 82 HOH HOH A . 
B 2 HOH 8  108 2  HOH HOH A . 
B 2 HOH 9  109 36 HOH HOH A . 
B 2 HOH 10 110 79 HOH HOH A . 
B 2 HOH 11 111 54 HOH HOH A . 
B 2 HOH 12 112 78 HOH HOH A . 
B 2 HOH 13 113 81 HOH HOH A . 
B 2 HOH 14 114 6  HOH HOH A . 
B 2 HOH 15 115 62 HOH HOH A . 
B 2 HOH 16 116 87 HOH HOH A . 
B 2 HOH 17 117 20 HOH HOH A . 
B 2 HOH 18 118 25 HOH HOH A . 
B 2 HOH 19 119 40 HOH HOH A . 
B 2 HOH 20 120 23 HOH HOH A . 
B 2 HOH 21 121 85 HOH HOH A . 
B 2 HOH 22 122 58 HOH HOH A . 
B 2 HOH 23 123 27 HOH HOH A . 
B 2 HOH 24 124 76 HOH HOH A . 
B 2 HOH 25 125 16 HOH HOH A . 
B 2 HOH 26 126 8  HOH HOH A . 
B 2 HOH 27 127 68 HOH HOH A . 
B 2 HOH 28 128 32 HOH HOH A . 
B 2 HOH 29 129 26 HOH HOH A . 
B 2 HOH 30 130 18 HOH HOH A . 
B 2 HOH 31 131 61 HOH HOH A . 
B 2 HOH 32 132 31 HOH HOH A . 
B 2 HOH 33 133 28 HOH HOH A . 
B 2 HOH 34 134 15 HOH HOH A . 
B 2 HOH 35 135 14 HOH HOH A . 
B 2 HOH 36 136 42 HOH HOH A . 
B 2 HOH 37 137 9  HOH HOH A . 
B 2 HOH 38 138 55 HOH HOH A . 
B 2 HOH 39 139 10 HOH HOH A . 
B 2 HOH 40 140 3  HOH HOH A . 
B 2 HOH 41 141 88 HOH HOH A . 
B 2 HOH 42 142 30 HOH HOH A . 
B 2 HOH 43 143 7  HOH HOH A . 
B 2 HOH 44 144 4  HOH HOH A . 
B 2 HOH 45 145 17 HOH HOH A . 
B 2 HOH 46 146 53 HOH HOH A . 
B 2 HOH 47 147 50 HOH HOH A . 
B 2 HOH 48 148 73 HOH HOH A . 
B 2 HOH 49 149 74 HOH HOH A . 
B 2 HOH 50 150 1  HOH HOH A . 
B 2 HOH 51 151 70 HOH HOH A . 
B 2 HOH 52 152 52 HOH HOH A . 
B 2 HOH 53 153 34 HOH HOH A . 
B 2 HOH 54 154 77 HOH HOH A . 
B 2 HOH 55 155 67 HOH HOH A . 
B 2 HOH 56 156 66 HOH HOH A . 
B 2 HOH 57 157 44 HOH HOH A . 
B 2 HOH 58 158 29 HOH HOH A . 
B 2 HOH 59 159 21 HOH HOH A . 
B 2 HOH 60 160 83 HOH HOH A . 
B 2 HOH 61 161 86 HOH HOH A . 
B 2 HOH 62 162 41 HOH HOH A . 
B 2 HOH 63 163 13 HOH HOH A . 
B 2 HOH 64 164 91 HOH HOH A . 
B 2 HOH 65 165 11 HOH HOH A . 
B 2 HOH 66 166 69 HOH HOH A . 
B 2 HOH 67 167 24 HOH HOH A . 
B 2 HOH 68 168 97 HOH HOH A . 
B 2 HOH 69 169 19 HOH HOH A . 
B 2 HOH 70 170 46 HOH HOH A . 
B 2 HOH 71 171 93 HOH HOH A . 
B 2 HOH 72 172 35 HOH HOH A . 
B 2 HOH 73 173 57 HOH HOH A . 
B 2 HOH 74 174 12 HOH HOH A . 
B 2 HOH 75 175 48 HOH HOH A . 
B 2 HOH 76 176 64 HOH HOH A . 
B 2 HOH 77 177 65 HOH HOH A . 
B 2 HOH 78 178 71 HOH HOH A . 
B 2 HOH 79 179 37 HOH HOH A . 
B 2 HOH 80 180 45 HOH HOH A . 
B 2 HOH 81 181 33 HOH HOH A . 
B 2 HOH 82 182 49 HOH HOH A . 
B 2 HOH 83 183 94 HOH HOH A . 
B 2 HOH 84 184 39 HOH HOH A . 
B 2 HOH 85 185 47 HOH HOH A . 
B 2 HOH 86 186 90 HOH HOH A . 
B 2 HOH 87 187 63 HOH HOH A . 
B 2 HOH 88 188 38 HOH HOH A . 
B 2 HOH 89 189 95 HOH HOH A . 
B 2 HOH 90 190 96 HOH HOH A . 
B 2 HOH 91 191 84 HOH HOH A . 
B 2 HOH 92 192 43 HOH HOH A . 
B 2 HOH 93 193 59 HOH HOH A . 
B 2 HOH 94 194 98 HOH HOH A . 
B 2 HOH 95 195 92 HOH HOH A . 
B 2 HOH 96 196 51 HOH HOH A . 
B 2 HOH 97 197 60 HOH HOH A . 
B 2 HOH 98 198 80 HOH HOH A . 
# 
loop_
_software.citation_id 
_software.classification 
_software.compiler_name 
_software.compiler_version 
_software.contact_author 
_software.contact_author_email 
_software.date 
_software.description 
_software.dependencies 
_software.hardware 
_software.language 
_software.location 
_software.mods 
_software.name 
_software.os 
_software.os_version 
_software.type 
_software.version 
_software.pdbx_ordinal 
? refinement        ? ? ? ? ? ? ? ? ? ? ? REFMAC      ? ? ? v5.5   1 
? 'data reduction'  ? ? ? ? ? ? ? ? ? ? ? MOSFLM      ? ? ? .      2 
? 'data scaling'    ? ? ? ? ? ? ? ? ? ? ? Aimless     ? ? ? .      3 
? phasing           ? ? ? ? ? ? ? ? ? ? ? PHASER      ? ? ? v2.5.5 4 
? 'data extraction' ? ? ? ? ? ? ? ? ? ? ? PDB_EXTRACT ? ? ? 3.25   5 
# 
_cell.angle_alpha                  90.000 
_cell.angle_alpha_esd              ? 
_cell.angle_beta                   90.000 
_cell.angle_beta_esd               ? 
_cell.angle_gamma                  120.000 
_cell.angle_gamma_esd              ? 
_cell.entry_id                     7A3M 
_cell.details                      ? 
_cell.formula_units_Z              ? 
_cell.length_a                     68.435 
_cell.length_a_esd                 ? 
_cell.length_b                     68.435 
_cell.length_b_esd                 ? 
_cell.length_c                     52.104 
_cell.length_c_esd                 ? 
_cell.volume                       ? 
_cell.volume_esd                   ? 
_cell.Z_PDB                        12 
_cell.reciprocal_angle_alpha       ? 
_cell.reciprocal_angle_beta        ? 
_cell.reciprocal_angle_gamma       ? 
_cell.reciprocal_angle_alpha_esd   ? 
_cell.reciprocal_angle_beta_esd    ? 
_cell.reciprocal_angle_gamma_esd   ? 
_cell.reciprocal_length_a          ? 
_cell.reciprocal_length_b          ? 
_cell.reciprocal_length_c          ? 
_cell.reciprocal_length_a_esd      ? 
_cell.reciprocal_length_b_esd      ? 
_cell.reciprocal_length_c_esd      ? 
_cell.pdbx_unique_axis             ? 
# 
_symmetry.entry_id                         7A3M 
_symmetry.cell_setting                     ? 
_symmetry.Int_Tables_number                177 
_symmetry.space_group_name_Hall            ? 
_symmetry.space_group_name_H-M             'P 6 2 2' 
_symmetry.pdbx_full_space_group_name_H-M   ? 
# 
_exptl.absorpt_coefficient_mu     ? 
_exptl.absorpt_correction_T_max   ? 
_exptl.absorpt_correction_T_min   ? 
_exptl.absorpt_correction_type    ? 
_exptl.absorpt_process_details    ? 
_exptl.entry_id                   7A3M 
_exptl.crystals_number            1 
_exptl.details                    ? 
_exptl.method                     'X-RAY DIFFRACTION' 
_exptl.method_details             ? 
# 
_exptl_crystal.colour                      ? 
_exptl_crystal.density_diffrn              ? 
_exptl_crystal.density_Matthews            2.3 
_exptl_crystal.density_method              ? 
_exptl_crystal.density_percent_sol         47.0 
_exptl_crystal.description                 'Beautiful, thick hexagonal plates' 
_exptl_crystal.F_000                       ? 
_exptl_crystal.id                          1 
_exptl_crystal.preparation                 ? 
_exptl_crystal.size_max                    ? 
_exptl_crystal.size_mid                    ? 
_exptl_crystal.size_min                    ? 
_exptl_crystal.size_rad                    ? 
_exptl_crystal.colour_lustre               ? 
_exptl_crystal.colour_modifier             ? 
_exptl_crystal.colour_primary              ? 
_exptl_crystal.density_meas                ? 
_exptl_crystal.density_meas_esd            ? 
_exptl_crystal.density_meas_gt             ? 
_exptl_crystal.density_meas_lt             ? 
_exptl_crystal.density_meas_temp           ? 
_exptl_crystal.density_meas_temp_esd       ? 
_exptl_crystal.density_meas_temp_gt        ? 
_exptl_crystal.density_meas_temp_lt        ? 
_exptl_crystal.pdbx_crystal_image_url      ? 
_exptl_crystal.pdbx_crystal_image_format   ? 
_exptl_crystal.pdbx_mosaicity              ? 
_exptl_crystal.pdbx_mosaicity_esd          ? 
# 
_exptl_crystal_grow.apparatus       ? 
_exptl_crystal_grow.atmosphere      ? 
_exptl_crystal_grow.crystal_id      1 
_exptl_crystal_grow.details         ? 
_exptl_crystal_grow.method          'VAPOR DIFFUSION, HANGING DROP' 
_exptl_crystal_grow.method_ref      ? 
_exptl_crystal_grow.pH              ? 
_exptl_crystal_grow.pressure        ? 
_exptl_crystal_grow.pressure_esd    ? 
_exptl_crystal_grow.seeding         ? 
_exptl_crystal_grow.seeding_ref     ? 
_exptl_crystal_grow.temp            293 
_exptl_crystal_grow.temp_details    ? 
_exptl_crystal_grow.temp_esd        ? 
_exptl_crystal_grow.time            ? 
_exptl_crystal_grow.pdbx_details    '40 % (NH4)2SO4, 50 mM Tris-HCl, pH 8.0' 
_exptl_crystal_grow.pdbx_pH_range   ? 
# 
_diffrn.ambient_environment              ? 
_diffrn.ambient_temp                     120 
_diffrn.ambient_temp_details             ? 
_diffrn.ambient_temp_esd                 ? 
_diffrn.crystal_id                       1 
_diffrn.crystal_support                  ? 
_diffrn.crystal_treatment                ? 
_diffrn.details                          ? 
_diffrn.id                               1 
_diffrn.ambient_pressure                 ? 
_diffrn.ambient_pressure_esd             ? 
_diffrn.ambient_pressure_gt              ? 
_diffrn.ambient_pressure_lt              ? 
_diffrn.ambient_temp_gt                  ? 
_diffrn.ambient_temp_lt                  ? 
_diffrn.pdbx_serial_crystal_experiment   N 
# 
_diffrn_detector.details                      ? 
_diffrn_detector.detector                     PIXEL 
_diffrn_detector.diffrn_id                    1 
_diffrn_detector.type                         'DECTRIS PILATUS 6M-F' 
_diffrn_detector.area_resol_mean              ? 
_diffrn_detector.dtime                        ? 
_diffrn_detector.pdbx_frames_total            ? 
_diffrn_detector.pdbx_collection_time_total   ? 
_diffrn_detector.pdbx_collection_date         2019-06-14 
_diffrn_detector.pdbx_frequency               ? 
# 
_diffrn_radiation.collimation                      ? 
_diffrn_radiation.diffrn_id                        1 
_diffrn_radiation.filter_edge                      ? 
_diffrn_radiation.inhomogeneity                    ? 
_diffrn_radiation.monochromator                    ? 
_diffrn_radiation.polarisn_norm                    ? 
_diffrn_radiation.polarisn_ratio                   ? 
_diffrn_radiation.probe                            ? 
_diffrn_radiation.type                             ? 
_diffrn_radiation.xray_symbol                      ? 
_diffrn_radiation.wavelength_id                    1 
_diffrn_radiation.pdbx_monochromatic_or_laue_m_l   M 
_diffrn_radiation.pdbx_wavelength_list             ? 
_diffrn_radiation.pdbx_wavelength                  ? 
_diffrn_radiation.pdbx_diffrn_protocol             'SINGLE WAVELENGTH' 
_diffrn_radiation.pdbx_analyzer                    ? 
_diffrn_radiation.pdbx_scattering_type             x-ray 
# 
_diffrn_radiation_wavelength.id           1 
_diffrn_radiation_wavelength.wavelength   0.9763 
_diffrn_radiation_wavelength.wt           1.0 
# 
_diffrn_source.current                     ? 
_diffrn_source.details                     ? 
_diffrn_source.diffrn_id                   1 
_diffrn_source.power                       ? 
_diffrn_source.size                        ? 
_diffrn_source.source                      SYNCHROTRON 
_diffrn_source.target                      ? 
_diffrn_source.type                        'PETRA III, EMBL c/o DESY BEAMLINE P13 (MX1)' 
_diffrn_source.voltage                     ? 
_diffrn_source.take-off_angle              ? 
_diffrn_source.pdbx_wavelength_list        0.9763 
_diffrn_source.pdbx_wavelength             ? 
_diffrn_source.pdbx_synchrotron_beamline   'P13 (MX1)' 
_diffrn_source.pdbx_synchrotron_site       'PETRA III, EMBL c/o DESY' 
# 
_reflns.B_iso_Wilson_estimate            ? 
_reflns.entry_id                         7A3M 
_reflns.data_reduction_details           ? 
_reflns.data_reduction_method            ? 
_reflns.d_resolution_high                1.006 
_reflns.d_resolution_low                 59.27 
_reflns.details                          ? 
_reflns.limit_h_max                      ? 
_reflns.limit_h_min                      ? 
_reflns.limit_k_max                      ? 
_reflns.limit_k_min                      ? 
_reflns.limit_l_max                      ? 
_reflns.limit_l_min                      ? 
_reflns.number_all                       ? 
_reflns.number_obs                       29926 
_reflns.observed_criterion               ? 
_reflns.observed_criterion_F_max         ? 
_reflns.observed_criterion_F_min         ? 
_reflns.observed_criterion_I_max         ? 
_reflns.observed_criterion_I_min         ? 
_reflns.observed_criterion_sigma_F       ? 
_reflns.observed_criterion_sigma_I       ? 
_reflns.percent_possible_obs             95.4 
_reflns.R_free_details                   ? 
_reflns.Rmerge_F_all                     ? 
_reflns.Rmerge_F_obs                     ? 
_reflns.Friedel_coverage                 ? 
_reflns.number_gt                        ? 
_reflns.threshold_expression             ? 
_reflns.pdbx_redundancy                  32.4 
_reflns.pdbx_Rmerge_I_obs                ? 
_reflns.pdbx_Rmerge_I_all                ? 
_reflns.pdbx_Rsym_value                  ? 
_reflns.pdbx_netI_over_av_sigmaI         ? 
_reflns.pdbx_netI_over_sigmaI            22.9 
_reflns.pdbx_res_netI_over_av_sigmaI_2   ? 
_reflns.pdbx_res_netI_over_sigmaI_2      ? 
_reflns.pdbx_chi_squared                 ? 
_reflns.pdbx_scaling_rejects             ? 
_reflns.pdbx_d_res_high_opt              ? 
_reflns.pdbx_d_res_low_opt               ? 
_reflns.pdbx_d_res_opt_method            ? 
_reflns.phase_calculation_details        ? 
_reflns.pdbx_Rrim_I_all                  ? 
_reflns.pdbx_Rpim_I_all                  0.015 
_reflns.pdbx_d_opt                       ? 
_reflns.pdbx_number_measured_all         ? 
_reflns.pdbx_diffrn_id                   1 
_reflns.pdbx_ordinal                     1 
_reflns.pdbx_CC_half                     1.000 
_reflns.pdbx_CC_star                     ? 
_reflns.pdbx_R_split                     ? 
# 
_reflns_shell.d_res_high                  1.006 
_reflns_shell.d_res_low                   1.069 
_reflns_shell.meanI_over_sigI_all         ? 
_reflns_shell.meanI_over_sigI_obs         1.2 
_reflns_shell.number_measured_all         ? 
_reflns_shell.number_measured_obs         ? 
_reflns_shell.number_possible             ? 
_reflns_shell.number_unique_all           ? 
_reflns_shell.number_unique_obs           1496 
_reflns_shell.percent_possible_all        60.7 
_reflns_shell.percent_possible_obs        ? 
_reflns_shell.Rmerge_F_all                ? 
_reflns_shell.Rmerge_F_obs                ? 
_reflns_shell.Rmerge_I_all                ? 
_reflns_shell.Rmerge_I_obs                ? 
_reflns_shell.meanI_over_sigI_gt          ? 
_reflns_shell.meanI_over_uI_all           ? 
_reflns_shell.meanI_over_uI_gt            ? 
_reflns_shell.number_measured_gt          ? 
_reflns_shell.number_unique_gt            ? 
_reflns_shell.percent_possible_gt         ? 
_reflns_shell.Rmerge_F_gt                 ? 
_reflns_shell.Rmerge_I_gt                 ? 
_reflns_shell.pdbx_redundancy             5.9 
_reflns_shell.pdbx_Rsym_value             ? 
_reflns_shell.pdbx_chi_squared            ? 
_reflns_shell.pdbx_netI_over_sigmaI_all   ? 
_reflns_shell.pdbx_netI_over_sigmaI_obs   ? 
_reflns_shell.pdbx_Rrim_I_all             ? 
_reflns_shell.pdbx_Rpim_I_all             0.506 
_reflns_shell.pdbx_rejects                ? 
_reflns_shell.pdbx_ordinal                1 
_reflns_shell.pdbx_diffrn_id              1 
_reflns_shell.pdbx_CC_half                0.498 
_reflns_shell.pdbx_CC_star                ? 
_reflns_shell.pdbx_R_split                ? 
# 
_refine.aniso_B[1][1]                            0.0100 
_refine.aniso_B[1][2]                            0.0100 
_refine.aniso_B[1][3]                            0.0000 
_refine.aniso_B[2][2]                            0.0100 
_refine.aniso_B[2][3]                            -0.0000 
_refine.aniso_B[3][3]                            -0.0300 
_refine.B_iso_max                                67.710 
_refine.B_iso_mean                               14.7610 
_refine.B_iso_min                                6.050 
_refine.correlation_coeff_Fo_to_Fc               0.9730 
_refine.correlation_coeff_Fo_to_Fc_free          0.9460 
_refine.details                                  
'HYDROGENS HAVE BEEN ADDED IN THE RIDING POSITIONS U VALUES      : REFINED INDIVIDUALLY' 
_refine.diff_density_max                         ? 
_refine.diff_density_max_esd                     ? 
_refine.diff_density_min                         ? 
_refine.diff_density_min_esd                     ? 
_refine.diff_density_rms                         ? 
_refine.diff_density_rms_esd                     ? 
_refine.entry_id                                 7A3M 
_refine.pdbx_refine_id                           'X-RAY DIFFRACTION' 
_refine.ls_abs_structure_details                 ? 
_refine.ls_abs_structure_Flack                   ? 
_refine.ls_abs_structure_Flack_esd               ? 
_refine.ls_abs_structure_Rogers                  ? 
_refine.ls_abs_structure_Rogers_esd              ? 
_refine.ls_d_res_high                            1.0100 
_refine.ls_d_res_low                             59.2700 
_refine.ls_extinction_coef                       ? 
_refine.ls_extinction_coef_esd                   ? 
_refine.ls_extinction_expression                 ? 
_refine.ls_extinction_method                     ? 
_refine.ls_goodness_of_fit_all                   ? 
_refine.ls_goodness_of_fit_all_esd               ? 
_refine.ls_goodness_of_fit_obs                   ? 
_refine.ls_goodness_of_fit_obs_esd               ? 
_refine.ls_hydrogen_treatment                    ? 
_refine.ls_matrix_type                           ? 
_refine.ls_number_constraints                    ? 
_refine.ls_number_parameters                     ? 
_refine.ls_number_reflns_all                     ? 
_refine.ls_number_reflns_obs                     28501 
_refine.ls_number_reflns_R_free                  1426 
_refine.ls_number_reflns_R_work                  ? 
_refine.ls_number_restraints                     ? 
_refine.ls_percent_reflns_obs                    77.3100 
_refine.ls_percent_reflns_R_free                 4.8000 
_refine.ls_R_factor_all                          ? 
_refine.ls_R_factor_obs                          0.1504 
_refine.ls_R_factor_R_free                       0.1810 
_refine.ls_R_factor_R_free_error                 ? 
_refine.ls_R_factor_R_free_error_details         ? 
_refine.ls_R_factor_R_work                       0.1489 
_refine.ls_R_Fsqd_factor_obs                     ? 
_refine.ls_R_I_factor_obs                        ? 
_refine.ls_redundancy_reflns_all                 ? 
_refine.ls_redundancy_reflns_obs                 ? 
_refine.ls_restrained_S_all                      ? 
_refine.ls_restrained_S_obs                      ? 
_refine.ls_shift_over_esd_max                    ? 
_refine.ls_shift_over_esd_mean                   ? 
_refine.ls_structure_factor_coef                 ? 
_refine.ls_weighting_details                     ? 
_refine.ls_weighting_scheme                      ? 
_refine.ls_wR_factor_all                         ? 
_refine.ls_wR_factor_obs                         ? 
_refine.ls_wR_factor_R_free                      ? 
_refine.ls_wR_factor_R_work                      ? 
_refine.occupancy_max                            ? 
_refine.occupancy_min                            ? 
_refine.solvent_model_details                    MASK 
_refine.solvent_model_param_bsol                 ? 
_refine.solvent_model_param_ksol                 ? 
_refine.pdbx_R_complete                          ? 
_refine.ls_R_factor_gt                           ? 
_refine.ls_goodness_of_fit_gt                    ? 
_refine.ls_goodness_of_fit_ref                   ? 
_refine.ls_shift_over_su_max                     ? 
_refine.ls_shift_over_su_max_lt                  ? 
_refine.ls_shift_over_su_mean                    ? 
_refine.ls_shift_over_su_mean_lt                 ? 
_refine.pdbx_ls_sigma_I                          ? 
_refine.pdbx_ls_sigma_F                          0.000 
_refine.pdbx_ls_sigma_Fsqd                       ? 
_refine.pdbx_data_cutoff_high_absF               ? 
_refine.pdbx_data_cutoff_high_rms_absF           ? 
_refine.pdbx_data_cutoff_low_absF                ? 
_refine.pdbx_isotropic_thermal_model             ? 
_refine.pdbx_ls_cross_valid_method               THROUGHOUT 
_refine.pdbx_method_to_determine_struct          'MOLECULAR REPLACEMENT' 
_refine.pdbx_starting_model                      7A2E 
_refine.pdbx_stereochemistry_target_values       'MAXIMUM LIKELIHOOD' 
_refine.pdbx_R_Free_selection_details            RANDOM 
_refine.pdbx_stereochem_target_val_spec_case     ? 
_refine.pdbx_overall_ESU_R                       0.0270 
_refine.pdbx_overall_ESU_R_Free                  0.0300 
_refine.pdbx_solvent_vdw_probe_radii             1.2000 
_refine.pdbx_solvent_ion_probe_radii             0.8000 
_refine.pdbx_solvent_shrinkage_radii             0.8000 
_refine.pdbx_real_space_R                        ? 
_refine.pdbx_density_correlation                 ? 
_refine.pdbx_pd_number_of_powder_patterns        ? 
_refine.pdbx_pd_number_of_points                 ? 
_refine.pdbx_pd_meas_number_of_points            ? 
_refine.pdbx_pd_proc_ls_prof_R_factor            ? 
_refine.pdbx_pd_proc_ls_prof_wR_factor           ? 
_refine.pdbx_pd_Marquardt_correlation_coeff      ? 
_refine.pdbx_pd_Fsqrd_R_factor                   ? 
_refine.pdbx_pd_ls_matrix_band_width             ? 
_refine.pdbx_overall_phase_error                 ? 
_refine.pdbx_overall_SU_R_free_Cruickshank_DPI   ? 
_refine.pdbx_overall_SU_R_free_Blow_DPI          ? 
_refine.pdbx_overall_SU_R_Blow_DPI               ? 
_refine.pdbx_TLS_residual_ADP_flag               ? 
_refine.pdbx_diffrn_id                           1 
_refine.overall_SU_B                             0.7890 
_refine.overall_SU_ML                            0.0180 
_refine.overall_SU_R_Cruickshank_DPI             ? 
_refine.overall_SU_R_free                        ? 
_refine.overall_FOM_free_R_set                   ? 
_refine.overall_FOM_work_R_set                   ? 
_refine.pdbx_average_fsc_overall                 ? 
_refine.pdbx_average_fsc_work                    ? 
_refine.pdbx_average_fsc_free                    ? 
# 
_refine_hist.pdbx_refine_id                   'X-RAY DIFFRACTION' 
_refine_hist.cycle_id                         final 
_refine_hist.details                          ? 
_refine_hist.d_res_high                       1.0100 
_refine_hist.d_res_low                        59.2700 
_refine_hist.number_atoms_solvent             98 
_refine_hist.number_atoms_total               610 
_refine_hist.number_reflns_all                ? 
_refine_hist.number_reflns_obs                ? 
_refine_hist.number_reflns_R_free             ? 
_refine_hist.number_reflns_R_work             ? 
_refine_hist.R_factor_all                     ? 
_refine_hist.R_factor_obs                     ? 
_refine_hist.R_factor_R_free                  ? 
_refine_hist.R_factor_R_work                  ? 
_refine_hist.pdbx_number_residues_total       64 
_refine_hist.pdbx_B_iso_mean_ligand           ? 
_refine_hist.pdbx_B_iso_mean_solvent          23.82 
_refine_hist.pdbx_number_atoms_protein        512 
_refine_hist.pdbx_number_atoms_nucleic_acid   0 
_refine_hist.pdbx_number_atoms_ligand         0 
_refine_hist.pdbx_number_atoms_lipid          ? 
_refine_hist.pdbx_number_atoms_carb           ? 
_refine_hist.pdbx_pseudo_atom_details         ? 
# 
loop_
_refine_ls_restr.pdbx_refine_id 
_refine_ls_restr.criterion 
_refine_ls_restr.dev_ideal 
_refine_ls_restr.dev_ideal_target 
_refine_ls_restr.number 
_refine_ls_restr.rejects 
_refine_ls_restr.type 
_refine_ls_restr.weight 
_refine_ls_restr.pdbx_restraint_function 
'X-RAY DIFFRACTION' ? 0.031  0.019  536  ? r_bond_refined_d       ? ? 
'X-RAY DIFFRACTION' ? 0.002  0.020  563  ? r_bond_other_d         ? ? 
'X-RAY DIFFRACTION' ? 2.516  1.997  729  ? r_angle_refined_deg    ? ? 
'X-RAY DIFFRACTION' ? 1.348  3.000  1297 ? r_angle_other_deg      ? ? 
'X-RAY DIFFRACTION' ? 6.680  5.000  67   ? r_dihedral_angle_1_deg ? ? 
'X-RAY DIFFRACTION' ? 28.969 24.091 22   ? r_dihedral_angle_2_deg ? ? 
'X-RAY DIFFRACTION' ? 10.507 15.000 107  ? r_dihedral_angle_3_deg ? ? 
'X-RAY DIFFRACTION' ? 19.654 15.000 5    ? r_dihedral_angle_4_deg ? ? 
'X-RAY DIFFRACTION' ? 0.140  0.200  88   ? r_chiral_restr         ? ? 
'X-RAY DIFFRACTION' ? 0.014  0.021  584  ? r_gen_planes_refined   ? ? 
'X-RAY DIFFRACTION' ? 0.006  0.020  105  ? r_gen_planes_other     ? ? 
'X-RAY DIFFRACTION' ? 6.574  3.000  1099 ? r_rigid_bond_restr     ? ? 
'X-RAY DIFFRACTION' ? 27.006 5.000  16   ? r_sphericity_free      ? ? 
'X-RAY DIFFRACTION' ? 9.989  5.000  1172 ? r_sphericity_bonded    ? ? 
# 
_refine_ls_shell.pdbx_refine_id                   'X-RAY DIFFRACTION' 
_refine_ls_shell.d_res_high                       1.01 
_refine_ls_shell.d_res_low                        1.0320 
_refine_ls_shell.number_reflns_all                ? 
_refine_ls_shell.number_reflns_obs                ? 
_refine_ls_shell.number_reflns_R_free             15 
_refine_ls_shell.number_reflns_R_work             230 
_refine_ls_shell.percent_reflns_obs               8.7700 
_refine_ls_shell.percent_reflns_R_free            ? 
_refine_ls_shell.R_factor_all                     ? 
_refine_ls_shell.R_factor_obs                     ? 
_refine_ls_shell.R_factor_R_free                  0.3450 
_refine_ls_shell.R_factor_R_free_error            0.0000 
_refine_ls_shell.R_factor_R_work                  0.3480 
_refine_ls_shell.redundancy_reflns_all            ? 
_refine_ls_shell.redundancy_reflns_obs            ? 
_refine_ls_shell.wR_factor_all                    ? 
_refine_ls_shell.wR_factor_obs                    ? 
_refine_ls_shell.wR_factor_R_free                 ? 
_refine_ls_shell.wR_factor_R_work                 ? 
_refine_ls_shell.pdbx_R_complete                  ? 
_refine_ls_shell.pdbx_total_number_of_bins_used   ? 
_refine_ls_shell.pdbx_phase_error                 ? 
_refine_ls_shell.pdbx_fsc_work                    ? 
_refine_ls_shell.pdbx_fsc_free                    ? 
# 
_struct.entry_id                     7A3M 
_struct.title                        'Synergistic stabilization of a double mutant in CI2 from an in-cell library screen' 
_struct.pdbx_model_details           ? 
_struct.pdbx_formula_weight          ? 
_struct.pdbx_formula_weight_method   ? 
_struct.pdbx_model_type_details      ? 
_struct.pdbx_CASP_flag               N 
# 
_struct_keywords.entry_id        7A3M 
_struct_keywords.text            'Chymotrypsin inhibitor CI-2, mutant, PROTEIN BINDING' 
_struct_keywords.pdbx_keywords   'PROTEIN BINDING' 
# 
loop_
_struct_asym.id 
_struct_asym.pdbx_blank_PDB_chainid_flag 
_struct_asym.pdbx_modified 
_struct_asym.entity_id 
_struct_asym.details 
A N N 1 ? 
B N N 2 ? 
# 
_struct_ref.id                         1 
_struct_ref.db_name                    UNP 
_struct_ref.db_code                    ICI2_HORVU 
_struct_ref.pdbx_db_accession          P01053 
_struct_ref.pdbx_db_isoform            ? 
_struct_ref.entity_id                  1 
_struct_ref.pdbx_seq_one_letter_code   KTEWPELVGKSVEEAKKVILQDKPEAQIIVLPVGTIVTMEYRIDRVRLFVDKLDNIAQVPRVG 
_struct_ref.pdbx_align_begin           22 
# 
_struct_ref_seq.align_id                      1 
_struct_ref_seq.ref_id                        1 
_struct_ref_seq.pdbx_PDB_id_code              7A3M 
_struct_ref_seq.pdbx_strand_id                A 
_struct_ref_seq.seq_align_beg                 2 
_struct_ref_seq.pdbx_seq_align_beg_ins_code   ? 
_struct_ref_seq.seq_align_end                 64 
_struct_ref_seq.pdbx_seq_align_end_ins_code   ? 
_struct_ref_seq.pdbx_db_accession             P01053 
_struct_ref_seq.db_align_beg                  22 
_struct_ref_seq.pdbx_db_align_beg_ins_code    ? 
_struct_ref_seq.db_align_end                  84 
_struct_ref_seq.pdbx_db_align_end_ins_code    ? 
_struct_ref_seq.pdbx_auth_seq_align_beg       2 
_struct_ref_seq.pdbx_auth_seq_align_end       64 
# 
loop_
_struct_ref_seq_dif.align_id 
_struct_ref_seq_dif.pdbx_pdb_id_code 
_struct_ref_seq_dif.mon_id 
_struct_ref_seq_dif.pdbx_pdb_strand_id 
_struct_ref_seq_dif.seq_num 
_struct_ref_seq_dif.pdbx_pdb_ins_code 
_struct_ref_seq_dif.pdbx_seq_db_name 
_struct_ref_seq_dif.pdbx_seq_db_accession_code 
_struct_ref_seq_dif.db_mon_id 
_struct_ref_seq_dif.pdbx_seq_db_seq_num 
_struct_ref_seq_dif.details 
_struct_ref_seq_dif.pdbx_auth_seq_num 
_struct_ref_seq_dif.pdbx_ordinal 
1 7A3M MET A 1  ? UNP P01053 ?   ?  'initiating methionine' 1  1 
1 7A3M VAL A 57 ? UNP P01053 ILE 77 conflict                57 2 
# 
_pdbx_struct_assembly.id                   1 
_pdbx_struct_assembly.details              author_and_software_defined_assembly 
_pdbx_struct_assembly.method_details       PISA 
_pdbx_struct_assembly.oligomeric_details   monomeric 
_pdbx_struct_assembly.oligomeric_count     1 
# 
loop_
_pdbx_struct_assembly_prop.biol_id 
_pdbx_struct_assembly_prop.type 
_pdbx_struct_assembly_prop.value 
_pdbx_struct_assembly_prop.details 
1 'ABSA (A^2)' 0    ? 
1 MORE         0    ? 
1 'SSA (A^2)'  4370 ? 
# 
_pdbx_struct_assembly_gen.assembly_id       1 
_pdbx_struct_assembly_gen.oper_expression   1 
_pdbx_struct_assembly_gen.asym_id_list      A,B 
# 
_pdbx_struct_assembly_auth_evidence.id                     1 
_pdbx_struct_assembly_auth_evidence.assembly_id            1 
_pdbx_struct_assembly_auth_evidence.experimental_support   'gel filtration' 
_pdbx_struct_assembly_auth_evidence.details                ? 
# 
_pdbx_struct_oper_list.id                   1 
_pdbx_struct_oper_list.type                 'identity operation' 
_pdbx_struct_oper_list.name                 1_555 
_pdbx_struct_oper_list.symmetry_operation   x,y,z 
_pdbx_struct_oper_list.matrix[1][1]         1.0000000000 
_pdbx_struct_oper_list.matrix[1][2]         0.0000000000 
_pdbx_struct_oper_list.matrix[1][3]         0.0000000000 
_pdbx_struct_oper_list.vector[1]            0.0000000000 
_pdbx_struct_oper_list.matrix[2][1]         0.0000000000 
_pdbx_struct_oper_list.matrix[2][2]         1.0000000000 
_pdbx_struct_oper_list.matrix[2][3]         0.0000000000 
_pdbx_struct_oper_list.vector[2]            0.0000000000 
_pdbx_struct_oper_list.matrix[3][1]         0.0000000000 
_pdbx_struct_oper_list.matrix[3][2]         0.0000000000 
_pdbx_struct_oper_list.matrix[3][3]         1.0000000000 
_pdbx_struct_oper_list.vector[3]            0.0000000000 
# 
loop_
_struct_conf.conf_type_id 
_struct_conf.id 
_struct_conf.pdbx_PDB_helix_id 
_struct_conf.beg_label_comp_id 
_struct_conf.beg_label_asym_id 
_struct_conf.beg_label_seq_id 
_struct_conf.pdbx_beg_PDB_ins_code 
_struct_conf.end_label_comp_id 
_struct_conf.end_label_asym_id 
_struct_conf.end_label_seq_id 
_struct_conf.pdbx_end_PDB_ins_code 
_struct_conf.beg_auth_comp_id 
_struct_conf.beg_auth_asym_id 
_struct_conf.beg_auth_seq_id 
_struct_conf.end_auth_comp_id 
_struct_conf.end_auth_asym_id 
_struct_conf.end_auth_seq_id 
_struct_conf.pdbx_PDB_helix_class 
_struct_conf.details 
_struct_conf.pdbx_PDB_helix_length 
HELX_P HELX_P1 AA1 TRP A 5  ? VAL A 9  ? TRP A 5  VAL A 9  5 ? 5  
HELX_P HELX_P2 AA2 SER A 12 ? LYS A 24 ? SER A 12 LYS A 24 1 ? 13 
# 
_struct_conf_type.id          HELX_P 
_struct_conf_type.criteria    ? 
_struct_conf_type.reference   ? 
# 
_struct_sheet.id               AA1 
_struct_sheet.type             ? 
_struct_sheet.number_strands   2 
_struct_sheet.details          ? 
# 
_struct_sheet_order.sheet_id     AA1 
_struct_sheet_order.range_id_1   1 
_struct_sheet_order.range_id_2   2 
_struct_sheet_order.offset       ? 
_struct_sheet_order.sense        parallel 
# 
loop_
_struct_sheet_range.sheet_id 
_struct_sheet_range.id 
_struct_sheet_range.beg_label_comp_id 
_struct_sheet_range.beg_label_asym_id 
_struct_sheet_range.beg_label_seq_id 
_struct_sheet_range.pdbx_beg_PDB_ins_code 
_struct_sheet_range.end_label_comp_id 
_struct_sheet_range.end_label_asym_id 
_struct_sheet_range.end_label_seq_id 
_struct_sheet_range.pdbx_end_PDB_ins_code 
_struct_sheet_range.beg_auth_comp_id 
_struct_sheet_range.beg_auth_asym_id 
_struct_sheet_range.beg_auth_seq_id 
_struct_sheet_range.end_auth_comp_id 
_struct_sheet_range.end_auth_asym_id 
_struct_sheet_range.end_auth_seq_id 
AA1 1 GLN A 28 ? PRO A 33 ? GLN A 28 PRO A 33 
AA1 2 ARG A 46 ? VAL A 51 ? ARG A 46 VAL A 51 
# 
_pdbx_struct_sheet_hbond.sheet_id                AA1 
_pdbx_struct_sheet_hbond.range_id_1              1 
_pdbx_struct_sheet_hbond.range_id_2              2 
_pdbx_struct_sheet_hbond.range_1_label_atom_id   N 
_pdbx_struct_sheet_hbond.range_1_label_comp_id   ILE 
_pdbx_struct_sheet_hbond.range_1_label_asym_id   A 
_pdbx_struct_sheet_hbond.range_1_label_seq_id    30 
_pdbx_struct_sheet_hbond.range_1_PDB_ins_code    ? 
_pdbx_struct_sheet_hbond.range_1_auth_atom_id    N 
_pdbx_struct_sheet_hbond.range_1_auth_comp_id    ILE 
_pdbx_struct_sheet_hbond.range_1_auth_asym_id    A 
_pdbx_struct_sheet_hbond.range_1_auth_seq_id     30 
_pdbx_struct_sheet_hbond.range_2_label_atom_id   O 
_pdbx_struct_sheet_hbond.range_2_label_comp_id   LEU 
_pdbx_struct_sheet_hbond.range_2_label_asym_id   A 
_pdbx_struct_sheet_hbond.range_2_label_seq_id    49 
_pdbx_struct_sheet_hbond.range_2_PDB_ins_code    ? 
_pdbx_struct_sheet_hbond.range_2_auth_atom_id    O 
_pdbx_struct_sheet_hbond.range_2_auth_comp_id    LEU 
_pdbx_struct_sheet_hbond.range_2_auth_asym_id    A 
_pdbx_struct_sheet_hbond.range_2_auth_seq_id     49 
# 
_pdbx_validate_symm_contact.id                1 
_pdbx_validate_symm_contact.PDB_model_num     1 
_pdbx_validate_symm_contact.auth_atom_id_1    O 
_pdbx_validate_symm_contact.auth_asym_id_1    A 
_pdbx_validate_symm_contact.auth_comp_id_1    HOH 
_pdbx_validate_symm_contact.auth_seq_id_1     113 
_pdbx_validate_symm_contact.PDB_ins_code_1    ? 
_pdbx_validate_symm_contact.label_alt_id_1    ? 
_pdbx_validate_symm_contact.site_symmetry_1   1_555 
_pdbx_validate_symm_contact.auth_atom_id_2    O 
_pdbx_validate_symm_contact.auth_asym_id_2    A 
_pdbx_validate_symm_contact.auth_comp_id_2    HOH 
_pdbx_validate_symm_contact.auth_seq_id_2     113 
_pdbx_validate_symm_contact.PDB_ins_code_2    ? 
_pdbx_validate_symm_contact.label_alt_id_2    ? 
_pdbx_validate_symm_contact.site_symmetry_2   11_4510 
_pdbx_validate_symm_contact.dist              1.47 
# 
loop_
_pdbx_validate_rmsd_bond.id 
_pdbx_validate_rmsd_bond.PDB_model_num 
_pdbx_validate_rmsd_bond.auth_atom_id_1 
_pdbx_validate_rmsd_bond.auth_asym_id_1 
_pdbx_validate_rmsd_bond.auth_comp_id_1 
_pdbx_validate_rmsd_bond.auth_seq_id_1 
_pdbx_validate_rmsd_bond.PDB_ins_code_1 
_pdbx_validate_rmsd_bond.label_alt_id_1 
_pdbx_validate_rmsd_bond.auth_atom_id_2 
_pdbx_validate_rmsd_bond.auth_asym_id_2 
_pdbx_validate_rmsd_bond.auth_comp_id_2 
_pdbx_validate_rmsd_bond.auth_seq_id_2 
_pdbx_validate_rmsd_bond.PDB_ins_code_2 
_pdbx_validate_rmsd_bond.label_alt_id_2 
_pdbx_validate_rmsd_bond.bond_value 
_pdbx_validate_rmsd_bond.bond_target_value 
_pdbx_validate_rmsd_bond.bond_deviation 
_pdbx_validate_rmsd_bond.bond_standard_deviation 
_pdbx_validate_rmsd_bond.linker_flag 
1 1 CD A GLU 14 ? ? OE1 A GLU 14 ? ? 1.069 1.252 -0.183 0.011 N 
2 1 CD A GLU 15 ? ? OE2 A GLU 15 ? ? 1.333 1.252 0.081  0.011 N 
# 
loop_
_pdbx_validate_rmsd_angle.id 
_pdbx_validate_rmsd_angle.PDB_model_num 
_pdbx_validate_rmsd_angle.auth_atom_id_1 
_pdbx_validate_rmsd_angle.auth_asym_id_1 
_pdbx_validate_rmsd_angle.auth_comp_id_1 
_pdbx_validate_rmsd_angle.auth_seq_id_1 
_pdbx_validate_rmsd_angle.PDB_ins_code_1 
_pdbx_validate_rmsd_angle.label_alt_id_1 
_pdbx_validate_rmsd_angle.auth_atom_id_2 
_pdbx_validate_rmsd_angle.auth_asym_id_2 
_pdbx_validate_rmsd_angle.auth_comp_id_2 
_pdbx_validate_rmsd_angle.auth_seq_id_2 
_pdbx_validate_rmsd_angle.PDB_ins_code_2 
_pdbx_validate_rmsd_angle.label_alt_id_2 
_pdbx_validate_rmsd_angle.auth_atom_id_3 
_pdbx_validate_rmsd_angle.auth_asym_id_3 
_pdbx_validate_rmsd_angle.auth_comp_id_3 
_pdbx_validate_rmsd_angle.auth_seq_id_3 
_pdbx_validate_rmsd_angle.PDB_ins_code_3 
_pdbx_validate_rmsd_angle.label_alt_id_3 
_pdbx_validate_rmsd_angle.angle_value 
_pdbx_validate_rmsd_angle.angle_target_value 
_pdbx_validate_rmsd_angle.angle_deviation 
_pdbx_validate_rmsd_angle.angle_standard_deviation 
_pdbx_validate_rmsd_angle.linker_flag 
1 1 CB A ILE 30 ? ? CG1 A ILE 30 ? ? CD1 A ILE 30 ? ? 131.87 113.90 17.97 2.80 N 
2 1 NE A ARG 43 ? ? CZ  A ARG 43 ? ? NH2 A ARG 43 ? ? 115.96 120.30 -4.34 0.50 N 
3 1 NE A ARG 48 ? A CZ  A ARG 48 ? A NH2 A ARG 48 ? A 115.99 120.30 -4.31 0.50 N 
# 
_pdbx_validate_torsion.id              1 
_pdbx_validate_torsion.PDB_model_num   1 
_pdbx_validate_torsion.auth_comp_id    LYS 
_pdbx_validate_torsion.auth_asym_id    A 
_pdbx_validate_torsion.auth_seq_id     24 
_pdbx_validate_torsion.PDB_ins_code    ? 
_pdbx_validate_torsion.label_alt_id    ? 
_pdbx_validate_torsion.phi             -150.21 
_pdbx_validate_torsion.psi             79.45 
# 
_phasing.method   MR 
# 
loop_
_pdbx_distant_solvent_atoms.id 
_pdbx_distant_solvent_atoms.PDB_model_num 
_pdbx_distant_solvent_atoms.auth_atom_id 
_pdbx_distant_solvent_atoms.label_alt_id 
_pdbx_distant_solvent_atoms.auth_asym_id 
_pdbx_distant_solvent_atoms.auth_comp_id 
_pdbx_distant_solvent_atoms.auth_seq_id 
_pdbx_distant_solvent_atoms.PDB_ins_code 
_pdbx_distant_solvent_atoms.neighbor_macromolecule_distance 
_pdbx_distant_solvent_atoms.neighbor_ligand_distance 
1 1 O ? A HOH 197 ? 5.85 . 
2 1 O ? A HOH 198 ? 5.94 . 
# 
loop_
_chem_comp_atom.comp_id 
_chem_comp_atom.atom_id 
_chem_comp_atom.type_symbol 
_chem_comp_atom.pdbx_aromatic_flag 
_chem_comp_atom.pdbx_stereo_config 
_chem_comp_atom.pdbx_ordinal 
ALA N    N N N 1   
ALA CA   C N S 2   
ALA C    C N N 3   
ALA O    O N N 4   
ALA CB   C N N 5   
ALA OXT  O N N 6   
ALA H    H N N 7   
ALA H2   H N N 8   
ALA HA   H N N 9   
ALA HB1  H N N 10  
ALA HB2  H N N 11  
ALA HB3  H N N 12  
ALA HXT  H N N 13  
ARG N    N N N 14  
ARG CA   C N S 15  
ARG C    C N N 16  
ARG O    O N N 17  
ARG CB   C N N 18  
ARG CG   C N N 19  
ARG CD   C N N 20  
ARG NE   N N N 21  
ARG CZ   C N N 22  
ARG NH1  N N N 23  
ARG NH2  N N N 24  
ARG OXT  O N N 25  
ARG H    H N N 26  
ARG H2   H N N 27  
ARG HA   H N N 28  
ARG HB2  H N N 29  
ARG HB3  H N N 30  
ARG HG2  H N N 31  
ARG HG3  H N N 32  
ARG HD2  H N N 33  
ARG HD3  H N N 34  
ARG HE   H N N 35  
ARG HH11 H N N 36  
ARG HH12 H N N 37  
ARG HH21 H N N 38  
ARG HH22 H N N 39  
ARG HXT  H N N 40  
ASN N    N N N 41  
ASN CA   C N S 42  
ASN C    C N N 43  
ASN O    O N N 44  
ASN CB   C N N 45  
ASN CG   C N N 46  
ASN OD1  O N N 47  
ASN ND2  N N N 48  
ASN OXT  O N N 49  
ASN H    H N N 50  
ASN H2   H N N 51  
ASN HA   H N N 52  
ASN HB2  H N N 53  
ASN HB3  H N N 54  
ASN HD21 H N N 55  
ASN HD22 H N N 56  
ASN HXT  H N N 57  
ASP N    N N N 58  
ASP CA   C N S 59  
ASP C    C N N 60  
ASP O    O N N 61  
ASP CB   C N N 62  
ASP CG   C N N 63  
ASP OD1  O N N 64  
ASP OD2  O N N 65  
ASP OXT  O N N 66  
ASP H    H N N 67  
ASP H2   H N N 68  
ASP HA   H N N 69  
ASP HB2  H N N 70  
ASP HB3  H N N 71  
ASP HD2  H N N 72  
ASP HXT  H N N 73  
GLN N    N N N 74  
GLN CA   C N S 75  
GLN C    C N N 76  
GLN O    O N N 77  
GLN CB   C N N 78  
GLN CG   C N N 79  
GLN CD   C N N 80  
GLN OE1  O N N 81  
GLN NE2  N N N 82  
GLN OXT  O N N 83  
GLN H    H N N 84  
GLN H2   H N N 85  
GLN HA   H N N 86  
GLN HB2  H N N 87  
GLN HB3  H N N 88  
GLN HG2  H N N 89  
GLN HG3  H N N 90  
GLN HE21 H N N 91  
GLN HE22 H N N 92  
GLN HXT  H N N 93  
GLU N    N N N 94  
GLU CA   C N S 95  
GLU C    C N N 96  
GLU O    O N N 97  
GLU CB   C N N 98  
GLU CG   C N N 99  
GLU CD   C N N 100 
GLU OE1  O N N 101 
GLU OE2  O N N 102 
GLU OXT  O N N 103 
GLU H    H N N 104 
GLU H2   H N N 105 
GLU HA   H N N 106 
GLU HB2  H N N 107 
GLU HB3  H N N 108 
GLU HG2  H N N 109 
GLU HG3  H N N 110 
GLU HE2  H N N 111 
GLU HXT  H N N 112 
GLY N    N N N 113 
GLY CA   C N N 114 
GLY C    C N N 115 
GLY O    O N N 116 
GLY OXT  O N N 117 
GLY H    H N N 118 
GLY H2   H N N 119 
GLY HA2  H N N 120 
GLY HA3  H N N 121 
GLY HXT  H N N 122 
HOH O    O N N 123 
HOH H1   H N N 124 
HOH H2   H N N 125 
ILE N    N N N 126 
ILE CA   C N S 127 
ILE C    C N N 128 
ILE O    O N N 129 
ILE CB   C N S 130 
ILE CG1  C N N 131 
ILE CG2  C N N 132 
ILE CD1  C N N 133 
ILE OXT  O N N 134 
ILE H    H N N 135 
ILE H2   H N N 136 
ILE HA   H N N 137 
ILE HB   H N N 138 
ILE HG12 H N N 139 
ILE HG13 H N N 140 
ILE HG21 H N N 141 
ILE HG22 H N N 142 
ILE HG23 H N N 143 
ILE HD11 H N N 144 
ILE HD12 H N N 145 
ILE HD13 H N N 146 
ILE HXT  H N N 147 
LEU N    N N N 148 
LEU CA   C N S 149 
LEU C    C N N 150 
LEU O    O N N 151 
LEU CB   C N N 152 
LEU CG   C N N 153 
LEU CD1  C N N 154 
LEU CD2  C N N 155 
LEU OXT  O N N 156 
LEU H    H N N 157 
LEU H2   H N N 158 
LEU HA   H N N 159 
LEU HB2  H N N 160 
LEU HB3  H N N 161 
LEU HG   H N N 162 
LEU HD11 H N N 163 
LEU HD12 H N N 164 
LEU HD13 H N N 165 
LEU HD21 H N N 166 
LEU HD22 H N N 167 
LEU HD23 H N N 168 
LEU HXT  H N N 169 
LYS N    N N N 170 
LYS CA   C N S 171 
LYS C    C N N 172 
LYS O    O N N 173 
LYS CB   C N N 174 
LYS CG   C N N 175 
LYS CD   C N N 176 
LYS CE   C N N 177 
LYS NZ   N N N 178 
LYS OXT  O N N 179 
LYS H    H N N 180 
LYS H2   H N N 181 
LYS HA   H N N 182 
LYS HB2  H N N 183 
LYS HB3  H N N 184 
LYS HG2  H N N 185 
LYS HG3  H N N 186 
LYS HD2  H N N 187 
LYS HD3  H N N 188 
LYS HE2  H N N 189 
LYS HE3  H N N 190 
LYS HZ1  H N N 191 
LYS HZ2  H N N 192 
LYS HZ3  H N N 193 
LYS HXT  H N N 194 
MET N    N N N 195 
MET CA   C N S 196 
MET C    C N N 197 
MET O    O N N 198 
MET CB   C N N 199 
MET CG   C N N 200 
MET SD   S N N 201 
MET CE   C N N 202 
MET OXT  O N N 203 
MET H    H N N 204 
MET H2   H N N 205 
MET HA   H N N 206 
MET HB2  H N N 207 
MET HB3  H N N 208 
MET HG2  H N N 209 
MET HG3  H N N 210 
MET HE1  H N N 211 
MET HE2  H N N 212 
MET HE3  H N N 213 
MET HXT  H N N 214 
PHE N    N N N 215 
PHE CA   C N S 216 
PHE C    C N N 217 
PHE O    O N N 218 
PHE CB   C N N 219 
PHE CG   C Y N 220 
PHE CD1  C Y N 221 
PHE CD2  C Y N 222 
PHE CE1  C Y N 223 
PHE CE2  C Y N 224 
PHE CZ   C Y N 225 
PHE OXT  O N N 226 
PHE H    H N N 227 
PHE H2   H N N 228 
PHE HA   H N N 229 
PHE HB2  H N N 230 
PHE HB3  H N N 231 
PHE HD1  H N N 232 
PHE HD2  H N N 233 
PHE HE1  H N N 234 
PHE HE2  H N N 235 
PHE HZ   H N N 236 
PHE HXT  H N N 237 
PRO N    N N N 238 
PRO CA   C N S 239 
PRO C    C N N 240 
PRO O    O N N 241 
PRO CB   C N N 242 
PRO CG   C N N 243 
PRO CD   C N N 244 
PRO OXT  O N N 245 
PRO H    H N N 246 
PRO HA   H N N 247 
PRO HB2  H N N 248 
PRO HB3  H N N 249 
PRO HG2  H N N 250 
PRO HG3  H N N 251 
PRO HD2  H N N 252 
PRO HD3  H N N 253 
PRO HXT  H N N 254 
SER N    N N N 255 
SER CA   C N S 256 
SER C    C N N 257 
SER O    O N N 258 
SER CB   C N N 259 
SER OG   O N N 260 
SER OXT  O N N 261 
SER H    H N N 262 
SER H2   H N N 263 
SER HA   H N N 264 
SER HB2  H N N 265 
SER HB3  H N N 266 
SER HG   H N N 267 
SER HXT  H N N 268 
THR N    N N N 269 
THR CA   C N S 270 
THR C    C N N 271 
THR O    O N N 272 
THR CB   C N R 273 
THR OG1  O N N 274 
THR CG2  C N N 275 
THR OXT  O N N 276 
THR H    H N N 277 
THR H2   H N N 278 
THR HA   H N N 279 
THR HB   H N N 280 
THR HG1  H N N 281 
THR HG21 H N N 282 
THR HG22 H N N 283 
THR HG23 H N N 284 
THR HXT  H N N 285 
TRP N    N N N 286 
TRP CA   C N S 287 
TRP C    C N N 288 
TRP O    O N N 289 
TRP CB   C N N 290 
TRP CG   C Y N 291 
TRP CD1  C Y N 292 
TRP CD2  C Y N 293 
TRP NE1  N Y N 294 
TRP CE2  C Y N 295 
TRP CE3  C Y N 296 
TRP CZ2  C Y N 297 
TRP CZ3  C Y N 298 
TRP CH2  C Y N 299 
TRP OXT  O N N 300 
TRP H    H N N 301 
TRP H2   H N N 302 
TRP HA   H N N 303 
TRP HB2  H N N 304 
TRP HB3  H N N 305 
TRP HD1  H N N 306 
TRP HE1  H N N 307 
TRP HE3  H N N 308 
TRP HZ2  H N N 309 
TRP HZ3  H N N 310 
TRP HH2  H N N 311 
TRP HXT  H N N 312 
TYR N    N N N 313 
TYR CA   C N S 314 
TYR C    C N N 315 
TYR O    O N N 316 
TYR CB   C N N 317 
TYR CG   C Y N 318 
TYR CD1  C Y N 319 
TYR CD2  C Y N 320 
TYR CE1  C Y N 321 
TYR CE2  C Y N 322 
TYR CZ   C Y N 323 
TYR OH   O N N 324 
TYR OXT  O N N 325 
TYR H    H N N 326 
TYR H2   H N N 327 
TYR HA   H N N 328 
TYR HB2  H N N 329 
TYR HB3  H N N 330 
TYR HD1  H N N 331 
TYR HD2  H N N 332 
TYR HE1  H N N 333 
TYR HE2  H N N 334 
TYR HH   H N N 335 
TYR HXT  H N N 336 
VAL N    N N N 337 
VAL CA   C N S 338 
VAL C    C N N 339 
VAL O    O N N 340 
VAL CB   C N N 341 
VAL CG1  C N N 342 
VAL CG2  C N N 343 
VAL OXT  O N N 344 
VAL H    H N N 345 
VAL H2   H N N 346 
VAL HA   H N N 347 
VAL HB   H N N 348 
VAL HG11 H N N 349 
VAL HG12 H N N 350 
VAL HG13 H N N 351 
VAL HG21 H N N 352 
VAL HG22 H N N 353 
VAL HG23 H N N 354 
VAL HXT  H N N 355 
# 
loop_
_chem_comp_bond.comp_id 
_chem_comp_bond.atom_id_1 
_chem_comp_bond.atom_id_2 
_chem_comp_bond.value_order 
_chem_comp_bond.pdbx_aromatic_flag 
_chem_comp_bond.pdbx_stereo_config 
_chem_comp_bond.pdbx_ordinal 
ALA N   CA   sing N N 1   
ALA N   H    sing N N 2   
ALA N   H2   sing N N 3   
ALA CA  C    sing N N 4   
ALA CA  CB   sing N N 5   
ALA CA  HA   sing N N 6   
ALA C   O    doub N N 7   
ALA C   OXT  sing N N 8   
ALA CB  HB1  sing N N 9   
ALA CB  HB2  sing N N 10  
ALA CB  HB3  sing N N 11  
ALA OXT HXT  sing N N 12  
ARG N   CA   sing N N 13  
ARG N   H    sing N N 14  
ARG N   H2   sing N N 15  
ARG CA  C    sing N N 16  
ARG CA  CB   sing N N 17  
ARG CA  HA   sing N N 18  
ARG C   O    doub N N 19  
ARG C   OXT  sing N N 20  
ARG CB  CG   sing N N 21  
ARG CB  HB2  sing N N 22  
ARG CB  HB3  sing N N 23  
ARG CG  CD   sing N N 24  
ARG CG  HG2  sing N N 25  
ARG CG  HG3  sing N N 26  
ARG CD  NE   sing N N 27  
ARG CD  HD2  sing N N 28  
ARG CD  HD3  sing N N 29  
ARG NE  CZ   sing N N 30  
ARG NE  HE   sing N N 31  
ARG CZ  NH1  sing N N 32  
ARG CZ  NH2  doub N N 33  
ARG NH1 HH11 sing N N 34  
ARG NH1 HH12 sing N N 35  
ARG NH2 HH21 sing N N 36  
ARG NH2 HH22 sing N N 37  
ARG OXT HXT  sing N N 38  
ASN N   CA   sing N N 39  
ASN N   H    sing N N 40  
ASN N   H2   sing N N 41  
ASN CA  C    sing N N 42  
ASN CA  CB   sing N N 43  
ASN CA  HA   sing N N 44  
ASN C   O    doub N N 45  
ASN C   OXT  sing N N 46  
ASN CB  CG   sing N N 47  
ASN CB  HB2  sing N N 48  
ASN CB  HB3  sing N N 49  
ASN CG  OD1  doub N N 50  
ASN CG  ND2  sing N N 51  
ASN ND2 HD21 sing N N 52  
ASN ND2 HD22 sing N N 53  
ASN OXT HXT  sing N N 54  
ASP N   CA   sing N N 55  
ASP N   H    sing N N 56  
ASP N   H2   sing N N 57  
ASP CA  C    sing N N 58  
ASP CA  CB   sing N N 59  
ASP CA  HA   sing N N 60  
ASP C   O    doub N N 61  
ASP C   OXT  sing N N 62  
ASP CB  CG   sing N N 63  
ASP CB  HB2  sing N N 64  
ASP CB  HB3  sing N N 65  
ASP CG  OD1  doub N N 66  
ASP CG  OD2  sing N N 67  
ASP OD2 HD2  sing N N 68  
ASP OXT HXT  sing N N 69  
GLN N   CA   sing N N 70  
GLN N   H    sing N N 71  
GLN N   H2   sing N N 72  
GLN CA  C    sing N N 73  
GLN CA  CB   sing N N 74  
GLN CA  HA   sing N N 75  
GLN C   O    doub N N 76  
GLN C   OXT  sing N N 77  
GLN CB  CG   sing N N 78  
GLN CB  HB2  sing N N 79  
GLN CB  HB3  sing N N 80  
GLN CG  CD   sing N N 81  
GLN CG  HG2  sing N N 82  
GLN CG  HG3  sing N N 83  
GLN CD  OE1  doub N N 84  
GLN CD  NE2  sing N N 85  
GLN NE2 HE21 sing N N 86  
GLN NE2 HE22 sing N N 87  
GLN OXT HXT  sing N N 88  
GLU N   CA   sing N N 89  
GLU N   H    sing N N 90  
GLU N   H2   sing N N 91  
GLU CA  C    sing N N 92  
GLU CA  CB   sing N N 93  
GLU CA  HA   sing N N 94  
GLU C   O    doub N N 95  
GLU C   OXT  sing N N 96  
GLU CB  CG   sing N N 97  
GLU CB  HB2  sing N N 98  
GLU CB  HB3  sing N N 99  
GLU CG  CD   sing N N 100 
GLU CG  HG2  sing N N 101 
GLU CG  HG3  sing N N 102 
GLU CD  OE1  doub N N 103 
GLU CD  OE2  sing N N 104 
GLU OE2 HE2  sing N N 105 
GLU OXT HXT  sing N N 106 
GLY N   CA   sing N N 107 
GLY N   H    sing N N 108 
GLY N   H2   sing N N 109 
GLY CA  C    sing N N 110 
GLY CA  HA2  sing N N 111 
GLY CA  HA3  sing N N 112 
GLY C   O    doub N N 113 
GLY C   OXT  sing N N 114 
GLY OXT HXT  sing N N 115 
HOH O   H1   sing N N 116 
HOH O   H2   sing N N 117 
ILE N   CA   sing N N 118 
ILE N   H    sing N N 119 
ILE N   H2   sing N N 120 
ILE CA  C    sing N N 121 
ILE CA  CB   sing N N 122 
ILE CA  HA   sing N N 123 
ILE C   O    doub N N 124 
ILE C   OXT  sing N N 125 
ILE CB  CG1  sing N N 126 
ILE CB  CG2  sing N N 127 
ILE CB  HB   sing N N 128 
ILE CG1 CD1  sing N N 129 
ILE CG1 HG12 sing N N 130 
ILE CG1 HG13 sing N N 131 
ILE CG2 HG21 sing N N 132 
ILE CG2 HG22 sing N N 133 
ILE CG2 HG23 sing N N 134 
ILE CD1 HD11 sing N N 135 
ILE CD1 HD12 sing N N 136 
ILE CD1 HD13 sing N N 137 
ILE OXT HXT  sing N N 138 
LEU N   CA   sing N N 139 
LEU N   H    sing N N 140 
LEU N   H2   sing N N 141 
LEU CA  C    sing N N 142 
LEU CA  CB   sing N N 143 
LEU CA  HA   sing N N 144 
LEU C   O    doub N N 145 
LEU C   OXT  sing N N 146 
LEU CB  CG   sing N N 147 
LEU CB  HB2  sing N N 148 
LEU CB  HB3  sing N N 149 
LEU CG  CD1  sing N N 150 
LEU CG  CD2  sing N N 151 
LEU CG  HG   sing N N 152 
LEU CD1 HD11 sing N N 153 
LEU CD1 HD12 sing N N 154 
LEU CD1 HD13 sing N N 155 
LEU CD2 HD21 sing N N 156 
LEU CD2 HD22 sing N N 157 
LEU CD2 HD23 sing N N 158 
LEU OXT HXT  sing N N 159 
LYS N   CA   sing N N 160 
LYS N   H    sing N N 161 
LYS N   H2   sing N N 162 
LYS CA  C    sing N N 163 
LYS CA  CB   sing N N 164 
LYS CA  HA   sing N N 165 
LYS C   O    doub N N 166 
LYS C   OXT  sing N N 167 
LYS CB  CG   sing N N 168 
LYS CB  HB2  sing N N 169 
LYS CB  HB3  sing N N 170 
LYS CG  CD   sing N N 171 
LYS CG  HG2  sing N N 172 
LYS CG  HG3  sing N N 173 
LYS CD  CE   sing N N 174 
LYS CD  HD2  sing N N 175 
LYS CD  HD3  sing N N 176 
LYS CE  NZ   sing N N 177 
LYS CE  HE2  sing N N 178 
LYS CE  HE3  sing N N 179 
LYS NZ  HZ1  sing N N 180 
LYS NZ  HZ2  sing N N 181 
LYS NZ  HZ3  sing N N 182 
LYS OXT HXT  sing N N 183 
MET N   CA   sing N N 184 
MET N   H    sing N N 185 
MET N   H2   sing N N 186 
MET CA  C    sing N N 187 
MET CA  CB   sing N N 188 
MET CA  HA   sing N N 189 
MET C   O    doub N N 190 
MET C   OXT  sing N N 191 
MET CB  CG   sing N N 192 
MET CB  HB2  sing N N 193 
MET CB  HB3  sing N N 194 
MET CG  SD   sing N N 195 
MET CG  HG2  sing N N 196 
MET CG  HG3  sing N N 197 
MET SD  CE   sing N N 198 
MET CE  HE1  sing N N 199 
MET CE  HE2  sing N N 200 
MET CE  HE3  sing N N 201 
MET OXT HXT  sing N N 202 
PHE N   CA   sing N N 203 
PHE N   H    sing N N 204 
PHE N   H2   sing N N 205 
PHE CA  C    sing N N 206 
PHE CA  CB   sing N N 207 
PHE CA  HA   sing N N 208 
PHE C   O    doub N N 209 
PHE C   OXT  sing N N 210 
PHE CB  CG   sing N N 211 
PHE CB  HB2  sing N N 212 
PHE CB  HB3  sing N N 213 
PHE CG  CD1  doub Y N 214 
PHE CG  CD2  sing Y N 215 
PHE CD1 CE1  sing Y N 216 
PHE CD1 HD1  sing N N 217 
PHE CD2 CE2  doub Y N 218 
PHE CD2 HD2  sing N N 219 
PHE CE1 CZ   doub Y N 220 
PHE CE1 HE1  sing N N 221 
PHE CE2 CZ   sing Y N 222 
PHE CE2 HE2  sing N N 223 
PHE CZ  HZ   sing N N 224 
PHE OXT HXT  sing N N 225 
PRO N   CA   sing N N 226 
PRO N   CD   sing N N 227 
PRO N   H    sing N N 228 
PRO CA  C    sing N N 229 
PRO CA  CB   sing N N 230 
PRO CA  HA   sing N N 231 
PRO C   O    doub N N 232 
PRO C   OXT  sing N N 233 
PRO CB  CG   sing N N 234 
PRO CB  HB2  sing N N 235 
PRO CB  HB3  sing N N 236 
PRO CG  CD   sing N N 237 
PRO CG  HG2  sing N N 238 
PRO CG  HG3  sing N N 239 
PRO CD  HD2  sing N N 240 
PRO CD  HD3  sing N N 241 
PRO OXT HXT  sing N N 242 
SER N   CA   sing N N 243 
SER N   H    sing N N 244 
SER N   H2   sing N N 245 
SER CA  C    sing N N 246 
SER CA  CB   sing N N 247 
SER CA  HA   sing N N 248 
SER C   O    doub N N 249 
SER C   OXT  sing N N 250 
SER CB  OG   sing N N 251 
SER CB  HB2  sing N N 252 
SER CB  HB3  sing N N 253 
SER OG  HG   sing N N 254 
SER OXT HXT  sing N N 255 
THR N   CA   sing N N 256 
THR N   H    sing N N 257 
THR N   H2   sing N N 258 
THR CA  C    sing N N 259 
THR CA  CB   sing N N 260 
THR CA  HA   sing N N 261 
THR C   O    doub N N 262 
THR C   OXT  sing N N 263 
THR CB  OG1  sing N N 264 
THR CB  CG2  sing N N 265 
THR CB  HB   sing N N 266 
THR OG1 HG1  sing N N 267 
THR CG2 HG21 sing N N 268 
THR CG2 HG22 sing N N 269 
THR CG2 HG23 sing N N 270 
THR OXT HXT  sing N N 271 
TRP N   CA   sing N N 272 
TRP N   H    sing N N 273 
TRP N   H2   sing N N 274 
TRP CA  C    sing N N 275 
TRP CA  CB   sing N N 276 
TRP CA  HA   sing N N 277 
TRP C   O    doub N N 278 
TRP C   OXT  sing N N 279 
TRP CB  CG   sing N N 280 
TRP CB  HB2  sing N N 281 
TRP CB  HB3  sing N N 282 
TRP CG  CD1  doub Y N 283 
TRP CG  CD2  sing Y N 284 
TRP CD1 NE1  sing Y N 285 
TRP CD1 HD1  sing N N 286 
TRP CD2 CE2  doub Y N 287 
TRP CD2 CE3  sing Y N 288 
TRP NE1 CE2  sing Y N 289 
TRP NE1 HE1  sing N N 290 
TRP CE2 CZ2  sing Y N 291 
TRP CE3 CZ3  doub Y N 292 
TRP CE3 HE3  sing N N 293 
TRP CZ2 CH2  doub Y N 294 
TRP CZ2 HZ2  sing N N 295 
TRP CZ3 CH2  sing Y N 296 
TRP CZ3 HZ3  sing N N 297 
TRP CH2 HH2  sing N N 298 
TRP OXT HXT  sing N N 299 
TYR N   CA   sing N N 300 
TYR N   H    sing N N 301 
TYR N   H2   sing N N 302 
TYR CA  C    sing N N 303 
TYR CA  CB   sing N N 304 
TYR CA  HA   sing N N 305 
TYR C   O    doub N N 306 
TYR C   OXT  sing N N 307 
TYR CB  CG   sing N N 308 
TYR CB  HB2  sing N N 309 
TYR CB  HB3  sing N N 310 
TYR CG  CD1  doub Y N 311 
TYR CG  CD2  sing Y N 312 
TYR CD1 CE1  sing Y N 313 
TYR CD1 HD1  sing N N 314 
TYR CD2 CE2  doub Y N 315 
TYR CD2 HD2  sing N N 316 
TYR CE1 CZ   doub Y N 317 
TYR CE1 HE1  sing N N 318 
TYR CE2 CZ   sing Y N 319 
TYR CE2 HE2  sing N N 320 
TYR CZ  OH   sing N N 321 
TYR OH  HH   sing N N 322 
TYR OXT HXT  sing N N 323 
VAL N   CA   sing N N 324 
VAL N   H    sing N N 325 
VAL N   H2   sing N N 326 
VAL CA  C    sing N N 327 
VAL CA  CB   sing N N 328 
VAL CA  HA   sing N N 329 
VAL C   O    doub N N 330 
VAL C   OXT  sing N N 331 
VAL CB  CG1  sing N N 332 
VAL CB  CG2  sing N N 333 
VAL CB  HB   sing N N 334 
VAL CG1 HG11 sing N N 335 
VAL CG1 HG12 sing N N 336 
VAL CG1 HG13 sing N N 337 
VAL CG2 HG21 sing N N 338 
VAL CG2 HG22 sing N N 339 
VAL CG2 HG23 sing N N 340 
VAL OXT HXT  sing N N 341 
# 
_pdbx_audit_support.funding_organization   'Novo Nordisk Foundation' 
_pdbx_audit_support.country                Denmark 
_pdbx_audit_support.grant_number           NNF15OC0016360 
_pdbx_audit_support.ordinal                1 
# 
_pdbx_initial_refinement_model.id               1 
_pdbx_initial_refinement_model.entity_id_list   ? 
_pdbx_initial_refinement_model.type             'experimental model' 
_pdbx_initial_refinement_model.source_name      PDB 
_pdbx_initial_refinement_model.accession_code   7A2E 
_pdbx_initial_refinement_model.details          ? 
# 
_atom_sites.entry_id                    7A3M 
_atom_sites.Cartn_transf_matrix[1][1]   ? 
_atom_sites.Cartn_transf_matrix[1][2]   ? 
_atom_sites.Cartn_transf_matrix[1][3]   ? 
_atom_sites.Cartn_transf_matrix[2][1]   ? 
_atom_sites.Cartn_transf_matrix[2][2]   ? 
_atom_sites.Cartn_transf_matrix[2][3]   ? 
_atom_sites.Cartn_transf_matrix[3][1]   ? 
_atom_sites.Cartn_transf_matrix[3][2]   ? 
_atom_sites.Cartn_transf_matrix[3][3]   ? 
_atom_sites.Cartn_transf_vector[1]      ? 
_atom_sites.Cartn_transf_vector[2]      ? 
_atom_sites.Cartn_transf_vector[3]      ? 
_atom_sites.fract_transf_matrix[1][1]   0.00188834 
_atom_sites.fract_transf_matrix[1][2]   0.01443940 
_atom_sites.fract_transf_matrix[1][3]   -0.00852142 
_atom_sites.fract_transf_matrix[2][1]   0.01113681 
_atom_sites.fract_transf_matrix[2][2]   0.01152082 
_atom_sites.fract_transf_matrix[2][3]   0.00528587 
_atom_sites.fract_transf_matrix[3][1]   0.01358344 
_atom_sites.fract_transf_matrix[3][2]   -0.00816437 
_atom_sites.fract_transf_matrix[3][3]   -0.01082432 
_atom_sites.fract_transf_vector[1]      -1.105254 
_atom_sites.fract_transf_vector[2]      -1.353729 
_atom_sites.fract_transf_vector[3]      2.230695 
_atom_sites.solution_primary            ? 
_atom_sites.solution_secondary          ? 
_atom_sites.solution_hydrogens          ? 
_atom_sites.special_details             ? 
# 
loop_
_atom_type.symbol 
C 
N 
O 
S 
# 
loop_
_atom_site.group_PDB 
_atom_site.id 
_atom_site.type_symbol 
_atom_site.label_atom_id 
_atom_site.label_alt_id 
_atom_site.label_comp_id 
_atom_site.label_asym_id 
_atom_site.label_entity_id 
_atom_site.label_seq_id 
_atom_site.pdbx_PDB_ins_code 
_atom_site.Cartn_x 
_atom_site.Cartn_y 
_atom_site.Cartn_z 
_atom_site.occupancy 
_atom_site.B_iso_or_equiv 
_atom_site.pdbx_formal_charge 
_atom_site.auth_seq_id 
_atom_site.auth_comp_id 
_atom_site.auth_asym_id 
_atom_site.auth_atom_id 
_atom_site.pdbx_PDB_model_num 
ATOM   1   N N   . MET A 1 1  ? -15.415 -2.812  -5.398  1.00 31.98 ? 1   MET A N   1 
ATOM   2   C CA  . MET A 1 1  ? -14.001 -2.442  -5.499  1.00 22.61 ? 1   MET A CA  1 
ATOM   3   C C   . MET A 1 1  ? -13.231 -2.881  -4.238  1.00 24.89 ? 1   MET A C   1 
ATOM   4   O O   . MET A 1 1  ? -13.718 -2.493  -3.134  1.00 22.63 ? 1   MET A O   1 
ATOM   5   C CB  . MET A 1 1  ? -13.857 -0.918  -5.709  1.00 24.55 ? 1   MET A CB  1 
ATOM   6   C CG  . MET A 1 1  ? -12.493 -0.438  -5.955  1.00 32.27 ? 1   MET A CG  1 
ATOM   7   S SD  . MET A 1 1  ? -12.121 1.286   -6.088  1.00 30.26 ? 1   MET A SD  1 
ATOM   8   C CE  . MET A 1 1  ? -12.442 1.755   -4.336  1.00 35.52 ? 1   MET A CE  1 
ATOM   9   N N   . LYS A 1 2  ? -12.183 -3.650  -4.370  1.00 20.37 ? 2   LYS A N   1 
ATOM   10  C CA  . LYS A 1 2  ? -11.293 -3.981  -3.221  1.00 17.08 ? 2   LYS A CA  1 
ATOM   11  C C   . LYS A 1 2  ? -10.662 -2.749  -2.690  1.00 15.53 ? 2   LYS A C   1 
ATOM   12  O O   . LYS A 1 2  ? -10.185 -1.872  -3.418  1.00 17.99 ? 2   LYS A O   1 
ATOM   13  C CB  . LYS A 1 2  ? -10.326 -4.956  -3.705  1.00 17.61 ? 2   LYS A CB  1 
ATOM   14  C CG  . LYS A 1 2  ? -9.413  -5.425  -2.512  1.00 17.02 ? 2   LYS A CG  1 
ATOM   15  C CD  . LYS A 1 2  ? -8.654  -6.662  -2.914  1.00 16.03 ? 2   LYS A CD  1 
ATOM   16  C CE  . LYS A 1 2  ? -7.771  -7.259  -1.856  1.00 15.45 ? 2   LYS A CE  1 
ATOM   17  N NZ  . LYS A 1 2  ? -7.020  -8.431  -2.277  1.00 15.85 ? 2   LYS A NZ  1 
ATOM   18  N N   . THR A 1 3  ? -10.681 -2.585  -1.349  1.00 14.22 ? 3   THR A N   1 
ATOM   19  C CA  . THR A 1 3  ? -10.136 -1.387  -0.767  1.00 14.21 ? 3   THR A CA  1 
ATOM   20  C C   . THR A 1 3  ? -8.992  -1.643  0.241   1.00 12.53 ? 3   THR A C   1 
ATOM   21  O O   . THR A 1 3  ? -8.383  -0.691  0.691   1.00 14.00 ? 3   THR A O   1 
ATOM   22  C CB  . THR A 1 3  ? -11.185 -0.506  -0.154  1.00 18.16 ? 3   THR A CB  1 
ATOM   23  O OG1 . THR A 1 3  ? -11.806 -1.202  0.906   1.00 22.16 ? 3   THR A OG1 1 
ATOM   24  C CG2 . THR A 1 3  ? -12.155 0.089   -1.165  1.00 20.09 ? 3   THR A CG2 1 
ATOM   25  N N   . GLU A 1 4  ? -8.765  -2.905  0.636   1.00 13.53 ? 4   GLU A N   1 
ATOM   26  C CA  . GLU A 1 4  ? -7.775  -3.221  1.652   1.00 12.77 ? 4   GLU A CA  1 
ATOM   27  C C   . GLU A 1 4  ? -7.096  -4.492  1.362   1.00 11.45 ? 4   GLU A C   1 
ATOM   28  O O   . GLU A 1 4  ? -7.724  -5.446  0.797   1.00 12.43 ? 4   GLU A O   1 
ATOM   29  C CB  . GLU A 1 4  ? -8.375  -3.262  3.040   1.00 17.56 ? 4   GLU A CB  1 
ATOM   30  C CG  . GLU A 1 4  ? -9.277  -2.208  3.498   1.00 26.99 ? 4   GLU A CG  1 
ATOM   31  C CD  . GLU A 1 4  ? -9.845  -2.499  4.855   1.00 36.91 ? 4   GLU A CD  1 
ATOM   32  O OE1 . GLU A 1 4  ? -9.760  -3.635  5.292   1.00 52.21 ? 4   GLU A OE1 1 
ATOM   33  O OE2 . GLU A 1 4  ? -10.276 -1.537  5.432   1.00 56.95 ? 4   GLU A OE2 1 
ATOM   34  N N   . TRP A 1 5  ? -5.839  -4.601  1.803   1.00 10.25 ? 5   TRP A N   1 
ATOM   35  C CA  . TRP A 1 5  ? -5.025  -5.753  1.497   1.00 10.71 ? 5   TRP A CA  1 
ATOM   36  C C   . TRP A 1 5  ? -4.348  -6.335  2.769   1.00 10.40 ? 5   TRP A C   1 
ATOM   37  O O   . TRP A 1 5  ? -3.128  -6.312  2.950   1.00 10.65 ? 5   TRP A O   1 
ATOM   38  C CB  . TRP A 1 5  ? -3.900  -5.490  0.470   1.00 10.11 ? 5   TRP A CB  1 
ATOM   39  C CG  . TRP A 1 5  ? -4.420  -5.270  -0.934  1.00 10.31 ? 5   TRP A CG  1 
ATOM   40  C CD1 . TRP A 1 5  ? -4.354  -6.230  -1.906  1.00 11.83 ? 5   TRP A CD1 1 
ATOM   41  C CD2 . TRP A 1 5  ? -5.025  -4.099  -1.536  1.00 9.78  ? 5   TRP A CD2 1 
ATOM   42  N NE1 . TRP A 1 5  ? -4.914  -5.735  -3.092  1.00 11.98 ? 5   TRP A NE1 1 
ATOM   43  C CE2 . TRP A 1 5  ? -5.369  -4.453  -2.852  1.00 10.64 ? 5   TRP A CE2 1 
ATOM   44  C CE3 . TRP A 1 5  ? -5.334  -2.820  -1.055  1.00 10.04 ? 5   TRP A CE3 1 
ATOM   45  C CZ2 . TRP A 1 5  ? -6.032  -3.557  -3.676  1.00 11.41 ? 5   TRP A CZ2 1 
ATOM   46  C CZ3 . TRP A 1 5  ? -5.955  -1.945  -1.887  1.00 11.51 ? 5   TRP A CZ3 1 
ATOM   47  C CH2 . TRP A 1 5  ? -6.339  -2.327  -3.179  1.00 11.91 ? 5   TRP A CH2 1 
ATOM   48  N N   . PRO A 1 6  ? -5.167  -6.905  3.672   1.00 11.44 ? 6   PRO A N   1 
ATOM   49  C CA  . PRO A 1 6  ? -4.576  -7.436  4.936   1.00 12.82 ? 6   PRO A CA  1 
ATOM   50  C C   . PRO A 1 6  ? -3.613  -8.534  4.664   1.00 12.31 ? 6   PRO A C   1 
ATOM   51  O O   . PRO A 1 6  ? -2.654  -8.735  5.498   1.00 14.34 ? 6   PRO A O   1 
ATOM   52  C CB  . PRO A 1 6  ? -5.823  -7.916  5.692   1.00 17.26 ? 6   PRO A CB  1 
ATOM   53  C CG  . PRO A 1 6  ? -6.865  -8.170  4.617   1.00 16.89 ? 6   PRO A CG  1 
ATOM   54  C CD  . PRO A 1 6  ? -6.603  -7.061  3.611   1.00 14.27 ? 6   PRO A CD  1 
ATOM   55  N N   . GLU A 1 7  ? -3.767  -9.232  3.597   1.00 12.77 ? 7   GLU A N   1 
ATOM   56  C CA  . GLU A 1 7  ? -2.847  -10.321 3.281   1.00 13.74 ? 7   GLU A CA  1 
ATOM   57  C C   . GLU A 1 7  ? -1.436  -9.871  2.985   1.00 12.78 ? 7   GLU A C   1 
ATOM   58  O O   . GLU A 1 7  ? -0.532  -10.713 2.924   1.00 15.48 ? 7   GLU A O   1 
ATOM   59  C CB  . GLU A 1 7  ? -3.397  -11.190 2.113   1.00 15.63 ? 7   GLU A CB  1 
ATOM   60  C CG  . GLU A 1 7  ? -3.389  -10.520 0.724   1.00 15.73 ? 7   GLU A CG  1 
ATOM   61  C CD  . GLU A 1 7  ? -4.620  -9.631  0.490   1.00 13.27 ? 7   GLU A CD  1 
ATOM   62  O OE1 . GLU A 1 7  ? -5.293  -9.111  1.325   1.00 14.29 ? 7   GLU A OE1 1 
ATOM   63  O OE2 . GLU A 1 7  ? -4.831  -9.460  -0.784  1.00 16.59 ? 7   GLU A OE2 1 
ATOM   64  N N   . LEU A 1 8  ? -1.185  -8.583  2.802   1.00 10.92 ? 8   LEU A N   1 
ATOM   65  C CA  . LEU A 1 8  ? 0.148   -8.096  2.454   1.00 10.31 ? 8   LEU A CA  1 
ATOM   66  C C   . LEU A 1 8  ? 1.001   -7.712  3.664   1.00 10.17 ? 8   LEU A C   1 
ATOM   67  O O   . LEU A 1 8  ? 2.150   -7.372  3.491   1.00 10.36 ? 8   LEU A O   1 
ATOM   68  C CB  . LEU A 1 8  ? 0.055   -6.967  1.438   1.00 10.88 ? 8   LEU A CB  1 
ATOM   69  C CG  . LEU A 1 8  ? -0.510  -7.388  0.100   1.00 12.25 ? 8   LEU A CG  1 
ATOM   70  C CD1 . LEU A 1 8  ? -0.612  -6.209  -0.849  1.00 12.59 ? 8   LEU A CD1 1 
ATOM   71  C CD2 . LEU A 1 8  ? 0.368   -8.448  -0.517  1.00 15.82 ? 8   LEU A CD2 1 
ATOM   72  N N   . VAL A 1 9  ? 0.384   -7.673  4.865   1.00 10.31 ? 9   VAL A N   1 
ATOM   73  C CA  . VAL A 1 9  ? 1.269   -7.359  6.039   1.00 10.16 ? 9   VAL A CA  1 
ATOM   74  C C   . VAL A 1 9  ? 2.357   -8.419  6.155   1.00 10.56 ? 9   VAL A C   1 
ATOM   75  O O   . VAL A 1 9  ? 2.085   -9.588  6.196   1.00 12.73 ? 9   VAL A O   1 
ATOM   76  C CB  . VAL A 1 9  ? 0.378   -7.248  7.284   1.00 10.99 ? 9   VAL A CB  1 
ATOM   77  C CG1 . VAL A 1 9  ? 1.226   -7.074  8.541   1.00 13.42 ? 9   VAL A CG1 1 
ATOM   78  C CG2 . VAL A 1 9  ? -0.631  -6.133  7.185   1.00 12.67 ? 9   VAL A CG2 1 
ATOM   79  N N   . GLY A 1 10 ? 3.577   -7.905  6.276   1.00 9.89  ? 10  GLY A N   1 
ATOM   80  C CA  . GLY A 1 10 ? 4.744   -8.730  6.347   1.00 11.18 ? 10  GLY A CA  1 
ATOM   81  C C   . GLY A 1 10 ? 5.454   -8.991  5.071   1.00 11.71 ? 10  GLY A C   1 
ATOM   82  O O   . GLY A 1 10 ? 6.576   -9.526  5.059   1.00 13.88 ? 10  GLY A O   1 
ATOM   83  N N   . LYS A 1 11 ? 4.816   -8.681  3.922   1.00 12.25 ? 11  LYS A N   1 
ATOM   84  C CA  . LYS A 1 11 ? 5.338   -8.977  2.593   1.00 11.99 ? 11  LYS A CA  1 
ATOM   85  C C   . LYS A 1 11 ? 6.218   -7.858  2.078   1.00 11.01 ? 11  LYS A C   1 
ATOM   86  O O   . LYS A 1 11 ? 6.138   -6.703  2.500   1.00 10.59 ? 11  LYS A O   1 
ATOM   87  C CB  . LYS A 1 11 ? 4.178   -9.257  1.632   1.00 13.31 ? 11  LYS A CB  1 
ATOM   88  C CG  . LYS A 1 11 ? 3.258   -10.356 2.079   1.00 16.99 ? 11  LYS A CG  1 
ATOM   89  C CD  . LYS A 1 11 ? 3.836   -11.627 2.460   1.00 23.22 ? 11  LYS A CD  1 
ATOM   90  C CE  . LYS A 1 11 ? 2.693   -12.642 2.955   1.00 32.93 ? 11  LYS A CE  1 
ATOM   91  N NZ  . LYS A 1 11 ? 3.387   -13.907 2.884   1.00 41.93 ? 11  LYS A NZ  1 
ATOM   92  N N   . SER A 1 12 ? 7.073   -8.171  1.076   1.00 11.45 ? 12  SER A N   1 
ATOM   93  C CA  . SER A 1 12 ? 7.940   -7.164  0.503   1.00 11.41 ? 12  SER A CA  1 
ATOM   94  C C   . SER A 1 12 ? 7.150   -6.190  -0.369  1.00 10.67 ? 12  SER A C   1 
ATOM   95  O O   . SER A 1 12 ? 6.056   -6.489  -0.839  1.00 10.61 ? 12  SER A O   1 
ATOM   96  C CB  . SER A 1 12 ? 9.027   -7.802  -0.353  1.00 12.43 ? 12  SER A CB  1 
ATOM   97  O OG  . SER A 1 12 ? 8.398   -8.383  -1.508  1.00 12.54 ? 12  SER A OG  1 
ATOM   98  N N   . VAL A 1 13 ? 7.783   -5.062  -0.639  1.00 11.48 ? 13  VAL A N   1 
ATOM   99  C CA  . VAL A 1 13 ? 7.240   -4.137  -1.613  1.00 11.81 ? 13  VAL A CA  1 
ATOM   100 C C   . VAL A 1 13 ? 7.044   -4.767  -2.967  1.00 11.10 ? 13  VAL A C   1 
ATOM   101 O O   . VAL A 1 13 ? 6.019   -4.550  -3.600  1.00 11.58 ? 13  VAL A O   1 
ATOM   102 C CB  . VAL A 1 13 ? 8.100   -2.863  -1.728  1.00 12.34 ? 13  VAL A CB  1 
ATOM   103 C CG1 . VAL A 1 13 ? 7.738   -2.018  -2.925  1.00 13.45 ? 13  VAL A CG1 1 
ATOM   104 C CG2 . VAL A 1 13 ? 8.044   -2.063  -0.434  1.00 11.60 ? 13  VAL A CG2 1 
ATOM   105 N N   . GLU A 1 14 ? 8.026   -5.597  -3.426  1.00 11.99 ? 14  GLU A N   1 
ATOM   106 C CA  . GLU A 1 14 ? 7.798   -6.247  -4.741  1.00 13.12 ? 14  GLU A CA  1 
ATOM   107 C C   . GLU A 1 14 ? 6.551   -7.109  -4.725  1.00 13.41 ? 14  GLU A C   1 
ATOM   108 O O   . GLU A 1 14 ? 5.796   -7.098  -5.716  1.00 13.46 ? 14  GLU A O   1 
ATOM   109 C CB  . GLU A 1 14 ? 9.078   -7.057  -5.097  1.00 14.22 ? 14  GLU A CB  1 
ATOM   110 C CG  . GLU A 1 14 ? 8.939   -7.779  -6.425  1.00 17.46 ? 14  GLU A CG  1 
ATOM   111 C CD  . GLU A 1 14 ? 10.145  -8.682  -6.877  1.00 22.40 ? 14  GLU A CD  1 
ATOM   112 O OE1 . GLU A 1 14 ? 11.012  -8.819  -6.266  1.00 17.68 ? 14  GLU A OE1 1 
ATOM   113 O OE2 . GLU A 1 14 ? 10.025  -9.143  -8.036  1.00 35.06 ? 14  GLU A OE2 1 
ATOM   114 N N   . GLU A 1 15 ? 6.389   -7.948  -3.685  1.00 12.60 ? 15  GLU A N   1 
ATOM   115 C CA  . GLU A 1 15 ? 5.218   -8.797  -3.637  1.00 12.62 ? 15  GLU A CA  1 
ATOM   116 C C   . GLU A 1 15 ? 3.945   -7.962  -3.563  1.00 11.67 ? 15  GLU A C   1 
ATOM   117 O O   . GLU A 1 15 ? 2.948   -8.279  -4.253  1.00 13.31 ? 15  GLU A O   1 
ATOM   118 C CB  . GLU A 1 15 ? 5.344   -9.749  -2.497  1.00 13.45 ? 15  GLU A CB  1 
ATOM   119 C CG  . GLU A 1 15 ? 4.144   -10.613 -2.486  1.00 18.03 ? 15  GLU A CG  1 
ATOM   120 C CD  . GLU A 1 15 ? 4.107   -11.812 -1.653  1.00 24.96 ? 15  GLU A CD  1 
ATOM   121 O OE1 . GLU A 1 15 ? 5.123   -12.096 -1.057  1.00 25.52 ? 15  GLU A OE1 1 
ATOM   122 O OE2 . GLU A 1 15 ? 2.952   -12.473 -1.575  1.00 41.41 ? 15  GLU A OE2 1 
ATOM   123 N N   . ALA A 1 16 ? 3.979   -6.954  -2.732  1.00 10.20 ? 16  ALA A N   1 
ATOM   124 C CA  . ALA A 1 16 ? 2.779   -6.126  -2.586  1.00 10.55 ? 16  ALA A CA  1 
ATOM   125 C C   . ALA A 1 16 ? 2.391   -5.448  -3.877  1.00 10.84 ? 16  ALA A C   1 
ATOM   126 O O   . ALA A 1 16 ? 1.187   -5.391  -4.215  1.00 11.62 ? 16  ALA A O   1 
ATOM   127 C CB  . ALA A 1 16 ? 3.038   -5.121  -1.487  1.00 10.66 ? 16  ALA A CB  1 
ATOM   128 N N   . LYS A 1 17 ? 3.367   -4.930  -4.584  1.00 11.33 ? 17  LYS A N   1 
ATOM   129 C CA  . LYS A 1 17 ? 3.030   -4.257  -5.853  1.00 12.45 ? 17  LYS A CA  1 
ATOM   130 C C   . LYS A 1 17 ? 2.405   -5.255  -6.805  1.00 13.58 ? 17  LYS A C   1 
ATOM   131 O O   . LYS A 1 17 ? 1.482   -4.928  -7.550  1.00 13.35 ? 17  LYS A O   1 
ATOM   132 C CB  . LYS A 1 17 ? 4.286   -3.689  -6.450  1.00 15.45 ? 17  LYS A CB  1 
ATOM   133 C CG  . LYS A 1 17 ? 4.728   -2.416  -5.785  1.00 15.33 ? 17  LYS A CG  1 
ATOM   134 C CD  . LYS A 1 17 ? 6.104   -2.098  -6.335  1.00 17.14 ? 17  LYS A CD  1 
ATOM   135 C CE  . LYS A 1 17 ? 6.223   -0.750  -6.048  1.00 19.35 ? 17  LYS A CE  1 
ATOM   136 N NZ  . LYS A 1 17 ? 7.657   -0.274  -6.561  1.00 20.02 ? 17  LYS A NZ  1 
ATOM   137 N N   . LYS A 1 18 ? 2.976   -6.469  -6.884  1.00 14.00 ? 18  LYS A N   1 
ATOM   138 C CA  . LYS A 1 18 ? 2.446   -7.509  -7.858  1.00 15.18 ? 18  LYS A CA  1 
ATOM   139 C C   . LYS A 1 18 ? 0.980   -7.771  -7.512  1.00 14.19 ? 18  LYS A C   1 
ATOM   140 O O   . LYS A 1 18 ? 0.153   -7.790  -8.445  1.00 15.77 ? 18  LYS A O   1 
ATOM   141 C CB  . LYS A 1 18 ? 3.351   -8.771  -7.784  1.00 19.53 ? 18  LYS A CB  1 
ATOM   142 C CG  . LYS A 1 18 ? 2.880   -9.888  -8.648  1.00 23.31 ? 18  LYS A CG  1 
ATOM   143 C CD  . LYS A 1 18 ? 3.795   -11.064 -8.502  1.00 29.08 ? 18  LYS A CD  1 
ATOM   144 C CE  . LYS A 1 18 ? 3.903   -11.925 -9.807  1.00 46.96 ? 18  LYS A CE  1 
ATOM   145 N NZ  . LYS A 1 18 ? 4.850   -13.098 -9.548  1.00 67.71 ? 18  LYS A NZ  1 
ATOM   146 N N   . VAL A 1 19 ? 0.652   -8.012  -6.242  1.00 12.47 ? 19  VAL A N   1 
ATOM   147 C CA  . VAL A 1 19 ? -0.667  -8.319  -5.866  1.00 12.92 ? 19  VAL A CA  1 
ATOM   148 C C   . VAL A 1 19 ? -1.599  -7.160  -6.086  1.00 11.38 ? 19  VAL A C   1 
ATOM   149 O O   . VAL A 1 19 ? -2.702  -7.316  -6.666  1.00 12.60 ? 19  VAL A O   1 
ATOM   150 C CB  . VAL A 1 19 ? -0.710  -8.784  -4.373  1.00 13.05 ? 19  VAL A CB  1 
ATOM   151 C CG1 . VAL A 1 19 ? -2.065  -8.874  -3.874  1.00 15.07 ? 19  VAL A CG1 1 
ATOM   152 C CG2 . VAL A 1 19 ? 0.085   -10.127 -4.256  1.00 15.28 ? 19  VAL A CG2 1 
ATOM   153 N N   . ILE A 1 20 ? -1.235  -5.969  -5.634  1.00 11.00 ? 20  ILE A N   1 
ATOM   154 C CA  . ILE A 1 20 ? -2.141  -4.797  -5.784  1.00 10.05 ? 20  ILE A CA  1 
ATOM   155 C C   . ILE A 1 20 ? -2.364  -4.528  -7.265  1.00 10.67 ? 20  ILE A C   1 
ATOM   156 O O   . ILE A 1 20 ? -3.529  -4.270  -7.631  1.00 11.70 ? 20  ILE A O   1 
ATOM   157 C CB  . ILE A 1 20 ? -1.554  -3.590  -5.058  1.00 9.45  ? 20  ILE A CB  1 
ATOM   158 C CG1 . ILE A 1 20 ? -1.596  -3.862  -3.553  1.00 9.97  ? 20  ILE A CG1 1 
ATOM   159 C CG2 . ILE A 1 20 ? -2.305  -2.324  -5.443  1.00 10.12 ? 20  ILE A CG2 1 
ATOM   160 C CD1 . ILE A 1 20 ? -0.666  -2.943  -2.772  1.00 10.01 ? 20  ILE A CD1 1 
ATOM   161 N N   . LEU A 1 21 ? -1.338  -4.597  -8.126  1.00 10.88 ? 21  LEU A N   1 
ATOM   162 C CA  . LEU A 1 21 ? -1.592  -4.297  -9.556  1.00 11.18 ? 21  LEU A CA  1 
ATOM   163 C C   . LEU A 1 21 ? -2.469  -5.342  -10.196 1.00 12.64 ? 21  LEU A C   1 
ATOM   164 O O   . LEU A 1 21 ? -3.184  -5.038  -11.150 1.00 13.50 ? 21  LEU A O   1 
ATOM   165 C CB  . LEU A 1 21 ? -0.268  -4.102  -10.259 1.00 12.68 ? 21  LEU A CB  1 
ATOM   166 C CG  . LEU A 1 21 ? 0.395   -2.767  -9.968  1.00 13.39 ? 21  LEU A CG  1 
ATOM   167 C CD1 . LEU A 1 21 ? 1.814   -2.783  -10.404 1.00 15.47 ? 21  LEU A CD1 1 
ATOM   168 C CD2 . LEU A 1 21 ? -0.300  -1.651  -10.647 1.00 15.55 ? 21  LEU A CD2 1 
ATOM   169 N N   . GLN A 1 22 ? -2.354  -6.614  -9.796  1.00 13.23 ? 22  GLN A N   1 
ATOM   170 C CA  . GLN A 1 22 ? -3.335  -7.665  -10.283 1.00 14.53 ? 22  GLN A CA  1 
ATOM   171 C C   . GLN A 1 22 ? -4.727  -7.261  -9.900  1.00 12.98 ? 22  GLN A C   1 
ATOM   172 O O   . GLN A 1 22 ? -5.676  -7.379  -10.741 1.00 15.77 ? 22  GLN A O   1 
ATOM   173 C CB  . GLN A 1 22 ? -2.940  -9.021  -9.727  1.00 16.93 ? 22  GLN A CB  1 
ATOM   174 C CG  . GLN A 1 22 ? -1.621  -9.581  -10.255 1.00 28.33 ? 22  GLN A CG  1 
ATOM   175 C CD  . GLN A 1 22 ? -1.051  -10.899 -9.609  1.00 36.75 ? 22  GLN A CD  1 
ATOM   176 O OE1 . GLN A 1 22 ? -0.386  -11.735 -10.331 1.00 51.46 ? 22  GLN A OE1 1 
ATOM   177 N NE2 . GLN A 1 22 ? -1.316  -11.112 -8.289  1.00 47.93 ? 22  GLN A NE2 1 
ATOM   178 N N   . ASP A 1 23 ? -4.965  -6.878  -8.660  1.00 11.98 ? 23  ASP A N   1 
ATOM   179 C CA  . ASP A 1 23 ? -6.252  -6.521  -8.142  1.00 11.85 ? 23  ASP A CA  1 
ATOM   180 C C   . ASP A 1 23 ? -6.785  -5.205  -8.646  1.00 12.05 ? 23  ASP A C   1 
ATOM   181 O O   . ASP A 1 23 ? -7.994  -4.939  -8.583  1.00 15.10 ? 23  ASP A O   1 
ATOM   182 C CB  . ASP A 1 23 ? -6.270  -6.520  -6.625  1.00 13.04 ? 23  ASP A CB  1 
ATOM   183 C CG  . ASP A 1 23 ? -6.027  -7.833  -5.938  1.00 15.38 ? 23  ASP A CG  1 
ATOM   184 O OD1 . ASP A 1 23 ? -6.164  -8.911  -6.585  1.00 17.94 ? 23  ASP A OD1 1 
ATOM   185 O OD2 . ASP A 1 23 ? -5.686  -7.824  -4.767  1.00 14.17 ? 23  ASP A OD2 1 
ATOM   186 N N   . LYS A 1 24 ? -5.880  -4.279  -8.991  1.00 11.52 ? 24  LYS A N   1 
ATOM   187 C CA  . LYS A 1 24 ? -6.125  -2.858  -9.186  1.00 11.51 ? 24  LYS A CA  1 
ATOM   188 C C   . LYS A 1 24 ? -5.150  -2.342  -10.210 1.00 10.46 ? 24  LYS A C   1 
ATOM   189 O O   . LYS A 1 24 ? -4.162  -1.712  -9.875  1.00 10.90 ? 24  LYS A O   1 
ATOM   190 C CB  . LYS A 1 24 ? -5.992  -2.164  -7.854  1.00 11.32 ? 24  LYS A CB  1 
ATOM   191 C CG  . LYS A 1 24 ? -6.435  -0.723  -7.899  1.00 11.20 ? 24  LYS A CG  1 
ATOM   192 C CD  . LYS A 1 24 ? -6.240  0.015   -6.559  1.00 12.57 ? 24  LYS A CD  1 
ATOM   193 C CE  . LYS A 1 24 ? -6.726  1.443   -6.555  1.00 11.30 ? 24  LYS A CE  1 
ATOM   194 N NZ  . LYS A 1 24 ? -8.188  1.514   -6.814  1.00 12.00 ? 24  LYS A NZ  1 
ATOM   195 N N   . PRO A 1 25 ? -5.427  -2.580  -11.510 1.00 11.30 ? 25  PRO A N   1 
ATOM   196 C CA  . PRO A 1 25 ? -4.449  -2.260  -12.550 1.00 12.19 ? 25  PRO A CA  1 
ATOM   197 C C   . PRO A 1 25 ? -4.102  -0.755  -12.605 1.00 11.16 ? 25  PRO A C   1 
ATOM   198 O O   . PRO A 1 25 ? -2.994  -0.466  -13.117 1.00 12.54 ? 25  PRO A O   1 
ATOM   199 C CB  . PRO A 1 25 ? -5.157  -2.760  -13.815 1.00 13.92 ? 25  PRO A CB  1 
ATOM   200 C CG  . PRO A 1 25 ? -6.006  -3.882  -13.356 1.00 14.94 ? 25  PRO A CG  1 
ATOM   201 C CD  . PRO A 1 25 ? -6.508  -3.471  -12.044 1.00 12.27 ? 25  PRO A CD  1 
ATOM   202 N N   . GLU A 1 26 ? -5.016  0.073   -12.167 1.00 10.54 ? 26  GLU A N   1 
ATOM   203 C CA  . GLU A 1 26 ? -4.744  1.519   -12.234 1.00 10.56 ? 26  GLU A CA  1 
ATOM   204 C C   . GLU A 1 26 ? -3.971  2.021   -11.002 1.00 9.86  ? 26  GLU A C   1 
ATOM   205 O O   . GLU A 1 26 ? -3.719  3.208   -10.905 1.00 11.15 ? 26  GLU A O   1 
ATOM   206 C CB  . GLU A 1 26 ? -6.085  2.267   -12.273 1.00 10.37 ? 26  GLU A CB  1 
ATOM   207 C CG  . GLU A 1 26 ? -6.910  2.372   -11.001 1.00 11.80 ? 26  GLU A CG  1 
ATOM   208 C CD  . GLU A 1 26 ? -7.681  1.113   -10.498 1.00 11.60 ? 26  GLU A CD  1 
ATOM   209 O OE1 . GLU A 1 26 ? -7.465  -0.002  -11.009 1.00 11.16 ? 26  GLU A OE1 1 
ATOM   210 O OE2 . GLU A 1 26 ? -8.501  1.368   -9.571  1.00 13.15 ? 26  GLU A OE2 1 
ATOM   211 N N   . ALA A 1 27 ? -3.607  1.145   -10.069 1.00 10.17 ? 27  ALA A N   1 
ATOM   212 C CA  . ALA A 1 27 ? -3.047  1.603   -8.809  1.00 9.49  ? 27  ALA A CA  1 
ATOM   213 C C   . ALA A 1 27 ? -1.752  2.476   -9.055  1.00 8.89  ? 27  ALA A C   1 
ATOM   214 O O   . ALA A 1 27 ? -0.876  2.106   -9.786  1.00 10.69 ? 27  ALA A O   1 
ATOM   215 C CB  . ALA A 1 27 ? -2.647  0.434   -7.932  1.00 10.87 ? 27  ALA A CB  1 
ATOM   216 N N   . GLN A 1 28 ? -1.724  3.554   -8.274  1.00 8.97  ? 28  GLN A N   1 
ATOM   217 C CA  . GLN A 1 28 ? -0.529  4.406   -8.119  1.00 9.13  ? 28  GLN A CA  1 
ATOM   218 C C   . GLN A 1 28 ? 0.035   4.020   -6.749  1.00 8.41  ? 28  GLN A C   1 
ATOM   219 O O   . GLN A 1 28 ? -0.588  4.442   -5.740  1.00 9.06  ? 28  GLN A O   1 
ATOM   220 C CB  . GLN A 1 28 ? -0.843  5.866   -8.248  1.00 10.08 ? 28  GLN A CB  1 
ATOM   221 C CG  . GLN A 1 28 ? -1.375  6.228   -9.660  1.00 11.83 ? 28  GLN A CG  1 
ATOM   222 C CD  . GLN A 1 28 ? -0.407  5.973   -10.736 1.00 12.44 ? 28  GLN A CD  1 
ATOM   223 O OE1 . GLN A 1 28 ? 0.818   5.905   -10.568 1.00 13.24 ? 28  GLN A OE1 1 
ATOM   224 N NE2 . GLN A 1 28 ? -0.932  5.866   -11.918 1.00 17.90 ? 28  GLN A NE2 1 
ATOM   225 N N   . ILE A 1 29 ? 1.089   3.290   -6.689  1.00 8.22  ? 29  ILE A N   1 
ATOM   226 C CA  . ILE A 1 29 ? 1.562   2.751   -5.424  1.00 8.12  ? 29  ILE A CA  1 
ATOM   227 C C   . ILE A 1 29 ? 2.688   3.645   -4.898  1.00 8.79  ? 29  ILE A C   1 
ATOM   228 O O   . ILE A 1 29 ? 3.652   3.963   -5.597  1.00 10.84 ? 29  ILE A O   1 
ATOM   229 C CB  . ILE A 1 29 ? 1.948   1.313   -5.569  1.00 10.61 ? 29  ILE A CB  1 
ATOM   230 C CG1 . ILE A 1 29 ? 0.788   0.481   -6.100  1.00 11.35 ? 29  ILE A CG1 1 
ATOM   231 C CG2 . ILE A 1 29 ? 2.516   0.753   -4.256  1.00 13.31 ? 29  ILE A CG2 1 
ATOM   232 C CD1 . ILE A 1 29 ? 1.037   -0.956  -6.422  1.00 13.45 ? 29  ILE A CD1 1 
ATOM   233 N N   . ILE A 1 30 ? 2.488   4.081   -3.679  1.00 7.46  ? 30  ILE A N   1 
ATOM   234 C CA  . ILE A 1 30 ? 3.357   5.024   -2.952  1.00 6.97  ? 30  ILE A CA  1 
ATOM   235 C C   . ILE A 1 30 ? 3.949   4.273   -1.781  1.00 7.22  ? 30  ILE A C   1 
ATOM   236 O O   . ILE A 1 30 ? 3.207   3.546   -1.107  1.00 9.67  ? 30  ILE A O   1 
ATOM   237 C CB  . ILE A 1 30 ? 2.513   6.248   -2.560  1.00 8.02  ? 30  ILE A CB  1 
ATOM   238 C CG1 . ILE A 1 30 ? 2.145   7.124   -3.754  1.00 14.14 ? 30  ILE A CG1 1 
ATOM   239 C CG2 . ILE A 1 30 ? 3.182   7.039   -1.472  1.00 12.15 ? 30  ILE A CG2 1 
ATOM   240 C CD1 . ILE A 1 30 ? 2.582   7.173   -4.899  1.00 20.39 ? 30  ILE A CD1 1 
ATOM   241 N N   . VAL A 1 31 ? 5.239   4.420   -1.519  1.00 6.45  ? 31  VAL A N   1 
ATOM   242 C CA  . VAL A 1 31 ? 5.925   3.671   -0.472  1.00 6.14  ? 31  VAL A CA  1 
ATOM   243 C C   . VAL A 1 31 ? 6.505   4.645   0.533   1.00 6.30  ? 31  VAL A C   1 
ATOM   244 O O   . VAL A 1 31 ? 7.368   5.470   0.180   1.00 6.85  ? 31  VAL A O   1 
ATOM   245 C CB  . VAL A 1 31 ? 7.029   2.831   -1.102  1.00 6.81  ? 31  VAL A CB  1 
ATOM   246 C CG1 . VAL A 1 31 ? 7.838   2.083   -0.013  1.00 8.77  ? 31  VAL A CG1 1 
ATOM   247 C CG2 . VAL A 1 31 ? 6.484   1.826   -2.104  1.00 8.33  ? 31  VAL A CG2 1 
ATOM   248 N N   . LEU A 1 32 ? 6.041   4.577   1.789   1.00 6.60  ? 32  LEU A N   1 
ATOM   249 C CA  . LEU A 1 32 ? 6.467   5.543   2.811   1.00 6.69  ? 32  LEU A CA  1 
ATOM   250 C C   . LEU A 1 32 ? 6.889   4.783   4.063   1.00 6.05  ? 32  LEU A C   1 
ATOM   251 O O   . LEU A 1 32 ? 6.311   3.765   4.395   1.00 6.84  ? 32  LEU A O   1 
ATOM   252 C CB  . LEU A 1 32 ? 5.341   6.463   3.190   1.00 7.26  ? 32  LEU A CB  1 
ATOM   253 C CG  . LEU A 1 32 ? 4.874   7.392   2.059   1.00 8.67  ? 32  LEU A CG  1 
ATOM   254 C CD1 . LEU A 1 32 ? 3.592   8.112   2.454   1.00 10.66 ? 32  LEU A CD1 1 
ATOM   255 C CD2 . LEU A 1 32 ? 5.966   8.435   1.730   1.00 9.62  ? 32  LEU A CD2 1 
ATOM   256 N N   . PRO A 1 33 ? 7.819   5.331   4.834   1.00 7.24  ? 33  PRO A N   1 
ATOM   257 C CA  . PRO A 1 33 ? 8.086   4.741   6.168   1.00 7.51  ? 33  PRO A CA  1 
ATOM   258 C C   . PRO A 1 33 ? 6.872   4.796   7.026   1.00 7.42  ? 33  PRO A C   1 
ATOM   259 O O   . PRO A 1 33 ? 6.135   5.784   7.063   1.00 8.03  ? 33  PRO A O   1 
ATOM   260 C CB  . PRO A 1 33 ? 9.181   5.689   6.747   1.00 9.28  ? 33  PRO A CB  1 
ATOM   261 C CG  . PRO A 1 33 ? 9.836   6.268   5.506   1.00 9.72  ? 33  PRO A CG  1 
ATOM   262 C CD  . PRO A 1 33 ? 8.722   6.480   4.517   1.00 8.40  ? 33  PRO A CD  1 
ATOM   263 N N   . VAL A 1 34 ? 6.656   3.765   7.858   1.00 7.48  ? 34  VAL A N   1 
ATOM   264 C CA  . VAL A 1 34 ? 5.658   3.814   8.916   1.00 7.86  ? 34  VAL A CA  1 
ATOM   265 C C   . VAL A 1 34 ? 5.804   5.110   9.679   1.00 8.46  ? 34  VAL A C   1 
ATOM   266 O O   . VAL A 1 34 ? 6.922   5.520   10.035  1.00 9.26  ? 34  VAL A O   1 
ATOM   267 C CB  . VAL A 1 34 ? 5.820   2.616   9.858   1.00 8.33  ? 34  VAL A CB  1 
ATOM   268 C CG1 . VAL A 1 34 ? 4.947   2.776   11.121  1.00 9.22  ? 34  VAL A CG1 1 
ATOM   269 C CG2 . VAL A 1 34 ? 5.429   1.306   9.160   1.00 9.04  ? 34  VAL A CG2 1 
ATOM   270 N N   . GLY A 1 35 ? 4.668   5.737   9.966   1.00 9.27  ? 35  GLY A N   1 
ATOM   271 C CA  . GLY A 1 35 ? 4.622   6.947   10.751  1.00 10.82 ? 35  GLY A CA  1 
ATOM   272 C C   . GLY A 1 35 ? 4.672   8.262   9.990   1.00 10.56 ? 35  GLY A C   1 
ATOM   273 O O   . GLY A 1 35 ? 4.552   9.322   10.558  1.00 12.88 ? 35  GLY A O   1 
ATOM   274 N N   . THR A 1 36 ? 4.895   8.176   8.673   1.00 9.57  ? 36  THR A N   1 
ATOM   275 C CA  . THR A 1 36 ? 4.922   9.370   7.855   1.00 10.12 ? 36  THR A CA  1 
ATOM   276 C C   . THR A 1 36 ? 3.515   10.007  7.786   1.00 10.69 ? 36  THR A C   1 
ATOM   277 O O   . THR A 1 36 ? 2.551   9.321   7.465   1.00 12.70 ? 36  THR A O   1 
ATOM   278 C CB  . THR A 1 36 ? 5.359   9.009   6.436   1.00 9.11  ? 36  THR A CB  1 
ATOM   279 O OG1 . THR A 1 36 ? 6.619   8.379   6.452   1.00 9.71  ? 36  THR A OG1 1 
ATOM   280 C CG2 . THR A 1 36 ? 5.434   10.217  5.574   1.00 10.98 ? 36  THR A CG2 1 
ATOM   281 N N   . ILE A 1 37 ? 3.431   11.315  8.028   1.00 11.54 ? 37  ILE A N   1 
ATOM   282 C CA  . ILE A 1 37 ? 2.131   12.075  7.935   1.00 12.68 ? 37  ILE A CA  1 
ATOM   283 C C   . ILE A 1 37 ? 1.851   12.433  6.535   1.00 11.03 ? 37  ILE A C   1 
ATOM   284 O O   . ILE A 1 37 ? 2.733   13.009  5.899   1.00 12.17 ? 37  ILE A O   1 
ATOM   285 C CB  . ILE A 1 37 ? 2.178   13.284  8.842   1.00 16.20 ? 37  ILE A CB  1 
ATOM   286 C CG1 . ILE A 1 37 ? 2.460   12.851  10.294  1.00 21.57 ? 37  ILE A CG1 1 
ATOM   287 C CG2 . ILE A 1 37 ? 0.889   14.123  8.677   1.00 17.99 ? 37  ILE A CG2 1 
ATOM   288 C CD1 . ILE A 1 37 ? 1.788   11.709  10.946  1.00 34.16 ? 37  ILE A CD1 1 
ATOM   289 N N   . VAL A 1 38 ? 0.628   12.110  6.072   1.00 11.02 ? 38  VAL A N   1 
ATOM   290 C CA  . VAL A 1 38 ? 0.218   12.398  4.728   1.00 11.16 ? 38  VAL A CA  1 
ATOM   291 C C   . VAL A 1 38 ? -0.825  13.502  4.696   1.00 11.59 ? 38  VAL A C   1 
ATOM   292 O O   . VAL A 1 38 ? -1.441  13.797  5.717   1.00 14.27 ? 38  VAL A O   1 
ATOM   293 C CB  . VAL A 1 38 ? -0.328  11.076  4.063   1.00 11.75 ? 38  VAL A CB  1 
ATOM   294 C CG1 . VAL A 1 38 ? 0.803   10.060  3.961   1.00 13.52 ? 38  VAL A CG1 1 
ATOM   295 C CG2 . VAL A 1 38 ? -1.556  10.569  4.736   1.00 13.94 ? 38  VAL A CG2 1 
ATOM   296 N N   . THR A 1 39 ? -0.988  14.079  3.558   1.00 13.84 ? 39  THR A N   1 
ATOM   297 C CA  . THR A 1 39 ? -2.061  15.078  3.403   1.00 14.29 ? 39  THR A CA  1 
ATOM   298 C C   . THR A 1 39 ? -3.396  14.361  3.269   1.00 16.42 ? 39  THR A C   1 
ATOM   299 O O   . THR A 1 39 ? -3.494  13.113  3.153   1.00 19.79 ? 39  THR A O   1 
ATOM   300 C CB  . THR A 1 39 ? -1.790  15.946  2.169   1.00 18.64 ? 39  THR A CB  1 
ATOM   301 O OG1 . THR A 1 39 ? -1.828  15.164  1.016   1.00 24.53 ? 39  THR A OG1 1 
ATOM   302 C CG2 . THR A 1 39 ? -0.522  16.732  2.254   1.00 19.09 ? 39  THR A CG2 1 
ATOM   303 N N   . MET A 1 40 ? -4.499  15.087  3.478   1.00 18.39 ? 40  MET A N   1 
ATOM   304 C CA  . MET A 1 40 ? -5.851  14.572  3.481   1.00 18.52 ? 40  MET A CA  1 
ATOM   305 C C   . MET A 1 40 ? -6.602  14.276  2.205   1.00 19.10 ? 40  MET A C   1 
ATOM   306 O O   . MET A 1 40 ? -7.675  13.712  2.271   1.00 27.64 ? 40  MET A O   1 
ATOM   307 C CB  . MET A 1 40 ? -6.684  15.488  4.388   1.00 20.18 ? 40  MET A CB  1 
ATOM   308 C CG  . MET A 1 40 ? -6.218  15.511  5.798   1.00 24.25 ? 40  MET A CG  1 
ATOM   309 S SD  . MET A 1 40 ? -7.332  16.506  6.889   1.00 32.15 ? 40  MET A SD  1 
ATOM   310 C CE  . MET A 1 40 ? -7.460  18.090  5.936   1.00 39.26 ? 40  MET A CE  1 
ATOM   311 N N   . GLU A 1 41 ? -6.113  14.540  1.090   1.00 16.63 ? 41  GLU A N   1 
ATOM   312 C CA  . GLU A 1 41 ? -6.859  14.420  -0.158  1.00 19.23 ? 41  GLU A CA  1 
ATOM   313 C C   . GLU A 1 41 ? -6.960  12.920  -0.570  1.00 16.07 ? 41  GLU A C   1 
ATOM   314 O O   . GLU A 1 41 ? -6.016  12.144  -0.349  1.00 17.29 ? 41  GLU A O   1 
ATOM   315 C CB  . GLU A 1 41 ? -6.320  15.384  -1.190  1.00 19.14 ? 41  GLU A CB  1 
ATOM   316 C CG  . GLU A 1 41 ? -6.367  16.878  -0.603  1.00 29.04 ? 41  GLU A CG  1 
ATOM   317 C CD  . GLU A 1 41 ? -5.710  17.887  -1.491  1.00 35.44 ? 41  GLU A CD  1 
ATOM   318 O OE1 . GLU A 1 41 ? -4.538  18.349  -1.199  1.00 47.88 ? 41  GLU A OE1 1 
ATOM   319 O OE2 . GLU A 1 41 ? -6.447  18.157  -2.479  1.00 40.85 ? 41  GLU A OE2 1 
ATOM   320 N N   . TYR A 1 42 ? -8.066  12.598  -1.080  1.00 17.17 ? 42  TYR A N   1 
ATOM   321 C CA  . TYR A 1 42 ? -8.432  11.227  -1.445  1.00 14.43 ? 42  TYR A CA  1 
ATOM   322 C C   . TYR A 1 42 ? -8.153  10.967  -2.865  1.00 15.28 ? 42  TYR A C   1 
ATOM   323 O O   . TYR A 1 42 ? -8.610  11.770  -3.738  1.00 19.10 ? 42  TYR A O   1 
ATOM   324 C CB  . TYR A 1 42 ? -9.922  11.040  -1.085  1.00 20.17 ? 42  TYR A CB  1 
ATOM   325 C CG  . TYR A 1 42 ? -10.411 9.644   -1.452  1.00 17.69 ? 42  TYR A CG  1 
ATOM   326 C CD1 . TYR A 1 42 ? -9.970  8.542   -0.696  1.00 16.61 ? 42  TYR A CD1 1 
ATOM   327 C CD2 . TYR A 1 42 ? -11.295 9.437   -2.474  1.00 18.28 ? 42  TYR A CD2 1 
ATOM   328 C CE1 . TYR A 1 42 ? -10.478 7.222   -0.924  1.00 16.26 ? 42  TYR A CE1 1 
ATOM   329 C CE2 . TYR A 1 42 ? -11.767 8.121   -2.775  1.00 18.39 ? 42  TYR A CE2 1 
ATOM   330 C CZ  . TYR A 1 42 ? -11.404 7.065   -1.948  1.00 15.10 ? 42  TYR A CZ  1 
ATOM   331 O OH  . TYR A 1 42 ? -11.946 5.794   -2.197  1.00 18.17 ? 42  TYR A OH  1 
ATOM   332 N N   . ARG A 1 43 ? -7.450  9.867   -3.191  1.00 11.56 ? 43  ARG A N   1 
ATOM   333 C CA  . ARG A 1 43 ? -7.264  9.397   -4.495  1.00 11.57 ? 43  ARG A CA  1 
ATOM   334 C C   . ARG A 1 43 ? -7.666  7.953   -4.523  1.00 11.13 ? 43  ARG A C   1 
ATOM   335 O O   . ARG A 1 43 ? -6.956  7.082   -4.008  1.00 11.62 ? 43  ARG A O   1 
ATOM   336 C CB  . ARG A 1 43 ? -5.815  9.562   -4.910  1.00 12.74 ? 43  ARG A CB  1 
ATOM   337 C CG  . ARG A 1 43 ? -5.489  11.057  -5.238  1.00 15.73 ? 43  ARG A CG  1 
ATOM   338 C CD  . ARG A 1 43 ? -5.990  11.348  -6.679  1.00 17.29 ? 43  ARG A CD  1 
ATOM   339 N NE  . ARG A 1 43 ? -5.348  10.644  -7.796  1.00 16.85 ? 43  ARG A NE  1 
ATOM   340 C CZ  . ARG A 1 43 ? -4.469  11.126  -8.614  1.00 15.23 ? 43  ARG A CZ  1 
ATOM   341 N NH1 . ARG A 1 43 ? -4.132  12.399  -8.560  1.00 18.46 ? 43  ARG A NH1 1 
ATOM   342 N NH2 . ARG A 1 43 ? -3.926  10.237  -9.501  1.00 17.82 ? 43  ARG A NH2 1 
ATOM   343 N N   . ILE A 1 44 ? -8.752  7.694   -5.258  1.00 12.68 ? 44  ILE A N   1 
ATOM   344 C CA  . ILE A 1 44 ? -9.301  6.336   -5.359  1.00 12.40 ? 44  ILE A CA  1 
ATOM   345 C C   . ILE A 1 44 ? -8.336  5.392   -6.002  1.00 11.31 ? 44  ILE A C   1 
ATOM   346 O O   . ILE A 1 44 ? -8.463  4.191   -5.917  1.00 13.37 ? 44  ILE A O   1 
ATOM   347 C CB  . ILE A 1 44 ? -10.670 6.413   -6.087  1.00 14.72 ? 44  ILE A CB  1 
ATOM   348 C CG1 . ILE A 1 44 ? -11.501 5.151   -5.840  1.00 15.50 ? 44  ILE A CG1 1 
ATOM   349 C CG2 . ILE A 1 44 ? -10.560 6.772   -7.541  1.00 15.53 ? 44  ILE A CG2 1 
ATOM   350 C CD1 . ILE A 1 44 ? -12.964 5.280   -6.280  1.00 17.67 ? 44  ILE A CD1 1 
ATOM   351 N N   . ASP A 1 45 ? -7.405  5.919   -6.831  1.00 11.01 ? 45  ASP A N   1 
ATOM   352 C CA  . ASP A 1 45 ? -6.454  5.138   -7.587  1.00 10.49 ? 45  ASP A CA  1 
ATOM   353 C C   . ASP A 1 45 ? -5.152  4.879   -6.828  1.00 9.71  ? 45  ASP A C   1 
ATOM   354 O O   . ASP A 1 45 ? -4.315  4.129   -7.338  1.00 10.56 ? 45  ASP A O   1 
ATOM   355 C CB  . ASP A 1 45 ? -6.142  5.742   -8.961  1.00 12.28 ? 45  ASP A CB  1 
ATOM   356 C CG  . ASP A 1 45 ? -5.669  7.131   -8.937  1.00 13.25 ? 45  ASP A CG  1 
ATOM   357 O OD1 . ASP A 1 45 ? -6.046  7.903   -8.040  1.00 14.16 ? 45  ASP A OD1 1 
ATOM   358 O OD2 . ASP A 1 45 ? -4.881  7.469   -9.853  1.00 18.82 ? 45  ASP A OD2 1 
ATOM   359 N N   . ARG A 1 46 ? -4.942  5.527   -5.701  1.00 9.04  ? 46  ARG A N   1 
ATOM   360 C CA  . ARG A 1 46 ? -3.693  5.406   -4.940  1.00 8.91  ? 46  ARG A CA  1 
ATOM   361 C C   . ARG A 1 46 ? -3.782  4.333   -3.884  1.00 8.17  ? 46  ARG A C   1 
ATOM   362 O O   . ARG A 1 46 ? -4.794  4.182   -3.212  1.00 9.35  ? 46  ARG A O   1 
ATOM   363 C CB  . ARG A 1 46 ? -3.336  6.746   -4.315  1.00 8.98  ? 46  ARG A CB  1 
ATOM   364 C CG  . ARG A 1 46 ? -2.076  6.768   -3.450  1.00 8.42  ? 46  ARG A CG  1 
ATOM   365 C CD  . ARG A 1 46 ? -1.633  8.160   -3.032  1.00 9.23  ? 46  ARG A CD  1 
ATOM   366 N NE  . ARG A 1 46 ? -2.680  8.800   -2.274  1.00 9.50  ? 46  ARG A NE  1 
ATOM   367 C CZ  . ARG A 1 46 ? -2.884  10.109  -2.278  1.00 9.94  ? 46  ARG A CZ  1 
ATOM   368 N NH1 . ARG A 1 46 ? -2.053  10.943  -2.837  1.00 11.06 ? 46  ARG A NH1 1 
ATOM   369 N NH2 . ARG A 1 46 ? -3.990  10.549  -1.743  1.00 11.18 ? 46  ARG A NH2 1 
ATOM   370 N N   . VAL A 1 47 ? -2.670  3.615   -3.740  1.00 8.52  ? 47  VAL A N   1 
ATOM   371 C CA  . VAL A 1 47 ? -2.504  2.697   -2.590  1.00 8.27  ? 47  VAL A CA  1 
ATOM   372 C C   . VAL A 1 47 ? -1.148  3.000   -1.954  1.00 7.98  ? 47  VAL A C   1 
ATOM   373 O O   . VAL A 1 47 ? -0.101  2.783   -2.595  1.00 9.12  ? 47  VAL A O   1 
ATOM   374 C CB  . VAL A 1 47 ? -2.608  1.202   -2.951  1.00 9.40  ? 47  VAL A CB  1 
ATOM   375 C CG1 . VAL A 1 47 ? -2.462  0.373   -1.695  1.00 9.39  ? 47  VAL A CG1 1 
ATOM   376 C CG2 . VAL A 1 47 ? -3.959  0.918   -3.644  1.00 10.21 ? 47  VAL A CG2 1 
ATOM   377 N N   A ARG A 1 48 ? -1.128  3.425   -0.736  0.50 8.36  ? 48  ARG A N   1 
ATOM   378 N N   B ARG A 1 48 ? -1.135  3.499   -0.753  0.50 8.23  ? 48  ARG A N   1 
ATOM   379 C CA  A ARG A 1 48 ? 0.111   3.631   -0.007  0.50 8.12  ? 48  ARG A CA  1 
ATOM   380 C CA  B ARG A 1 48 ? 0.091   3.715   0.020   0.50 8.09  ? 48  ARG A CA  1 
ATOM   381 C C   A ARG A 1 48 ? 0.491   2.354   0.722   0.50 8.21  ? 48  ARG A C   1 
ATOM   382 C C   B ARG A 1 48 ? 0.488   2.436   0.777   0.50 8.12  ? 48  ARG A C   1 
ATOM   383 O O   A ARG A 1 48 ? -0.332  1.668   1.343   0.50 9.91  ? 48  ARG A O   1 
ATOM   384 O O   B ARG A 1 48 ? -0.345  1.849   1.501   0.50 10.15 ? 48  ARG A O   1 
ATOM   385 C CB  A ARG A 1 48 ? -0.035  4.756   0.988   0.50 9.07  ? 48  ARG A CB  1 
ATOM   386 C CB  B ARG A 1 48 ? -0.072  4.840   1.052   0.50 8.58  ? 48  ARG A CB  1 
ATOM   387 C CG  A ARG A 1 48 ? -0.293  6.088   0.286   0.50 10.17 ? 48  ARG A CG  1 
ATOM   388 C CG  B ARG A 1 48 ? -0.360  6.201   0.450   0.50 9.45  ? 48  ARG A CG  1 
ATOM   389 C CD  A ARG A 1 48 ? -0.326  7.241   1.247   0.50 10.85 ? 48  ARG A CD  1 
ATOM   390 C CD  B ARG A 1 48 ? -0.400  7.220   1.564   0.50 12.02 ? 48  ARG A CD  1 
ATOM   391 N NE  A ARG A 1 48 ? -1.647  7.410   1.742   0.50 12.49 ? 48  ARG A NE  1 
ATOM   392 N NE  B ARG A 1 48 ? -0.859  8.540   1.122   0.50 13.10 ? 48  ARG A NE  1 
ATOM   393 C CZ  A ARG A 1 48 ? -2.461  8.442   1.596   0.50 14.84 ? 48  ARG A CZ  1 
ATOM   394 C CZ  B ARG A 1 48 ? -2.120  8.891   1.317   0.50 14.02 ? 48  ARG A CZ  1 
ATOM   395 N NH1 A ARG A 1 48 ? -2.020  9.583   1.064   0.50 15.35 ? 48  ARG A NH1 1 
ATOM   396 N NH1 B ARG A 1 48 ? -2.950  8.054   2.047   0.50 14.09 ? 48  ARG A NH1 1 
ATOM   397 N NH2 A ARG A 1 48 ? -3.692  8.301   2.118   0.50 18.87 ? 48  ARG A NH2 1 
ATOM   398 N NH2 B ARG A 1 48 ? -2.460  10.105  1.043   0.50 21.26 ? 48  ARG A NH2 1 
ATOM   399 N N   . LEU A 1 49 ? 1.757   2.071   0.661   1.00 6.97  ? 49  LEU A N   1 
ATOM   400 C CA  . LEU A 1 49 ? 2.402   1.020   1.456   1.00 7.27  ? 49  LEU A CA  1 
ATOM   401 C C   . LEU A 1 49 ? 3.256   1.699   2.502   1.00 6.90  ? 49  LEU A C   1 
ATOM   402 O O   . LEU A 1 49 ? 4.165   2.466   2.182   1.00 8.67  ? 49  LEU A O   1 
ATOM   403 C CB  . LEU A 1 49 ? 3.329   0.157   0.591   1.00 7.82  ? 49  LEU A CB  1 
ATOM   404 C CG  . LEU A 1 49 ? 2.653   -0.509  -0.598  1.00 7.79  ? 49  LEU A CG  1 
ATOM   405 C CD1 . LEU A 1 49 ? 3.647   -1.307  -1.366  1.00 9.76  ? 49  LEU A CD1 1 
ATOM   406 C CD2 . LEU A 1 49 ? 1.486   -1.405  -0.185  1.00 9.47  ? 49  LEU A CD2 1 
ATOM   407 N N   . PHE A 1 50 ? 2.960   1.437   3.769   1.00 6.87  ? 50  PHE A N   1 
ATOM   408 C CA  . PHE A 1 50 ? 3.767   1.922   4.900   1.00 6.69  ? 50  PHE A CA  1 
ATOM   409 C C   . PHE A 1 50 ? 4.649   0.792   5.318   1.00 6.62  ? 50  PHE A C   1 
ATOM   410 O O   . PHE A 1 50 ? 4.181   -0.277  5.740   1.00 7.42  ? 50  PHE A O   1 
ATOM   411 C CB  . PHE A 1 50 ? 2.859   2.460   6.024   1.00 7.30  ? 50  PHE A CB  1 
ATOM   412 C CG  . PHE A 1 50 ? 2.175   3.750   5.657   1.00 7.57  ? 50  PHE A CG  1 
ATOM   413 C CD1 . PHE A 1 50 ? 0.923   3.762   5.026   1.00 8.95  ? 50  PHE A CD1 1 
ATOM   414 C CD2 . PHE A 1 50 ? 2.768   4.942   5.940   1.00 8.23  ? 50  PHE A CD2 1 
ATOM   415 C CE1 . PHE A 1 50 ? 0.326   4.955   4.688   1.00 10.63 ? 50  PHE A CE1 1 
ATOM   416 C CE2 . PHE A 1 50 ? 2.154   6.126   5.559   1.00 9.32  ? 50  PHE A CE2 1 
ATOM   417 C CZ  . PHE A 1 50 ? 0.937   6.140   4.975   1.00 10.18 ? 50  PHE A CZ  1 
ATOM   418 N N   . VAL A 1 51 ? 5.961   1.012   5.155   1.00 6.57  ? 51  VAL A N   1 
ATOM   419 C CA  . VAL A 1 51 ? 6.953   -0.073  5.241   1.00 6.84  ? 51  VAL A CA  1 
ATOM   420 C C   . VAL A 1 51 ? 7.900   0.125   6.386   1.00 6.68  ? 51  VAL A C   1 
ATOM   421 O O   . VAL A 1 51 ? 8.083   1.226   6.932   1.00 7.41  ? 51  VAL A O   1 
ATOM   422 C CB  . VAL A 1 51 ? 7.732   -0.208  3.917   1.00 7.39  ? 51  VAL A CB  1 
ATOM   423 C CG1 . VAL A 1 51 ? 6.760   -0.529  2.799   1.00 8.34  ? 51  VAL A CG1 1 
ATOM   424 C CG2 . VAL A 1 51 ? 8.617   0.999   3.597   1.00 7.80  ? 51  VAL A CG2 1 
ATOM   425 N N   . ASP A 1 52 ? 8.501   -1.001  6.788   1.00 6.45  ? 52  ASP A N   1 
ATOM   426 C CA  . ASP A 1 52 ? 9.428   -1.047  7.882   1.00 6.51  ? 52  ASP A CA  1 
ATOM   427 C C   . ASP A 1 52 ? 10.863  -0.825  7.401   1.00 6.96  ? 52  ASP A C   1 
ATOM   428 O O   . ASP A 1 52 ? 11.111  -0.447  6.261   1.00 7.56  ? 52  ASP A O   1 
ATOM   429 C CB  . ASP A 1 52 ? 9.241   -2.354  8.661   1.00 6.97  ? 52  ASP A CB  1 
ATOM   430 C CG  . ASP A 1 52 ? 9.821   -3.571  8.055   1.00 6.59  ? 52  ASP A CG  1 
ATOM   431 O OD1 . ASP A 1 52 ? 10.385  -3.509  6.954   1.00 7.31  ? 52  ASP A OD1 1 
ATOM   432 O OD2 . ASP A 1 52 ? 9.726   -4.646  8.753   1.00 7.94  ? 52  ASP A OD2 1 
ATOM   433 N N   . LYS A 1 53 ? 11.823  -0.982  8.324   1.00 7.58  ? 53  LYS A N   1 
ATOM   434 C CA  . LYS A 1 53 ? 13.243  -0.709  8.027   1.00 8.11  ? 53  LYS A CA  1 
ATOM   435 C C   . LYS A 1 53 ? 13.757  -1.604  6.960   1.00 8.62  ? 53  LYS A C   1 
ATOM   436 O O   . LYS A 1 53 ? 14.751  -1.270  6.310   1.00 10.60 ? 53  LYS A O   1 
ATOM   437 C CB  . LYS A 1 53 ? 14.061  -0.821  9.367   1.00 11.53 ? 53  LYS A CB  1 
ATOM   438 C CG  . LYS A 1 53 ? 15.444  -0.292  9.357   1.00 13.04 ? 53  LYS A CG  1 
ATOM   439 C CD  . LYS A 1 53 ? 16.086  -0.376  10.755  1.00 14.36 ? 53  LYS A CD  1 
ATOM   440 C CE  . LYS A 1 53 ? 17.477  0.142   10.709  1.00 17.18 ? 53  LYS A CE  1 
ATOM   441 N NZ  . LYS A 1 53 ? 18.107  0.022   11.960  1.00 17.25 ? 53  LYS A NZ  1 
ATOM   442 N N   . LEU A 1 54 ? 13.157  -2.756  6.761   1.00 8.63  ? 54  LEU A N   1 
ATOM   443 C CA  . LEU A 1 54 ? 13.522  -3.784  5.792   1.00 9.35  ? 54  LEU A CA  1 
ATOM   444 C C   . LEU A 1 54 ? 12.666  -3.734  4.531   1.00 9.40  ? 54  LEU A C   1 
ATOM   445 O O   . LEU A 1 54 ? 12.720  -4.654  3.709   1.00 11.01 ? 54  LEU A O   1 
ATOM   446 C CB  . LEU A 1 54 ? 13.534  -5.143  6.451   1.00 9.27  ? 54  LEU A CB  1 
ATOM   447 C CG  . LEU A 1 54 ? 14.546  -5.268  7.584   1.00 11.59 ? 54  LEU A CG  1 
ATOM   448 C CD1 . LEU A 1 54 ? 14.336  -6.578  8.312   1.00 12.42 ? 54  LEU A CD1 1 
ATOM   449 C CD2 . LEU A 1 54 ? 15.972  -5.174  7.036   1.00 14.60 ? 54  LEU A CD2 1 
ATOM   450 N N   . ASP A 1 55 ? 11.857  -2.689  4.389   1.00 8.81  ? 55  ASP A N   1 
ATOM   451 C CA  . ASP A 1 55 ? 11.005  -2.534  3.218   1.00 9.47  ? 55  ASP A CA  1 
ATOM   452 C C   . ASP A 1 55 ? 9.935   -3.605  3.125   1.00 9.59  ? 55  ASP A C   1 
ATOM   453 O O   . ASP A 1 55 ? 9.471   -3.895  2.027   1.00 13.73 ? 55  ASP A O   1 
ATOM   454 C CB  . ASP A 1 55 ? 11.861  -2.393  1.910   1.00 11.12 ? 55  ASP A CB  1 
ATOM   455 C CG  . ASP A 1 55 ? 12.499  -1.142  1.881   1.00 14.93 ? 55  ASP A CG  1 
ATOM   456 O OD1 . ASP A 1 55 ? 11.756  -0.098  1.976   1.00 16.77 ? 55  ASP A OD1 1 
ATOM   457 O OD2 . ASP A 1 55 ? 13.728  -1.161  1.783   1.00 21.14 ? 55  ASP A OD2 1 
ATOM   458 N N   . ASN A 1 56 ? 9.482   -4.121  4.271   1.00 8.16  ? 56  ASN A N   1 
ATOM   459 C CA  . ASN A 1 56 ? 8.296   -4.962  4.332   1.00 8.06  ? 56  ASN A CA  1 
ATOM   460 C C   . ASN A 1 56 ? 7.098   -4.117  4.760   1.00 6.99  ? 56  ASN A C   1 
ATOM   461 O O   . ASN A 1 56 ? 7.180   -3.215  5.537   1.00 7.47  ? 56  ASN A O   1 
ATOM   462 C CB  . ASN A 1 56 ? 8.530   -6.164  5.242   1.00 9.52  ? 56  ASN A CB  1 
ATOM   463 C CG  . ASN A 1 56 ? 9.528   -7.097  4.651   1.00 10.99 ? 56  ASN A CG  1 
ATOM   464 O OD1 . ASN A 1 56 ? 9.555   -7.359  3.444   1.00 12.98 ? 56  ASN A OD1 1 
ATOM   465 N ND2 . ASN A 1 56 ? 10.323  -7.665  5.548   1.00 13.01 ? 56  ASN A ND2 1 
ATOM   466 N N   . VAL A 1 57 ? 5.941   -4.514  4.178   1.00 8.22  ? 57  VAL A N   1 
ATOM   467 C CA  . VAL A 1 57 ? 4.667   -3.832  4.500   1.00 7.40  ? 57  VAL A CA  1 
ATOM   468 C C   . VAL A 1 57 ? 4.311   -4.075  5.961   1.00 7.15  ? 57  VAL A C   1 
ATOM   469 O O   . VAL A 1 57 ? 4.200   -5.225  6.411   1.00 8.97  ? 57  VAL A O   1 
ATOM   470 C CB  . VAL A 1 57 ? 3.590   -4.333  3.547   1.00 7.78  ? 57  VAL A CB  1 
ATOM   471 C CG1 . VAL A 1 57 ? 2.221   -3.759  3.936   1.00 8.89  ? 57  VAL A CG1 1 
ATOM   472 C CG2 . VAL A 1 57 ? 3.936   -3.993  2.104   1.00 9.29  ? 57  VAL A CG2 1 
ATOM   473 N N   . ALA A 1 58 ? 4.103   -2.984  6.707   1.00 6.99  ? 58  ALA A N   1 
ATOM   474 C CA  . ALA A 1 58 ? 3.996   -3.081  8.145   1.00 7.07  ? 58  ALA A CA  1 
ATOM   475 C C   . ALA A 1 58 ? 2.621   -2.963  8.686   1.00 8.02  ? 58  ALA A C   1 
ATOM   476 O O   . ALA A 1 58 ? 2.411   -3.219  9.882   1.00 9.69  ? 58  ALA A O   1 
ATOM   477 C CB  . ALA A 1 58 ? 4.879   -2.000  8.743   1.00 8.23  ? 58  ALA A CB  1 
ATOM   478 N N   . GLN A 1 59 ? 1.666   -2.584  7.836   1.00 8.06  ? 59  GLN A N   1 
ATOM   479 C CA  . GLN A 1 59 ? 0.277   -2.335  8.222   1.00 9.12  ? 59  GLN A CA  1 
ATOM   480 C C   . GLN A 1 59 ? -0.578  -2.519  7.000   1.00 8.80  ? 59  GLN A C   1 
ATOM   481 O O   . GLN A 1 59 ? -0.057  -2.474  5.875   1.00 9.15  ? 59  GLN A O   1 
ATOM   482 C CB  . GLN A 1 59 ? 0.112   -0.943  8.822   1.00 10.00 ? 59  GLN A CB  1 
ATOM   483 C CG  . GLN A 1 59 ? 0.427   0.127   7.842   1.00 10.74 ? 59  GLN A CG  1 
ATOM   484 C CD  . GLN A 1 59 ? 0.473   1.543   8.391   1.00 11.99 ? 59  GLN A CD  1 
ATOM   485 O OE1 . GLN A 1 59 ? 1.294   1.876   9.265   1.00 12.81 ? 59  GLN A OE1 1 
ATOM   486 N NE2 . GLN A 1 59 ? -0.397  2.406   7.835   1.00 13.53 ? 59  GLN A NE2 1 
ATOM   487 N N   . VAL A 1 60 ? -1.884  -2.741  7.163   1.00 8.98  ? 60  VAL A N   1 
ATOM   488 C CA  A VAL A 1 60 ? -2.734  -3.084  6.039   0.50 8.88  ? 60  VAL A CA  1 
ATOM   489 C CA  B VAL A 1 60 ? -2.727  -3.085  6.012   0.50 9.29  ? 60  VAL A CA  1 
ATOM   490 C C   . VAL A 1 60 ? -2.792  -1.910  5.019   1.00 8.52  ? 60  VAL A C   1 
ATOM   491 O O   . VAL A 1 60 ? -3.238  -0.817  5.375   1.00 10.21 ? 60  VAL A O   1 
ATOM   492 C CB  A VAL A 1 60 ? -4.122  -3.420  6.631   0.50 10.39 ? 60  VAL A CB  1 
ATOM   493 C CB  B VAL A 1 60 ? -4.191  -3.406  6.446   0.50 10.05 ? 60  VAL A CB  1 
ATOM   494 C CG1 A VAL A 1 60 ? -5.200  -3.473  5.529   0.50 8.43  ? 60  VAL A CG1 1 
ATOM   495 C CG1 B VAL A 1 60 ? -4.879  -2.261  7.362   0.50 10.83 ? 60  VAL A CG1 1 
ATOM   496 C CG2 A VAL A 1 60 ? -4.005  -4.741  7.524   0.50 11.24 ? 60  VAL A CG2 1 
ATOM   497 C CG2 B VAL A 1 60 ? -4.976  -3.934  5.215   0.50 8.92  ? 60  VAL A CG2 1 
ATOM   498 N N   . PRO A 1 61 ? -2.416  -2.190  3.752   1.00 8.37  ? 61  PRO A N   1 
ATOM   499 C CA  . PRO A 1 61 ? -2.594  -1.191  2.706   1.00 8.60  ? 61  PRO A CA  1 
ATOM   500 C C   . PRO A 1 61 ? -4.066  -0.926  2.427   1.00 9.20  ? 61  PRO A C   1 
ATOM   501 O O   . PRO A 1 61 ? -4.846  -1.914  2.375   1.00 10.43 ? 61  PRO A O   1 
ATOM   502 C CB  . PRO A 1 61 ? -1.878  -1.778  1.465   1.00 9.63  ? 61  PRO A CB  1 
ATOM   503 C CG  . PRO A 1 61 ? -0.892  -2.790  2.031   1.00 9.05  ? 61  PRO A CG  1 
ATOM   504 C CD  . PRO A 1 61 ? -1.669  -3.318  3.266   1.00 8.51  ? 61  PRO A CD  1 
ATOM   505 N N   . ARG A 1 62 ? -4.431  0.323   2.157   1.00 9.70  ? 62  ARG A N   1 
ATOM   506 C CA  . ARG A 1 62 ? -5.777  0.674   1.766   1.00 10.20 ? 62  ARG A CA  1 
ATOM   507 C C   . ARG A 1 62 ? -5.755  1.668   0.659   1.00 10.01 ? 62  ARG A C   1 
ATOM   508 O O   . ARG A 1 62 ? -4.803  2.427   0.501   1.00 10.87 ? 62  ARG A O   1 
ATOM   509 C CB  . ARG A 1 62 ? -6.531  1.226   2.935   1.00 14.09 ? 62  ARG A CB  1 
ATOM   510 C CG  . ARG A 1 62 ? -6.703  0.341   4.139   1.00 19.50 ? 62  ARG A CG  1 
ATOM   511 C CD  . ARG A 1 62 ? -7.810  0.874   5.099   1.00 27.66 ? 62  ARG A CD  1 
ATOM   512 N NE  . ARG A 1 62 ? -8.207  -0.092  6.074   1.00 35.84 ? 62  ARG A NE  1 
ATOM   513 C CZ  . ARG A 1 62 ? -7.586  -0.200  7.218   1.00 43.23 ? 62  ARG A CZ  1 
ATOM   514 N NH1 . ARG A 1 62 ? -6.582  0.624   7.487   1.00 51.52 ? 62  ARG A NH1 1 
ATOM   515 N NH2 . ARG A 1 62 ? -8.036  -1.081  8.127   1.00 51.00 ? 62  ARG A NH2 1 
ATOM   516 N N   . VAL A 1 63 ? -6.850  1.707   -0.124  1.00 10.52 ? 63  VAL A N   1 
ATOM   517 C CA  . VAL A 1 63 ? -7.022  2.777   -1.107  1.00 10.30 ? 63  VAL A CA  1 
ATOM   518 C C   . VAL A 1 63 ? -7.090  4.102   -0.462  1.00 10.56 ? 63  VAL A C   1 
ATOM   519 O O   . VAL A 1 63 ? -7.766  4.262   0.566   1.00 12.20 ? 63  VAL A O   1 
ATOM   520 C CB  . VAL A 1 63 ? -8.252  2.469   -1.976  1.00 13.33 ? 63  VAL A CB  1 
ATOM   521 C CG1 . VAL A 1 63 ? -8.746  3.669   -2.764  1.00 14.08 ? 63  VAL A CG1 1 
ATOM   522 C CG2 . VAL A 1 63 ? -8.051  1.204   -2.775  1.00 12.05 ? 63  VAL A CG2 1 
ATOM   523 N N   . GLY A 1 64 ? -6.570  5.157   -1.116  1.00 10.66 ? 64  GLY A N   1 
ATOM   524 C CA  . GLY A 1 64 ? -6.850  6.501   -0.766  1.00 10.75 ? 64  GLY A CA  1 
ATOM   525 C C   . GLY A 1 64 ? -5.662  7.468   -0.994  1.00 10.41 ? 64  GLY A C   1 
ATOM   526 O O   . GLY A 1 64 ? -4.500  6.980   -1.120  1.00 10.24 ? 64  GLY A O   1 
ATOM   527 O OXT . GLY A 1 64 ? -5.933  8.685   -0.986  1.00 11.49 ? 64  GLY A OXT 1 
HETATM 528 O O   . HOH B 2 .  ? -2.448  2.388   2.918   1.00 10.79 ? 101 HOH A O   1 
HETATM 529 O O   . HOH B 2 .  ? 15.298  0.837   1.238   1.00 26.11 ? 102 HOH A O   1 
HETATM 530 O O   . HOH B 2 .  ? -1.892  12.749  0.032   1.00 22.03 ? 103 HOH A O   1 
HETATM 531 O O   . HOH B 2 .  ? 11.612  -6.705  1.956   1.00 42.21 ? 104 HOH A O   1 
HETATM 532 O O   . HOH B 2 .  ? 1.317   -10.305 -11.725 1.00 38.67 ? 105 HOH A O   1 
HETATM 533 O O   . HOH B 2 .  ? -9.762  3.632   -9.147  1.00 23.36 ? 106 HOH A O   1 
HETATM 534 O O   . HOH B 2 .  ? -4.777  11.206  1.777   1.00 26.02 ? 107 HOH A O   1 
HETATM 535 O O   . HOH B 2 .  ? 10.433  -7.165  8.403   1.00 11.92 ? 108 HOH A O   1 
HETATM 536 O O   . HOH B 2 .  ? 4.664   9.670   13.177  1.00 25.86 ? 109 HOH A O   1 
HETATM 537 O O   . HOH B 2 .  ? -7.510  -10.060 -8.551  1.00 30.73 ? 110 HOH A O   1 
HETATM 538 O O   . HOH B 2 .  ? -7.897  -9.652  1.215   1.00 26.53 ? 111 HOH A O   1 
HETATM 539 O O   . HOH B 2 .  ? -7.977  14.211  -4.621  1.00 36.13 ? 112 HOH A O   1 
HETATM 540 O O   . HOH B 2 .  ? 12.376  -7.547  -4.350  1.00 31.95 ? 113 HOH A O   1 
HETATM 541 O O   . HOH B 2 .  ? -3.569  4.793   0.185   1.00 10.85 ? 114 HOH A O   1 
HETATM 542 O O   . HOH B 2 .  ? -11.899 3.905   -0.281  1.00 24.42 ? 115 HOH A O   1 
HETATM 543 O O   . HOH B 2 .  ? -10.546 12.311  -5.535  1.00 24.56 ? 116 HOH A O   1 
HETATM 544 O O   . HOH B 2 .  ? 6.414   -6.097  -8.166  1.00 20.93 ? 117 HOH A O   1 
HETATM 545 O O   . HOH B 2 .  ? -1.492  -2.291  -14.461 1.00 28.41 ? 118 HOH A O   1 
HETATM 546 O O   . HOH B 2 .  ? 8.211   7.502   11.382  1.00 19.81 ? 119 HOH A O   1 
HETATM 547 O O   . HOH B 2 .  ? -5.198  -11.065 -5.231  1.00 30.80 ? 120 HOH A O   1 
HETATM 548 O O   . HOH B 2 .  ? 17.439  -1.626  6.070   1.00 27.26 ? 121 HOH A O   1 
HETATM 549 O O   . HOH B 2 .  ? -5.436  -8.079  -13.362 1.00 28.41 ? 122 HOH A O   1 
HETATM 550 O O   . HOH B 2 .  ? 16.772  1.853   13.471  1.00 16.50 ? 123 HOH A O   1 
HETATM 551 O O   . HOH B 2 .  ? 1.218   7.387   8.852   1.00 29.37 ? 124 HOH A O   1 
HETATM 552 O O   . HOH B 2 .  ? -9.134  -0.947  -5.762  1.00 17.09 ? 125 HOH A O   1 
HETATM 553 O O   . HOH B 2 .  ? 7.285   -10.903 0.108   1.00 19.04 ? 126 HOH A O   1 
HETATM 554 O O   . HOH B 2 .  ? 2.035   15.363  4.702   1.00 15.70 ? 127 HOH A O   1 
HETATM 555 O O   . HOH B 2 .  ? 1.737   0.783   11.732  1.00 14.17 ? 128 HOH A O   1 
HETATM 556 O O   . HOH B 2 .  ? -2.174  -5.025  -13.696 1.00 21.22 ? 129 HOH A O   1 
HETATM 557 O O   . HOH B 2 .  ? 0.914   -7.698  -11.075 1.00 23.19 ? 130 HOH A O   1 
HETATM 558 O O   . HOH B 2 .  ? -10.018 3.074   1.580   1.00 19.24 ? 131 HOH A O   1 
HETATM 559 O O   . HOH B 2 .  ? 10.873  -4.733  -0.174  1.00 26.31 ? 132 HOH A O   1 
HETATM 560 O O   . HOH B 2 .  ? 10.264  2.361   8.152   1.00 11.90 ? 133 HOH A O   1 
HETATM 561 O O   . HOH B 2 .  ? -4.142  5.737   -11.889 1.00 18.48 ? 134 HOH A O   1 
HETATM 562 O O   . HOH B 2 .  ? -9.505  -2.794  -7.761  1.00 15.07 ? 135 HOH A O   1 
HETATM 563 O O   . HOH B 2 .  ? -0.314  -10.950 6.136   1.00 18.20 ? 136 HOH A O   1 
HETATM 564 O O   . HOH B 2 .  ? 1.836   2.037   -9.273  1.00 14.88 ? 137 HOH A O   1 
HETATM 565 O O   . HOH B 2 .  ? -4.352  -11.449 -2.642  1.00 23.45 ? 138 HOH A O   1 
HETATM 566 O O   . HOH B 2 .  ? -1.533  1.358   5.248   1.00 12.08 ? 139 HOH A O   1 
HETATM 567 O O   . HOH B 2 .  ? -1.027  1.425   -12.465 1.00 15.13 ? 140 HOH A O   1 
HETATM 568 O O   . HOH B 2 .  ? -1.502  16.247  7.031   1.00 33.53 ? 141 HOH A O   1 
HETATM 569 O O   . HOH B 2 .  ? 9.701   -10.103 2.980   1.00 48.98 ? 142 HOH A O   1 
HETATM 570 O O   . HOH B 2 .  ? 2.106   4.537   9.484   1.00 13.55 ? 143 HOH A O   1 
HETATM 571 O O   . HOH B 2 .  ? -9.572  -1.663  -10.240 1.00 13.64 ? 144 HOH A O   1 
HETATM 572 O O   . HOH B 2 .  ? 9.340   4.075   10.017  1.00 12.41 ? 145 HOH A O   1 
HETATM 573 O O   . HOH B 2 .  ? -9.614  -7.429  1.463   1.00 25.99 ? 146 HOH A O   1 
HETATM 574 O O   . HOH B 2 .  ? -14.671 6.047   -2.909  1.00 16.17 ? 147 HOH A O   1 
HETATM 575 O O   . HOH B 2 .  ? 14.885  1.360   5.267   1.00 21.41 ? 148 HOH A O   1 
HETATM 576 O O   . HOH B 2 .  ? -7.145  9.319   1.524   1.00 30.08 ? 149 HOH A O   1 
HETATM 577 O O   . HOH B 2 .  ? 0.631   -0.222  4.230   1.00 9.10  ? 150 HOH A O   1 
HETATM 578 O O   . HOH B 2 .  ? 11.379  1.090   -0.617  1.00 16.58 ? 151 HOH A O   1 
HETATM 579 O O   . HOH B 2 .  ? -11.545 -4.665  0.457   1.00 24.09 ? 152 HOH A O   1 
HETATM 580 O O   . HOH B 2 .  ? 3.325   -1.577  12.074  1.00 14.92 ? 153 HOH A O   1 
HETATM 581 O O   . HOH B 2 .  ? -9.832  14.879  -1.231  1.00 31.35 ? 154 HOH A O   1 
HETATM 582 O O   . HOH B 2 .  ? 7.817   -1.231  -9.283  1.00 32.76 ? 155 HOH A O   1 
HETATM 583 O O   . HOH B 2 .  ? -8.370  -6.557  -11.401 1.00 21.59 ? 156 HOH A O   1 
HETATM 584 O O   . HOH B 2 .  ? -3.133  5.095   2.711   1.00 18.80 ? 157 HOH A O   1 
HETATM 585 O O   . HOH B 2 .  ? -10.172 9.816   -6.668  1.00 21.89 ? 158 HOH A O   1 
HETATM 586 O O   . HOH B 2 .  ? -11.458 -4.456  -7.078  1.00 27.55 ? 159 HOH A O   1 
HETATM 587 O O   . HOH B 2 .  ? 2.701   3.752   -11.198 1.00 37.44 ? 160 HOH A O   1 
HETATM 588 O O   . HOH B 2 .  ? -6.126  5.265   2.789   1.00 32.79 ? 161 HOH A O   1 
HETATM 589 O O   . HOH B 2 .  ? -1.091  10.957  8.162   1.00 26.74 ? 162 HOH A O   1 
HETATM 590 O O   . HOH B 2 .  ? 7.980   -10.040 7.596   1.00 17.70 ? 163 HOH A O   1 
HETATM 591 O O   . HOH B 2 .  ? 10.068  -1.188  -5.130  1.00 22.42 ? 164 HOH A O   1 
HETATM 592 O O   . HOH B 2 .  ? 10.895  -5.644  -2.616  1.00 18.63 ? 165 HOH A O   1 
HETATM 593 O O   . HOH B 2 .  ? -0.382  5.417   8.290   1.00 25.49 ? 166 HOH A O   1 
HETATM 594 O O   . HOH B 2 .  ? -9.861  -6.816  -6.966  1.00 35.16 ? 167 HOH A O   1 
HETATM 595 O O   . HOH B 2 .  ? 12.201  -9.127  7.570   1.00 19.49 ? 168 HOH A O   1 
HETATM 596 O O   . HOH B 2 .  ? 13.057  -9.219  4.973   1.00 35.21 ? 169 HOH A O   1 
HETATM 597 O O   . HOH B 2 .  ? -2.521  -2.981  10.439  1.00 10.75 ? 170 HOH A O   1 
HETATM 598 O O   . HOH B 2 .  ? 9.700   -3.843  -5.738  1.00 31.26 ? 171 HOH A O   1 
HETATM 599 O O   . HOH B 2 .  ? 12.790  2.626   9.297   1.00 15.02 ? 172 HOH A O   1 
HETATM 600 O O   . HOH B 2 .  ? -0.684  -7.265  -13.230 1.00 34.44 ? 173 HOH A O   1 
HETATM 601 O O   . HOH B 2 .  ? 5.529   2.412   -8.648  1.00 23.06 ? 174 HOH A O   1 
HETATM 602 O O   . HOH B 2 .  ? 4.910   -4.627  -9.925  1.00 24.56 ? 175 HOH A O   1 
HETATM 603 O O   . HOH B 2 .  ? -12.145 -0.523  -10.037 1.00 22.42 ? 176 HOH A O   1 
HETATM 604 O O   . HOH B 2 .  ? -13.716 -2.280  -9.140  1.00 32.03 ? 177 HOH A O   1 
HETATM 605 O O   . HOH B 2 .  ? 13.963  1.942   -0.981  1.00 21.09 ? 178 HOH A O   1 
HETATM 606 O O   . HOH B 2 .  ? 16.887  4.109   11.623  1.00 20.91 ? 179 HOH A O   1 
HETATM 607 O O   . HOH B 2 .  ? 6.973   8.003   13.890  1.00 17.66 ? 180 HOH A O   1 
HETATM 608 O O   . HOH B 2 .  ? 3.872   0.154   -8.668  1.00 16.79 ? 181 HOH A O   1 
HETATM 609 O O   . HOH B 2 .  ? 5.204   -1.752  -10.065 1.00 20.56 ? 182 HOH A O   1 
HETATM 610 O O   . HOH B 2 .  ? 8.563   -4.485  -8.210  1.00 32.30 ? 183 HOH A O   1 
HETATM 611 O O   . HOH B 2 .  ? -5.945  5.824   -14.014 1.00 16.91 ? 184 HOH A O   1 
HETATM 612 O O   . HOH B 2 .  ? 3.279   -6.127  -11.617 1.00 29.24 ? 185 HOH A O   1 
HETATM 613 O O   . HOH B 2 .  ? 11.101  -0.885  -2.541  1.00 23.56 ? 186 HOH A O   1 
HETATM 614 O O   . HOH B 2 .  ? -14.347 3.159   0.773   1.00 25.31 ? 187 HOH A O   1 
HETATM 615 O O   . HOH B 2 .  ? 14.742  3.252   7.477   1.00 20.16 ? 188 HOH A O   1 
HETATM 616 O O   . HOH B 2 .  ? -1.868  -12.772 -2.339  1.00 33.65 ? 189 HOH A O   1 
HETATM 617 O O   . HOH B 2 .  ? -2.695  -9.336  -13.962 1.00 39.13 ? 190 HOH A O   1 
HETATM 618 O O   . HOH B 2 .  ? -3.739  -5.325  -15.974 1.00 39.27 ? 191 HOH A O   1 
HETATM 619 O O   . HOH B 2 .  ? 11.783  5.283   10.178  1.00 20.91 ? 192 HOH A O   1 
HETATM 620 O O   . HOH B 2 .  ? -5.933  -6.658  -15.611 1.00 36.78 ? 193 HOH A O   1 
HETATM 621 O O   . HOH B 2 .  ? -12.866 9.487   -7.470  1.00 26.62 ? 194 HOH A O   1 
HETATM 622 O O   . HOH B 2 .  ? 17.093  3.874   8.808   1.00 29.39 ? 195 HOH A O   1 
HETATM 623 O O   . HOH B 2 .  ? -16.160 4.887   -5.064  1.00 14.10 ? 196 HOH A O   1 
HETATM 624 O O   . HOH B 2 .  ? -8.130  -5.304  -15.927 1.00 27.33 ? 197 HOH A O   1 
HETATM 625 O O   . HOH B 2 .  ? 12.431  7.060   8.159   1.00 24.66 ? 198 HOH A O   1 
# 
loop_
_atom_site_anisotrop.id 
_atom_site_anisotrop.type_symbol 
_atom_site_anisotrop.pdbx_label_atom_id 
_atom_site_anisotrop.pdbx_label_alt_id 
_atom_site_anisotrop.pdbx_label_comp_id 
_atom_site_anisotrop.pdbx_label_asym_id 
_atom_site_anisotrop.pdbx_label_seq_id 
_atom_site_anisotrop.pdbx_PDB_ins_code 
_atom_site_anisotrop.U[1][1] 
_atom_site_anisotrop.U[2][2] 
_atom_site_anisotrop.U[3][3] 
_atom_site_anisotrop.U[1][2] 
_atom_site_anisotrop.U[1][3] 
_atom_site_anisotrop.U[2][3] 
_atom_site_anisotrop.pdbx_auth_seq_id 
_atom_site_anisotrop.pdbx_auth_comp_id 
_atom_site_anisotrop.pdbx_auth_asym_id 
_atom_site_anisotrop.pdbx_auth_atom_id 
1   N N   . MET A 1  ? 0.2066 0.5029 0.5055 -0.0686 -0.1425 0.1292  1   MET A N   
2   C CA  . MET A 1  ? 0.1743 0.3063 0.3784 -0.0441 -0.0940 0.0693  1   MET A CA  
3   C C   . MET A 1  ? 0.1145 0.4675 0.3637 -0.0294 -0.0638 0.0347  1   MET A C   
4   O O   . MET A 1  ? 0.1927 0.2479 0.4191 0.0027  -0.0603 0.0276  1   MET A O   
5   C CB  . MET A 1  ? 0.2884 0.2447 0.3996 -0.0329 -0.0676 0.0753  1   MET A CB  
6   C CG  . MET A 1  ? 0.3403 0.4359 0.4501 -0.1779 -0.0323 0.1211  1   MET A CG  
7   S SD  . MET A 1  ? 0.2984 0.2635 0.5876 -0.0212 0.0793  0.0662  1   MET A SD  
8   C CE  . MET A 1  ? 0.5612 0.4002 0.3884 -0.1065 0.0124  0.1782  1   MET A CE  
9   N N   . LYS A 2  ? 0.1489 0.2953 0.3299 -0.0572 -0.0821 0.0884  2   LYS A N   
10  C CA  . LYS A 2  ? 0.1217 0.2540 0.2733 -0.0186 -0.0580 0.0670  2   LYS A CA  
11  C C   . LYS A 2  ? 0.1328 0.2247 0.2326 -0.0511 -0.0351 0.0811  2   LYS A C   
12  O O   . LYS A 2  ? 0.1672 0.2981 0.2183 -0.0691 -0.0153 0.0866  2   LYS A O   
13  C CB  . LYS A 2  ? 0.1465 0.2873 0.2352 -0.0052 -0.0548 0.0236  2   LYS A CB  
14  C CG  . LYS A 2  ? 0.1609 0.2437 0.2423 0.0117  -0.0615 0.0062  2   LYS A CG  
15  C CD  . LYS A 2  ? 0.1727 0.2223 0.2142 -0.0371 -0.0761 0.0211  2   LYS A CD  
16  C CE  . LYS A 2  ? 0.1653 0.2023 0.2196 -0.0281 -0.0516 0.0184  2   LYS A CE  
17  N NZ  . LYS A 2  ? 0.1932 0.2232 0.1859 -0.0508 -0.0526 0.0272  2   LYS A NZ  
18  N N   . THR A 3  ? 0.1132 0.2086 0.2185 -0.0440 -0.0252 0.0613  3   THR A N   
19  C CA  . THR A 3  ? 0.1117 0.2112 0.2171 -0.0206 -0.0338 0.0685  3   THR A CA  
20  C C   . THR A 3  ? 0.0922 0.1965 0.1875 -0.0366 0.0051  0.0638  3   THR A C   
21  O O   . THR A 3  ? 0.0989 0.1895 0.2434 -0.0474 -0.0217 0.0681  3   THR A O   
22  C CB  . THR A 3  ? 0.1056 0.2663 0.3181 -0.0043 -0.0725 0.0365  3   THR A CB  
23  O OG1 . THR A 3  ? 0.1574 0.3579 0.3264 -0.0284 0.0108  0.0186  3   THR A OG1 
24  C CG2 . THR A 3  ? 0.1703 0.2898 0.3035 0.0471  -0.0463 -0.0247 3   THR A CG2 
25  N N   . GLU A 4  ? 0.0917 0.1947 0.2278 -0.0493 -0.0337 0.0647  4   GLU A N   
26  C CA  . GLU A 4  ? 0.1115 0.1684 0.2054 -0.0387 -0.0292 0.0439  4   GLU A CA  
27  C C   . GLU A 4  ? 0.1145 0.1682 0.1525 -0.0482 -0.0114 0.0501  4   GLU A C   
28  O O   . GLU A 4  ? 0.1183 0.1744 0.1795 -0.0540 -0.0245 0.0456  4   GLU A O   
29  C CB  . GLU A 4  ? 0.1859 0.2450 0.2365 -0.0081 -0.0451 0.0595  4   GLU A CB  
30  C CG  . GLU A 4  ? 0.3576 0.3486 0.3194 0.0377  0.0226  0.0408  4   GLU A CG  
31  C CD  . GLU A 4  ? 0.2510 0.7630 0.3884 0.0000  0.0702  0.0132  4   GLU A CD  
32  O OE1 . GLU A 4  ? 0.7052 0.8932 0.3852 -0.0690 0.2182  0.1484  4   GLU A OE1 
33  O OE2 . GLU A 4  ? 0.5392 1.0268 0.5977 -0.0666 0.2791  -0.1477 4   GLU A OE2 
34  N N   . TRP A 5  ? 0.1006 0.1488 0.1402 -0.0296 -0.0184 0.0320  5   TRP A N   
35  C CA  . TRP A 5  ? 0.1106 0.1634 0.1327 -0.0484 -0.0222 0.0382  5   TRP A CA  
36  C C   . TRP A 5  ? 0.1197 0.1307 0.1450 -0.0176 -0.0150 0.0429  5   TRP A C   
37  O O   . TRP A 5  ? 0.1196 0.1474 0.1377 -0.0249 -0.0259 0.0438  5   TRP A O   
38  C CB  . TRP A 5  ? 0.1119 0.1433 0.1289 -0.0126 -0.0213 0.0302  5   TRP A CB  
39  C CG  . TRP A 5  ? 0.1153 0.1426 0.1337 -0.0323 -0.0233 0.0275  5   TRP A CG  
40  C CD1 . TRP A 5  ? 0.1413 0.1472 0.1611 -0.0172 -0.0357 0.0372  5   TRP A CD1 
41  C CD2 . TRP A 5  ? 0.1090 0.1394 0.1230 -0.0244 -0.0227 0.0339  5   TRP A CD2 
42  N NE1 . TRP A 5  ? 0.1635 0.1564 0.1353 -0.0147 -0.0473 0.0262  5   TRP A NE1 
43  C CE2 . TRP A 5  ? 0.1112 0.1534 0.1398 -0.0232 -0.0282 0.0310  5   TRP A CE2 
44  C CE3 . TRP A 5  ? 0.1061 0.1440 0.1314 -0.0236 -0.0078 0.0347  5   TRP A CE3 
45  C CZ2 . TRP A 5  ? 0.1237 0.1846 0.1252 -0.0235 -0.0224 0.0391  5   TRP A CZ2 
46  C CZ3 . TRP A 5  ? 0.1252 0.1512 0.1608 -0.0114 -0.0040 0.0424  5   TRP A CZ3 
47  C CH2 . TRP A 5  ? 0.1358 0.1799 0.1370 -0.0249 -0.0229 0.0469  5   TRP A CH2 
48  N N   . PRO A 6  ? 0.1298 0.1720 0.1330 -0.0322 -0.0120 0.0509  6   PRO A N   
49  C CA  . PRO A 6  ? 0.1603 0.1808 0.1461 -0.0321 -0.0023 0.0486  6   PRO A CA  
50  C C   . PRO A 6  ? 0.1704 0.1603 0.1369 -0.0319 -0.0154 0.0663  6   PRO A C   
51  O O   . PRO A 6  ? 0.2027 0.1937 0.1486 -0.0207 -0.0401 0.0645  6   PRO A O   
52  C CB  . PRO A 6  ? 0.2005 0.2787 0.1767 -0.0433 0.0074  0.0980  6   PRO A CB  
53  C CG  . PRO A 6  ? 0.1947 0.2364 0.2107 -0.0759 -0.0207 0.0845  6   PRO A CG  
54  C CD  . PRO A 6  ? 0.1411 0.2044 0.1967 -0.0560 -0.0082 0.0712  6   PRO A CD  
55  N N   . GLU A 7  ? 0.1723 0.1494 0.1634 -0.0401 -0.0294 0.0399  7   GLU A N   
56  C CA  . GLU A 7  ? 0.1945 0.1599 0.1678 -0.0616 -0.0421 0.0535  7   GLU A CA  
57  C C   . GLU A 7  ? 0.1636 0.1567 0.1652 -0.0004 -0.0357 0.0242  7   GLU A C   
58  O O   . GLU A 7  ? 0.2000 0.1402 0.2481 -0.0259 -0.0432 0.0419  7   GLU A O   
59  C CB  . GLU A 7  ? 0.2355 0.1389 0.2193 -0.0574 -0.0855 0.0318  7   GLU A CB  
60  C CG  . GLU A 7  ? 0.2286 0.1628 0.2063 -0.0430 -0.0648 0.0270  7   GLU A CG  
61  C CD  . GLU A 7  ? 0.1695 0.1290 0.2058 -0.0339 -0.0556 0.0133  7   GLU A CD  
62  O OE1 . GLU A 7  ? 0.1910 0.1463 0.2057 -0.0215 -0.0475 0.0301  7   GLU A OE1 
63  O OE2 . GLU A 7  ? 0.2395 0.2010 0.1897 -0.0588 -0.0610 0.0318  7   GLU A OE2 
64  N N   . LEU A 8  ? 0.1579 0.1250 0.1321 -0.0282 -0.0315 0.0292  8   LEU A N   
65  C CA  . LEU A 8  ? 0.1352 0.1334 0.1232 -0.0009 -0.0236 0.0176  8   LEU A CA  
66  C C   . LEU A 8  ? 0.1394 0.1351 0.1119 -0.0155 -0.0164 0.0198  8   LEU A C   
67  O O   . LEU A 8  ? 0.1418 0.1260 0.1256 -0.0094 -0.0197 0.0224  8   LEU A O   
68  C CB  . LEU A 8  ? 0.1582 0.1269 0.1282 -0.0220 -0.0223 0.0253  8   LEU A CB  
69  C CG  . LEU A 8  ? 0.1735 0.1544 0.1376 0.0008  -0.0256 0.0183  8   LEU A CG  
70  C CD1 . LEU A 8  ? 0.1493 0.1790 0.1499 -0.0038 -0.0351 0.0365  8   LEU A CD1 
71  C CD2 . LEU A 8  ? 0.2671 0.1827 0.1513 0.0315  -0.0373 0.0214  8   LEU A CD2 
72  N N   . VAL A 9  ? 0.1333 0.1334 0.1251 -0.0174 -0.0198 0.0218  9   VAL A N   
73  C CA  . VAL A 9  ? 0.1294 0.1404 0.1160 -0.0219 -0.0093 0.0095  9   VAL A CA  
74  C C   . VAL A 9  ? 0.1521 0.1108 0.1382 -0.0314 -0.0236 0.0296  9   VAL A C   
75  O O   . VAL A 9  ? 0.1770 0.1199 0.1866 -0.0395 -0.0456 0.0284  9   VAL A O   
76  C CB  . VAL A 9  ? 0.1498 0.1410 0.1269 -0.0361 -0.0105 0.0097  9   VAL A CB  
77  C CG1 . VAL A 9  ? 0.1735 0.1994 0.1369 -0.0494 -0.0234 0.0204  9   VAL A CG1 
78  C CG2 . VAL A 9  ? 0.1696 0.1601 0.1518 -0.0136 0.0038  0.0101  9   VAL A CG2 
79  N N   . GLY A 10 ? 0.1400 0.1039 0.1317 -0.0163 -0.0182 0.0226  10  GLY A N   
80  C CA  . GLY A 10 ? 0.1520 0.1307 0.1419 -0.0014 -0.0222 0.0248  10  GLY A CA  
81  C C   . GLY A 10 ? 0.1522 0.1155 0.1772 0.0138  -0.0282 0.0053  10  GLY A C   
82  O O   . GLY A 10 ? 0.1835 0.1709 0.1730 0.0417  -0.0313 0.0256  10  GLY A O   
83  N N   . LYS A 11 ? 0.1867 0.1390 0.1396 0.0255  -0.0359 0.0020  11  LYS A N   
84  C CA  . LYS A 11 ? 0.1768 0.1266 0.1523 0.0377  -0.0280 -0.0231 11  LYS A CA  
85  C C   . LYS A 11 ? 0.1688 0.1197 0.1297 0.0314  -0.0519 -0.0080 11  LYS A C   
86  O O   . LYS A 11 ? 0.1539 0.1219 0.1267 0.0167  -0.0316 -0.0288 11  LYS A O   
87  C CB  . LYS A 11 ? 0.1957 0.1509 0.1590 -0.0034 -0.0362 -0.0364 11  LYS A CB  
88  C CG  . LYS A 11 ? 0.2669 0.1486 0.2300 -0.0183 -0.0252 -0.0306 11  LYS A CG  
89  C CD  . LYS A 11 ? 0.3747 0.1739 0.3337 -0.0037 -0.0493 -0.0310 11  LYS A CD  
90  C CE  . LYS A 11 ? 0.5227 0.1689 0.5595 -0.0437 -0.0511 0.1094  11  LYS A CE  
91  N NZ  . LYS A 11 ? 0.5530 0.2665 0.7735 0.0145  -0.0172 0.0249  11  LYS A NZ  
92  N N   . SER A 12 ? 0.1599 0.1361 0.1391 0.0394  -0.0353 -0.0406 12  SER A N   
93  C CA  . SER A 12 ? 0.1285 0.1598 0.1453 0.0291  -0.0231 -0.0339 12  SER A CA  
94  C C   . SER A 12 ? 0.1149 0.1531 0.1375 0.0449  -0.0160 -0.0336 12  SER A C   
95  O O   . SER A 12 ? 0.1205 0.1505 0.1320 0.0327  -0.0313 -0.0339 12  SER A O   
96  C CB  . SER A 12 ? 0.1478 0.1604 0.1641 0.0346  -0.0327 -0.0486 12  SER A CB  
97  O OG  . SER A 12 ? 0.1464 0.1730 0.1569 0.0492  -0.0349 -0.0347 12  SER A OG  
98  N N   . VAL A 13 ? 0.1144 0.1488 0.1729 0.0221  -0.0260 -0.0273 13  VAL A N   
99  C CA  . VAL A 13 ? 0.1197 0.1519 0.1772 0.0246  -0.0215 -0.0234 13  VAL A CA  
100 C C   . VAL A 13 ? 0.1418 0.1371 0.1428 0.0142  -0.0211 -0.0063 13  VAL A C   
101 O O   . VAL A 13 ? 0.1150 0.1613 0.1635 0.0304  -0.0126 -0.0152 13  VAL A O   
102 C CB  . VAL A 13 ? 0.1297 0.1608 0.1785 0.0260  -0.0060 -0.0222 13  VAL A CB  
103 C CG1 . VAL A 13 ? 0.1618 0.1768 0.1727 0.0369  -0.0272 -0.0156 13  VAL A CG1 
104 C CG2 . VAL A 13 ? 0.1306 0.1612 0.1490 0.0318  -0.0103 0.0001  13  VAL A CG2 
105 N N   . GLU A 14 ? 0.1252 0.1534 0.1770 0.0374  -0.0099 -0.0217 14  GLU A N   
106 C CA  . GLU A 14 ? 0.1493 0.1840 0.1652 0.0461  -0.0174 -0.0189 14  GLU A CA  
107 C C   . GLU A 14 ? 0.1436 0.1864 0.1795 0.0572  -0.0154 -0.0596 14  GLU A C   
108 O O   . GLU A 14 ? 0.1493 0.2156 0.1467 0.0445  -0.0150 -0.0436 14  GLU A O   
109 C CB  . GLU A 14 ? 0.1347 0.2169 0.1887 0.0285  0.0005  -0.0148 14  GLU A CB  
110 C CG  . GLU A 14 ? 0.2143 0.2667 0.1824 0.0563  0.0042  -0.0247 14  GLU A CG  
111 C CD  . GLU A 14 ? 0.2144 0.4486 0.1882 0.0599  -0.0066 -0.0287 14  GLU A CD  
112 O OE1 . GLU A 14 ? 0.1660 0.2958 0.2101 0.0839  0.0338  0.0064  14  GLU A OE1 
113 O OE2 . GLU A 14 ? 0.3279 0.6494 0.3549 0.2075  -0.1041 -0.2339 14  GLU A OE2 
114 N N   . GLU A 15 ? 0.1461 0.1581 0.1744 0.0582  -0.0290 -0.0531 15  GLU A N   
115 C CA  . GLU A 15 ? 0.1425 0.1821 0.1548 0.0251  -0.0398 -0.0557 15  GLU A CA  
116 C C   . GLU A 15 ? 0.1281 0.1606 0.1546 0.0137  -0.0242 -0.0228 15  GLU A C   
117 O O   . GLU A 15 ? 0.1599 0.1985 0.1473 0.0161  -0.0496 -0.0499 15  GLU A O   
118 C CB  . GLU A 15 ? 0.1480 0.1275 0.2357 0.0448  -0.0496 -0.0405 15  GLU A CB  
119 C CG  . GLU A 15 ? 0.2296 0.1954 0.2601 0.0384  -0.0299 0.0128  15  GLU A CG  
120 C CD  . GLU A 15 ? 0.3141 0.2229 0.4115 0.0184  -0.1264 0.0377  15  GLU A CD  
121 O OE1 . GLU A 15 ? 0.2941 0.2285 0.4471 0.0367  -0.0626 0.0411  15  GLU A OE1 
122 O OE2 . GLU A 15 ? 0.5668 0.3433 0.6632 -0.2114 -0.1873 0.0264  15  GLU A OE2 
123 N N   . ALA A 16 ? 0.1306 0.1435 0.1134 0.0187  -0.0276 -0.0300 16  ALA A N   
124 C CA  . ALA A 16 ? 0.1313 0.1573 0.1124 0.0128  -0.0195 -0.0161 16  ALA A CA  
125 C C   . ALA A 16 ? 0.1286 0.1561 0.1270 0.0178  -0.0248 -0.0211 16  ALA A C   
126 O O   . ALA A 16 ? 0.1251 0.1907 0.1257 0.0109  -0.0317 -0.0152 16  ALA A O   
127 C CB  . ALA A 16 ? 0.1183 0.1608 0.1258 0.0245  -0.0153 -0.0293 16  ALA A CB  
128 N N   . LYS A 17 ? 0.1271 0.1804 0.1231 0.0231  -0.0093 -0.0131 17  LYS A N   
129 C CA  . LYS A 17 ? 0.1315 0.2125 0.1290 0.0180  -0.0169 -0.0081 17  LYS A CA  
130 C C   . LYS A 17 ? 0.1772 0.2055 0.1332 0.0151  -0.0388 0.0065  17  LYS A C   
131 O O   . LYS A 17 ? 0.1486 0.2270 0.1317 0.0141  -0.0269 0.0069  17  LYS A O   
132 C CB  . LYS A 17 ? 0.1543 0.2911 0.1418 0.0172  0.0009  0.0091  17  LYS A CB  
133 C CG  . LYS A 17 ? 0.1436 0.2510 0.1877 -0.0054 -0.0043 0.0524  17  LYS A CG  
134 C CD  . LYS A 17 ? 0.2343 0.1976 0.2192 -0.0089 0.0154  0.0270  17  LYS A CD  
135 C CE  . LYS A 17 ? 0.3084 0.2378 0.1889 0.0115  0.0017  0.0637  17  LYS A CE  
136 N NZ  . LYS A 17 ? 0.2944 0.1606 0.3056 0.0022  -0.0490 0.0135  17  LYS A NZ  
137 N N   . LYS A 18 ? 0.1752 0.2274 0.1292 0.0332  -0.0386 -0.0237 18  LYS A N   
138 C CA  . LYS A 18 ? 0.2130 0.2369 0.1270 0.0439  -0.0403 -0.0538 18  LYS A CA  
139 C C   . LYS A 18 ? 0.2257 0.1859 0.1273 0.0286  -0.0343 -0.0264 18  LYS A C   
140 O O   . LYS A 18 ? 0.2441 0.2259 0.1292 0.0416  -0.0736 -0.0305 18  LYS A O   
141 C CB  . LYS A 18 ? 0.2830 0.2560 0.2030 0.0884  -0.0939 -0.0869 18  LYS A CB  
142 C CG  . LYS A 18 ? 0.2962 0.3402 0.2492 0.0377  -0.0645 -0.1170 18  LYS A CG  
143 C CD  . LYS A 18 ? 0.3873 0.3011 0.4165 0.0489  -0.0896 -0.1050 18  LYS A CD  
144 C CE  . LYS A 18 ? 0.6106 0.5169 0.6569 0.1586  0.0503  -0.2399 18  LYS A CE  
145 N NZ  . LYS A 18 ? 1.0333 0.3769 1.1623 0.1313  -0.0709 0.0192  18  LYS A NZ  
146 N N   . VAL A 19 ? 0.1883 0.1641 0.1214 0.0220  -0.0386 -0.0308 19  VAL A N   
147 C CA  . VAL A 19 ? 0.2050 0.1489 0.1369 -0.0060 -0.0541 -0.0131 19  VAL A CA  
148 C C   . VAL A 19 ? 0.1794 0.1292 0.1236 -0.0027 -0.0486 0.0168  19  VAL A C   
149 O O   . VAL A 19 ? 0.1803 0.1441 0.1542 -0.0199 -0.0696 0.0053  19  VAL A O   
150 C CB  . VAL A 19 ? 0.2175 0.1359 0.1424 -0.0065 -0.0478 0.0072  19  VAL A CB  
151 C CG1 . VAL A 19 ? 0.2317 0.1632 0.1777 0.0005  -0.0432 0.0325  19  VAL A CG1 
152 C CG2 . VAL A 19 ? 0.2713 0.1378 0.1713 0.0111  -0.0907 -0.0038 19  VAL A CG2 
153 N N   . ILE A 20 ? 0.1567 0.1261 0.1351 -0.0091 -0.0563 -0.0042 20  ILE A N   
154 C CA  . ILE A 20 ? 0.1388 0.1288 0.1143 0.0066  -0.0307 0.0073  20  ILE A CA  
155 C C   . ILE A 20 ? 0.1223 0.1527 0.1306 -0.0028 -0.0476 0.0091  20  ILE A C   
156 O O   . ILE A 20 ? 0.1526 0.1503 0.1417 -0.0147 -0.0587 0.0069  20  ILE A O   
157 C CB  . ILE A 20 ? 0.1175 0.1302 0.1113 -0.0163 -0.0311 0.0048  20  ILE A CB  
158 C CG1 . ILE A 20 ? 0.1222 0.1289 0.1277 -0.0140 -0.0342 0.0142  20  ILE A CG1 
159 C CG2 . ILE A 20 ? 0.1264 0.1289 0.1291 -0.0164 -0.0356 0.0109  20  ILE A CG2 
160 C CD1 . ILE A 20 ? 0.1241 0.1522 0.1042 -0.0006 -0.0220 -0.0035 20  ILE A CD1 
161 N N   . LEU A 21 ? 0.1474 0.1574 0.1086 0.0042  -0.0488 0.0036  21  LEU A N   
162 C CA  . LEU A 21 ? 0.1734 0.1463 0.1051 -0.0087 -0.0301 0.0036  21  LEU A CA  
163 C C   . LEU A 21 ? 0.1831 0.1621 0.1351 -0.0078 -0.0606 0.0035  21  LEU A C   
164 O O   . LEU A 21 ? 0.2027 0.1777 0.1324 -0.0254 -0.0676 0.0070  21  LEU A O   
165 C CB  . LEU A 21 ? 0.1966 0.1842 0.1010 -0.0114 -0.0418 -0.0143 21  LEU A CB  
166 C CG  . LEU A 21 ? 0.1714 0.2064 0.1309 -0.0330 -0.0425 -0.0008 21  LEU A CG  
167 C CD1 . LEU A 21 ? 0.1966 0.2066 0.1845 -0.0210 -0.0188 0.0095  21  LEU A CD1 
168 C CD2 . LEU A 21 ? 0.2205 0.1880 0.1824 -0.0475 -0.0156 0.0125  21  LEU A CD2 
169 N N   . GLN A 22 ? 0.1989 0.1695 0.1343 -0.0167 -0.0666 -0.0084 22  GLN A N   
170 C CA  . GLN A 22 ? 0.2306 0.1628 0.1586 0.0003  -0.0674 -0.0254 22  GLN A CA  
171 C C   . GLN A 22 ? 0.2025 0.1400 0.1506 -0.0165 -0.0413 0.0001  22  GLN A C   
172 O O   . GLN A 22 ? 0.2289 0.2000 0.1703 -0.0437 -0.0923 0.0027  22  GLN A O   
173 C CB  . GLN A 22 ? 0.2673 0.1495 0.2264 -0.0375 -0.0902 -0.0204 22  GLN A CB  
174 C CG  . GLN A 22 ? 0.4501 0.3238 0.3025 0.0136  -0.0264 0.0193  22  GLN A CG  
175 C CD  . GLN A 22 ? 0.6131 0.3434 0.4398 0.0966  -0.1639 -0.0413 22  GLN A CD  
176 O OE1 . GLN A 22 ? 1.0631 0.3162 0.5762 0.0236  0.1434  -0.0630 22  GLN A OE1 
177 N NE2 . GLN A 22 ? 0.9621 0.3009 0.5581 -0.0703 0.1073  -0.0346 22  GLN A NE2 
178 N N   . ASP A 23 ? 0.1825 0.1466 0.1260 -0.0223 -0.0391 0.0109  23  ASP A N   
179 C CA  . ASP A 23 ? 0.1928 0.1215 0.1358 -0.0236 -0.0496 0.0136  23  ASP A CA  
180 C C   . ASP A 23 ? 0.1649 0.1440 0.1488 -0.0318 -0.0434 0.0309  23  ASP A C   
181 O O   . ASP A 23 ? 0.1667 0.1469 0.2602 -0.0381 -0.0489 0.0505  23  ASP A O   
182 C CB  . ASP A 23 ? 0.1939 0.1329 0.1685 -0.0347 -0.0549 0.0246  23  ASP A CB  
183 C CG  . ASP A 23 ? 0.2392 0.1608 0.1843 -0.0464 -0.0965 0.0340  23  ASP A CG  
184 O OD1 . ASP A 23 ? 0.3170 0.1597 0.2051 -0.0291 -0.0975 0.0383  23  ASP A OD1 
185 O OD2 . ASP A 23 ? 0.2126 0.1684 0.1574 -0.0348 -0.0498 0.0277  23  ASP A OD2 
186 N N   . LYS A 24 ? 0.1388 0.1422 0.1566 -0.0289 -0.0688 0.0227  24  LYS A N   
187 C CA  . LYS A 24 ? 0.1583 0.1295 0.1495 -0.0245 -0.0749 0.0246  24  LYS A CA  
188 C C   . LYS A 24 ? 0.1439 0.1184 0.1353 -0.0227 -0.0520 0.0219  24  LYS A C   
189 O O   . LYS A 24 ? 0.1409 0.1355 0.1379 -0.0298 -0.0657 0.0128  24  LYS A O   
190 C CB  . LYS A 24 ? 0.1525 0.1337 0.1438 -0.0356 -0.0577 0.0343  24  LYS A CB  
191 C CG  . LYS A 24 ? 0.1447 0.1428 0.1382 -0.0450 -0.0722 0.0300  24  LYS A CG  
192 C CD  . LYS A 24 ? 0.1688 0.1667 0.1421 -0.0462 -0.0466 0.0341  24  LYS A CD  
193 C CE  . LYS A 24 ? 0.1397 0.1504 0.1392 -0.0483 -0.0364 0.0296  24  LYS A CE  
194 N NZ  . LYS A 24 ? 0.1230 0.1758 0.1572 -0.0432 -0.0329 0.0252  24  LYS A NZ  
195 N N   . PRO A 25 ? 0.1527 0.1418 0.1350 -0.0249 -0.0693 0.0123  25  PRO A N   
196 C CA  . PRO A 25 ? 0.1826 0.1450 0.1356 -0.0288 -0.0569 0.0096  25  PRO A CA  
197 C C   . PRO A 25 ? 0.1477 0.1656 0.1109 -0.0219 -0.0418 0.0124  25  PRO A C   
198 O O   . PRO A 25 ? 0.1639 0.1710 0.1414 -0.0211 -0.0385 0.0074  25  PRO A O   
199 C CB  . PRO A 25 ? 0.2103 0.1630 0.1556 -0.0273 -0.0696 -0.0048 25  PRO A CB  
200 C CG  . PRO A 25 ? 0.2000 0.1729 0.1947 -0.0332 -0.0948 0.0028  25  PRO A CG  
201 C CD  . PRO A 25 ? 0.1694 0.1296 0.1672 -0.0269 -0.0727 0.0149  25  PRO A CD  
202 N N   . GLU A 26 ? 0.1355 0.1500 0.1151 -0.0244 -0.0534 0.0150  26  GLU A N   
203 C CA  . GLU A 26 ? 0.1405 0.1368 0.1239 -0.0275 -0.0456 0.0250  26  GLU A CA  
204 C C   . GLU A 26 ? 0.1256 0.1246 0.1247 -0.0284 -0.0483 0.0172  26  GLU A C   
205 O O   . GLU A 26 ? 0.1554 0.1388 0.1295 -0.0287 -0.0601 0.0236  26  GLU A O   
206 C CB  . GLU A 26 ? 0.1344 0.1275 0.1322 -0.0229 -0.0573 0.0183  26  GLU A CB  
207 C CG  . GLU A 26 ? 0.1355 0.1450 0.1679 -0.0180 -0.0673 0.0110  26  GLU A CG  
208 C CD  . GLU A 26 ? 0.1461 0.1514 0.1432 0.0066  -0.0715 0.0101  26  GLU A CD  
209 O OE1 . GLU A 26 ? 0.1646 0.1390 0.1205 -0.0245 -0.0497 0.0165  26  GLU A OE1 
210 O OE2 . GLU A 26 ? 0.1768 0.1680 0.1548 -0.0165 -0.0563 0.0216  26  GLU A OE2 
211 N N   . ALA A 27 ? 0.1339 0.1335 0.1189 -0.0276 -0.0553 0.0236  27  ALA A N   
212 C CA  . ALA A 27 ? 0.1113 0.1347 0.1144 -0.0215 -0.0374 0.0093  27  ALA A CA  
213 C C   . ALA A 27 ? 0.1126 0.1292 0.0958 -0.0022 -0.0313 0.0114  27  ALA A C   
214 O O   . ALA A 27 ? 0.1314 0.1561 0.1186 -0.0245 -0.0387 -0.0061 27  ALA A O   
215 C CB  . ALA A 27 ? 0.1364 0.1440 0.1326 -0.0451 -0.0569 0.0336  27  ALA A CB  
216 N N   . GLN A 28 ? 0.1063 0.1271 0.1075 -0.0139 -0.0255 0.0124  28  GLN A N   
217 C CA  . GLN A 28 ? 0.0870 0.1405 0.1195 -0.0317 -0.0312 0.0179  28  GLN A CA  
218 C C   . GLN A 28 ? 0.0834 0.1236 0.1127 -0.0141 -0.0071 0.0048  28  GLN A C   
219 O O   . GLN A 28 ? 0.0844 0.1376 0.1221 -0.0097 -0.0141 0.0074  28  GLN A O   
220 C CB  . GLN A 28 ? 0.1258 0.1298 0.1276 -0.0186 -0.0255 0.0198  28  GLN A CB  
221 C CG  . GLN A 28 ? 0.1583 0.1275 0.1635 -0.0131 -0.0360 0.0366  28  GLN A CG  
222 C CD  . GLN A 28 ? 0.1813 0.1535 0.1380 -0.0305 -0.0254 0.0111  28  GLN A CD  
223 O OE1 . GLN A 28 ? 0.1837 0.1647 0.1546 -0.0475 -0.0126 0.0132  28  GLN A OE1 
224 N NE2 . GLN A 28 ? 0.2092 0.3153 0.1556 -0.0496 -0.0270 -0.0006 28  GLN A NE2 
225 N N   . ILE A 29 ? 0.0845 0.1269 0.1009 -0.0111 -0.0022 0.0094  29  ILE A N   
226 C CA  . ILE A 29 ? 0.0928 0.1291 0.0867 -0.0071 -0.0169 0.0067  29  ILE A CA  
227 C C   . ILE A 29 ? 0.0871 0.1439 0.1031 -0.0173 -0.0117 0.0018  29  ILE A C   
228 O O   . ILE A 29 ? 0.0977 0.1967 0.1173 -0.0340 -0.0053 -0.0201 29  ILE A O   
229 C CB  . ILE A 29 ? 0.1390 0.1584 0.1058 -0.0058 -0.0239 0.0052  29  ILE A CB  
230 C CG1 . ILE A 29 ? 0.1538 0.1366 0.1409 -0.0163 -0.0277 0.0080  29  ILE A CG1 
231 C CG2 . ILE A 29 ? 0.2147 0.1670 0.1242 0.0303  -0.0502 -0.0009 29  ILE A CG2 
232 C CD1 . ILE A 29 ? 0.1562 0.1794 0.1754 -0.0310 -0.0305 0.0226  29  ILE A CD1 
233 N N   . ILE A 30 ? 0.0800 0.1072 0.0963 -0.0126 0.0003  0.0084  30  ILE A N   
234 C CA  . ILE A 30 ? 0.0747 0.1064 0.0839 -0.0185 -0.0004 0.0123  30  ILE A CA  
235 C C   . ILE A 30 ? 0.0801 0.1003 0.0941 -0.0156 0.0007  0.0137  30  ILE A C   
236 O O   . ILE A 30 ? 0.0787 0.1660 0.1227 -0.0269 -0.0119 0.0529  30  ILE A O   
237 C CB  . ILE A 30 ? 0.0773 0.1076 0.1197 -0.0043 0.0045  0.0238  30  ILE A CB  
238 C CG1 . ILE A 30 ? 0.1558 0.1670 0.2145 0.0543  0.0916  0.0978  30  ILE A CG1 
239 C CG2 . ILE A 30 ? 0.0869 0.1385 0.2362 0.0184  -0.0256 -0.0588 30  ILE A CG2 
240 C CD1 . ILE A 30 ? 0.4876 0.1571 0.1302 0.1057  0.0049  0.0382  30  ILE A CD1 
241 N N   . VAL A 31 ? 0.0654 0.0916 0.0881 -0.0067 0.0001  0.0141  31  VAL A N   
242 C CA  . VAL A 31 ? 0.0661 0.0900 0.0771 0.0052  0.0100  0.0132  31  VAL A CA  
243 C C   . VAL A 31 ? 0.0684 0.0860 0.0852 0.0011  0.0061  0.0166  31  VAL A C   
244 O O   . VAL A 31 ? 0.0699 0.1003 0.0901 -0.0099 0.0097  0.0119  31  VAL A O   
245 C CB  . VAL A 31 ? 0.0844 0.1005 0.0737 0.0012  0.0111  0.0139  31  VAL A CB  
246 C CG1 . VAL A 31 ? 0.1080 0.1087 0.1165 0.0153  0.0111  0.0209  31  VAL A CG1 
247 C CG2 . VAL A 31 ? 0.0996 0.1002 0.1167 0.0034  0.0218  -0.0033 31  VAL A CG2 
248 N N   . LEU A 32 ? 0.0664 0.1007 0.0835 -0.0110 0.0076  0.0073  32  LEU A N   
249 C CA  . LEU A 32 ? 0.0661 0.1000 0.0880 -0.0067 0.0134  0.0085  32  LEU A CA  
250 C C   . LEU A 32 ? 0.0553 0.0906 0.0838 -0.0053 0.0149  0.0032  32  LEU A C   
251 O O   . LEU A 32 ? 0.0663 0.1007 0.0929 -0.0091 0.0022  0.0091  32  LEU A O   
252 C CB  . LEU A 32 ? 0.0772 0.1014 0.0973 0.0065  0.0177  0.0032  32  LEU A CB  
253 C CG  . LEU A 32 ? 0.1266 0.1164 0.0866 0.0253  0.0180  0.0094  32  LEU A CG  
254 C CD1 . LEU A 32 ? 0.1214 0.1483 0.1355 0.0378  0.0194  0.0089  32  LEU A CD1 
255 C CD2 . LEU A 32 ? 0.1504 0.1043 0.1110 0.0209  0.0479  0.0090  32  LEU A CD2 
256 N N   . PRO A 33 ? 0.0738 0.1097 0.0916 -0.0142 0.0125  0.0059  33  PRO A N   
257 C CA  . PRO A 33 ? 0.0694 0.1177 0.0982 -0.0103 0.0002  0.0057  33  PRO A CA  
258 C C   . PRO A 33 ? 0.0781 0.1095 0.0946 -0.0109 -0.0018 0.0055  33  PRO A C   
259 O O   . PRO A 33 ? 0.0932 0.1128 0.0989 -0.0068 0.0127  0.0008  33  PRO A O   
260 C CB  . PRO A 33 ? 0.0745 0.1723 0.1058 -0.0241 0.0055  -0.0059 33  PRO A CB  
261 C CG  . PRO A 33 ? 0.0953 0.1616 0.1123 -0.0372 0.0057  -0.0211 33  PRO A CG  
262 C CD  . PRO A 33 ? 0.0858 0.1305 0.1028 -0.0255 0.0176  -0.0075 33  PRO A CD  
263 N N   . VAL A 34 ? 0.0787 0.1185 0.0870 0.0001  0.0124  0.0024  34  VAL A N   
264 C CA  . VAL A 34 ? 0.0879 0.1230 0.0876 -0.0052 0.0208  0.0071  34  VAL A CA  
265 C C   . VAL A 34 ? 0.1057 0.1384 0.0775 -0.0186 0.0204  0.0028  34  VAL A C   
266 O O   . VAL A 34 ? 0.1181 0.1400 0.0940 -0.0120 0.0111  0.0000  34  VAL A O   
267 C CB  . VAL A 34 ? 0.0847 0.1302 0.1016 -0.0045 0.0150  0.0123  34  VAL A CB  
268 C CG1 . VAL A 34 ? 0.1081 0.1320 0.1103 0.0017  0.0178  0.0109  34  VAL A CG1 
269 C CG2 . VAL A 34 ? 0.1067 0.1253 0.1116 -0.0139 0.0067  0.0214  34  VAL A CG2 
270 N N   . GLY A 35 ? 0.1137 0.1304 0.1081 0.0003  0.0368  -0.0036 35  GLY A N   
271 C CA  . GLY A 35 ? 0.1340 0.1551 0.1222 -0.0078 0.0327  0.0056  35  GLY A CA  
272 C C   . GLY A 35 ? 0.1489 0.1347 0.1177 -0.0158 0.0178  -0.0008 35  GLY A C   
273 O O   . GLY A 35 ? 0.2144 0.1417 0.1334 0.0123  0.0338  -0.0206 35  GLY A O   
274 N N   . THR A 36 ? 0.1328 0.1210 0.1098 -0.0135 0.0209  0.0014  36  THR A N   
275 C CA  . THR A 36 ? 0.1328 0.1343 0.1177 -0.0202 0.0181  0.0066  36  THR A CA  
276 C C   . THR A 36 ? 0.1253 0.1515 0.1295 0.0012  0.0092  -0.0071 36  THR A C   
277 O O   . THR A 36 ? 0.1305 0.1595 0.1924 -0.0028 0.0064  -0.0033 36  THR A O   
278 C CB  . THR A 36 ? 0.1086 0.1169 0.1208 -0.0009 0.0199  -0.0059 36  THR A CB  
279 O OG1 . THR A 36 ? 0.1106 0.1256 0.1329 -0.0077 0.0222  0.0089  36  THR A OG1 
280 C CG2 . THR A 36 ? 0.1670 0.1233 0.1270 0.0151  0.0271  0.0052  36  THR A CG2 
281 N N   . ILE A 37 ? 0.1436 0.1484 0.1466 0.0014  0.0303  -0.0051 37  ILE A N   
282 C CA  . ILE A 37 ? 0.1431 0.1649 0.1739 0.0143  0.0217  0.0001  37  ILE A CA  
283 C C   . ILE A 37 ? 0.1422 0.1340 0.1430 0.0093  0.0277  -0.0019 37  ILE A C   
284 O O   . ILE A 37 ? 0.1141 0.1745 0.1739 0.0068  0.0369  0.0156  37  ILE A O   
285 C CB  . ILE A 37 ? 0.2304 0.2059 0.1791 0.0182  0.0137  -0.0569 37  ILE A CB  
286 C CG1 . ILE A 37 ? 0.3129 0.3041 0.2028 0.0432  -0.0188 -0.1229 37  ILE A CG1 
287 C CG2 . ILE A 37 ? 0.2130 0.2227 0.2477 0.0452  0.0546  -0.0535 37  ILE A CG2 
288 C CD1 . ILE A 37 ? 0.4855 0.5482 0.2643 -0.0299 0.1163  -0.0781 37  ILE A CD1 
289 N N   . VAL A 38 ? 0.1063 0.1597 0.1526 -0.0015 0.0477  -0.0168 38  VAL A N   
290 C CA  . VAL A 38 ? 0.1180 0.1638 0.1423 -0.0004 0.0315  0.0002  38  VAL A CA  
291 C C   . VAL A 38 ? 0.1191 0.1605 0.1607 0.0062  0.0384  -0.0224 38  VAL A C   
292 O O   . VAL A 38 ? 0.1732 0.1981 0.1709 0.0099  0.0655  -0.0351 38  VAL A O   
293 C CB  . VAL A 38 ? 0.1414 0.1496 0.1553 -0.0028 0.0329  -0.0124 38  VAL A CB  
294 C CG1 . VAL A 38 ? 0.1763 0.1638 0.1734 0.0177  0.0515  -0.0186 38  VAL A CG1 
295 C CG2 . VAL A 38 ? 0.1245 0.1926 0.2127 -0.0294 0.0154  -0.0078 38  VAL A CG2 
296 N N   . THR A 39 ? 0.1392 0.1886 0.1982 0.0264  0.0268  0.0066  39  THR A N   
297 C CA  . THR A 39 ? 0.1400 0.1745 0.2283 0.0376  0.0074  -0.0271 39  THR A CA  
298 C C   . THR A 39 ? 0.1743 0.1969 0.2526 0.0428  -0.0275 -0.0070 39  THR A C   
299 O O   . THR A 39 ? 0.1422 0.2142 0.3955 0.0385  -0.0147 -0.0950 39  THR A O   
300 C CB  . THR A 39 ? 0.2648 0.1871 0.2562 0.0133  -0.0220 -0.0093 39  THR A CB  
301 O OG1 . THR A 39 ? 0.4191 0.2687 0.2441 0.0256  -0.0766 -0.0235 39  THR A OG1 
302 C CG2 . THR A 39 ? 0.2143 0.2466 0.2645 0.0358  0.0961  0.0037  39  THR A CG2 
303 N N   . MET A 40 ? 0.1547 0.1754 0.3686 0.0181  0.0222  -0.0253 40  MET A N   
304 C CA  . MET A 40 ? 0.1464 0.2781 0.2792 0.0347  0.0308  -0.0300 40  MET A CA  
305 C C   . MET A 40 ? 0.1745 0.2201 0.3311 -0.0349 0.0154  -0.0187 40  MET A C   
306 O O   . MET A 40 ? 0.2083 0.3701 0.4719 -0.1113 0.0538  -0.1345 40  MET A O   
307 C CB  . MET A 40 ? 0.2189 0.2651 0.2830 0.0629  0.0488  -0.0346 40  MET A CB  
308 C CG  . MET A 40 ? 0.4020 0.2503 0.2692 0.0017  0.0410  -0.0833 40  MET A CG  
309 S SD  . MET A 40 ? 0.6328 0.2265 0.3621 -0.0602 0.2650  -0.0711 40  MET A SD  
310 C CE  . MET A 40 ? 0.7747 0.1717 0.5452 0.0181  0.3372  -0.1118 40  MET A CE  
311 N N   . GLU A 41 ? 0.1538 0.1770 0.3009 -0.0082 0.0434  -0.0294 41  GLU A N   
312 C CA  . GLU A 41 ? 0.2275 0.1786 0.3244 -0.0317 -0.0296 -0.0377 41  GLU A CA  
313 C C   . GLU A 41 ? 0.1695 0.1668 0.2743 -0.0646 0.0214  -0.0030 41  GLU A C   
314 O O   . GLU A 41 ? 0.1364 0.1987 0.3220 -0.0223 0.0272  -0.0359 41  GLU A O   
315 C CB  . GLU A 41 ? 0.2214 0.1741 0.3318 0.0310  0.0134  0.0170  41  GLU A CB  
316 C CG  . GLU A 41 ? 0.4489 0.2100 0.4444 0.0605  0.0513  0.0145  41  GLU A CG  
317 C CD  . GLU A 41 ? 0.4877 0.1589 0.6999 0.0036  -0.0590 0.1344  41  GLU A CD  
318 O OE1 . GLU A 41 ? 0.3934 0.3955 1.0303 -0.1759 0.0581  0.0910  41  GLU A OE1 
319 O OE2 . GLU A 41 ? 0.3530 0.5545 0.6446 -0.0424 -0.1083 0.2191  41  GLU A OE2 
320 N N   . TYR A 42 ? 0.1655 0.1348 0.3521 -0.0014 -0.0314 -0.0455 42  TYR A N   
321 C CA  . TYR A 42 ? 0.1216 0.1236 0.3031 -0.0051 0.0055  -0.0264 42  TYR A CA  
322 C C   . TYR A 42 ? 0.1632 0.1565 0.2610 -0.0174 -0.0615 -0.0094 42  TYR A C   
323 O O   . TYR A 42 ? 0.2218 0.1693 0.3345 0.0326  -0.0949 0.0180  42  TYR A O   
324 C CB  . TYR A 42 ? 0.1325 0.1836 0.4502 -0.0155 0.0041  -0.0487 42  TYR A CB  
325 C CG  . TYR A 42 ? 0.0869 0.1879 0.3974 0.0249  0.0415  -0.0400 42  TYR A CG  
326 C CD1 . TYR A 42 ? 0.0812 0.1956 0.3542 0.0113  0.0450  -0.0861 42  TYR A CD1 
327 C CD2 . TYR A 42 ? 0.1012 0.2063 0.3872 -0.0092 0.0047  -0.0292 42  TYR A CD2 
328 C CE1 . TYR A 42 ? 0.0857 0.1944 0.3377 -0.0015 0.0436  -0.0632 42  TYR A CE1 
329 C CE2 . TYR A 42 ? 0.1183 0.2313 0.3492 -0.0270 -0.0189 -0.0244 42  TYR A CE2 
330 C CZ  . TYR A 42 ? 0.0861 0.1780 0.3096 0.0045  0.0254  -0.0502 42  TYR A CZ  
331 O OH  . TYR A 42 ? 0.1228 0.1937 0.3738 -0.0152 0.0085  -0.0490 42  TYR A OH  
332 N N   . ARG A 43 ? 0.0966 0.1258 0.2168 -0.0006 -0.0165 0.0211  43  ARG A N   
333 C CA  . ARG A 43 ? 0.1072 0.1457 0.1868 -0.0305 -0.0185 0.0177  43  ARG A CA  
334 C C   . ARG A 43 ? 0.0975 0.1503 0.1749 -0.0286 -0.0189 0.0275  43  ARG A C   
335 O O   . ARG A 43 ? 0.1166 0.1483 0.1767 -0.0191 -0.0273 0.0294  43  ARG A O   
336 C CB  . ARG A 43 ? 0.1224 0.1817 0.1797 -0.0384 -0.0273 0.0367  43  ARG A CB  
337 C CG  . ARG A 43 ? 0.1412 0.1864 0.2700 -0.0547 0.0299  0.0508  43  ARG A CG  
338 C CD  . ARG A 43 ? 0.1988 0.1993 0.2588 -0.0251 0.0311  0.0665  43  ARG A CD  
339 N NE  . ARG A 43 ? 0.1917 0.2256 0.2230 -0.0345 -0.0274 0.0626  43  ARG A NE  
340 C CZ  . ARG A 43 ? 0.1746 0.2279 0.1761 -0.0668 -0.0135 0.0544  43  ARG A CZ  
341 N NH1 . ARG A 43 ? 0.2261 0.2450 0.2302 -0.0677 -0.0002 0.0363  43  ARG A NH1 
342 N NH2 . ARG A 43 ? 0.2013 0.2767 0.1991 -0.0804 -0.0335 0.0466  43  ARG A NH2 
343 N N   . ILE A 44 ? 0.1047 0.1581 0.2189 -0.0196 -0.0283 0.0158  44  ILE A N   
344 C CA  . ILE A 44 ? 0.0904 0.1709 0.2099 -0.0416 -0.0011 0.0030  44  ILE A CA  
345 C C   . ILE A 44 ? 0.0872 0.1618 0.1809 -0.0237 -0.0148 0.0019  44  ILE A C   
346 O O   . ILE A 44 ? 0.1326 0.1631 0.2125 -0.0337 0.0008  0.0125  44  ILE A O   
347 C CB  . ILE A 44 ? 0.0782 0.1968 0.2845 -0.0169 -0.0181 0.0216  44  ILE A CB  
348 C CG1 . ILE A 44 ? 0.1257 0.1884 0.2749 -0.0558 -0.0246 0.0343  44  ILE A CG1 
349 C CG2 . ILE A 44 ? 0.1218 0.2149 0.2535 -0.0156 -0.0592 0.0061  44  ILE A CG2 
350 C CD1 . ILE A 44 ? 0.1115 0.2405 0.3192 -0.0438 -0.0133 -0.0076 44  ILE A CD1 
351 N N   . ASP A 45 ? 0.0996 0.1660 0.1529 -0.0075 -0.0346 0.0257  45  ASP A N   
352 C CA  . ASP A 45 ? 0.0993 0.1629 0.1365 -0.0256 -0.0423 0.0203  45  ASP A CA  
353 C C   . ASP A 45 ? 0.1005 0.1413 0.1270 -0.0240 -0.0198 0.0161  45  ASP A C   
354 O O   . ASP A 45 ? 0.0980 0.1681 0.1350 -0.0138 -0.0265 0.0116  45  ASP A O   
355 C CB  . ASP A 45 ? 0.1278 0.1863 0.1527 0.0147  -0.0319 0.0316  45  ASP A CB  
356 C CG  . ASP A 45 ? 0.1602 0.1853 0.1580 -0.0115 -0.0275 0.0278  45  ASP A CG  
357 O OD1 . ASP A 45 ? 0.1977 0.1739 0.1663 -0.0352 -0.0016 0.0329  45  ASP A OD1 
358 O OD2 . ASP A 45 ? 0.2417 0.2062 0.2670 -0.0184 0.0666  0.0515  45  ASP A OD2 
359 N N   . ARG A 46 ? 0.0811 0.1329 0.1294 -0.0023 -0.0211 0.0246  46  ARG A N   
360 C CA  . ARG A 46 ? 0.0814 0.1396 0.1176 -0.0061 -0.0131 0.0318  46  ARG A CA  
361 C C   . ARG A 46 ? 0.0665 0.1334 0.1104 -0.0026 -0.0194 0.0183  46  ARG A C   
362 O O   . ARG A 46 ? 0.0704 0.1432 0.1416 -0.0087 -0.0078 0.0295  46  ARG A O   
363 C CB  . ARG A 46 ? 0.0789 0.1446 0.1177 -0.0094 -0.0181 0.0318  46  ARG A CB  
364 C CG  . ARG A 46 ? 0.0738 0.1290 0.1171 -0.0084 0.0064  0.0171  46  ARG A CG  
365 C CD  . ARG A 46 ? 0.0814 0.1500 0.1193 -0.0185 -0.0070 0.0214  46  ARG A CD  
366 N NE  . ARG A 46 ? 0.0775 0.1408 0.1425 -0.0126 0.0065  0.0165  46  ARG A NE  
367 C CZ  . ARG A 46 ? 0.0812 0.1397 0.1569 -0.0188 -0.0062 0.0109  46  ARG A CZ  
368 N NH1 . ARG A 46 ? 0.0835 0.1352 0.2017 -0.0116 0.0076  0.0218  46  ARG A NH1 
369 N NH2 . ARG A 46 ? 0.0924 0.1391 0.1932 -0.0130 0.0020  -0.0012 46  ARG A NH2 
370 N N   . VAL A 47 ? 0.0737 0.1397 0.1102 -0.0115 -0.0181 0.0296  47  VAL A N   
371 C CA  . VAL A 47 ? 0.0702 0.1277 0.1162 -0.0133 -0.0147 0.0232  47  VAL A CA  
372 C C   . VAL A 47 ? 0.0722 0.1243 0.1067 -0.0058 -0.0028 0.0224  47  VAL A C   
373 O O   . VAL A 47 ? 0.0811 0.1603 0.1054 -0.0099 -0.0114 0.0214  47  VAL A O   
374 C CB  . VAL A 47 ? 0.0903 0.1324 0.1343 -0.0224 -0.0213 0.0289  47  VAL A CB  
375 C CG1 . VAL A 47 ? 0.0999 0.1316 0.1254 -0.0093 -0.0065 0.0283  47  VAL A CG1 
376 C CG2 . VAL A 47 ? 0.1057 0.1308 0.1515 -0.0260 -0.0373 0.0063  47  VAL A CG2 
377 N N   A ARG A 48 ? 0.0639 0.1388 0.1148 -0.0103 -0.0075 0.0226  48  ARG A N   
378 N N   B ARG A 48 ? 0.0658 0.1311 0.1158 -0.0138 0.0015  0.0266  48  ARG A N   
379 C CA  A ARG A 48 ? 0.0705 0.1285 0.1095 -0.0258 -0.0120 0.0256  48  ARG A CA  
380 C CA  B ARG A 48 ? 0.0743 0.1217 0.1114 -0.0267 -0.0065 0.0315  48  ARG A CA  
381 C C   A ARG A 48 ? 0.0595 0.1411 0.1114 -0.0134 -0.0134 0.0242  48  ARG A C   
382 C C   B ARG A 48 ? 0.0599 0.1332 0.1155 -0.0114 -0.0159 0.0245  48  ARG A C   
383 O O   A ARG A 48 ? 0.0757 0.1520 0.1490 -0.0286 0.0011  0.0419  48  ARG A O   
384 O O   B ARG A 48 ? 0.0870 0.1493 0.1493 -0.0164 0.0084  0.0501  48  ARG A O   
385 C CB  A ARG A 48 ? 0.0754 0.1440 0.1252 -0.0213 -0.0079 0.0266  48  ARG A CB  
386 C CB  B ARG A 48 ? 0.0675 0.1318 0.1268 -0.0273 -0.0125 0.0329  48  ARG A CB  
387 C CG  A ARG A 48 ? 0.1237 0.1319 0.1308 -0.0034 0.0006  0.0133  48  ARG A CG  
388 C CG  B ARG A 48 ? 0.1149 0.1250 0.1190 0.0002  -0.0075 0.0217  48  ARG A CG  
389 C CD  A ARG A 48 ? 0.1510 0.1486 0.1126 -0.0237 0.0196  0.0220  48  ARG A CD  
390 C CD  B ARG A 48 ? 0.1407 0.1407 0.1753 -0.0166 -0.0106 -0.0104 48  ARG A CD  
391 N NE  A ARG A 48 ? 0.1695 0.1492 0.1557 0.0056  0.0432  0.0130  48  ARG A NE  
392 N NE  B ARG A 48 ? 0.1766 0.1654 0.1558 -0.0077 0.0087  0.0131  48  ARG A NE  
393 C CZ  A ARG A 48 ? 0.1860 0.1739 0.2039 0.0030  -0.0478 -0.0283 48  ARG A CZ  
394 C CZ  B ARG A 48 ? 0.1868 0.2041 0.1416 0.0273  -0.0350 -0.0016 48  ARG A CZ  
395 N NH1 A ARG A 48 ? 0.1992 0.1514 0.2328 0.0463  -0.0384 0.0189  48  ARG A NH1 
396 N NH1 B ARG A 48 ? 0.1387 0.1924 0.2042 0.0270  -0.0235 -0.0121 48  ARG A NH1 
397 N NH2 A ARG A 48 ? 0.2106 0.2787 0.2275 0.0901  -0.0256 -0.0482 48  ARG A NH2 
398 N NH2 B ARG A 48 ? 0.3288 0.2382 0.2409 0.1547  -0.0523 -0.0538 48  ARG A NH2 
399 N N   . LEU A 49 ? 0.0680 0.1076 0.0894 -0.0143 -0.0038 0.0235  49  LEU A N   
400 C CA  . LEU A 49 ? 0.0690 0.1131 0.0942 -0.0223 -0.0087 0.0232  49  LEU A CA  
401 C C   . LEU A 49 ? 0.0661 0.1034 0.0926 -0.0147 0.0120  0.0164  49  LEU A C   
402 O O   . LEU A 49 ? 0.0946 0.1433 0.0916 -0.0387 -0.0054 0.0225  49  LEU A O   
403 C CB  . LEU A 49 ? 0.0810 0.1065 0.1098 -0.0115 -0.0078 0.0235  49  LEU A CB  
404 C CG  . LEU A 49 ? 0.0895 0.1112 0.0953 -0.0046 -0.0055 0.0125  49  LEU A CG  
405 C CD1 . LEU A 49 ? 0.1341 0.1199 0.1168 -0.0191 0.0052  0.0082  49  LEU A CD1 
406 C CD2 . LEU A 49 ? 0.1015 0.1357 0.1227 -0.0183 -0.0191 -0.0031 49  LEU A CD2 
407 N N   . PHE A 50 ? 0.0606 0.1087 0.0918 -0.0125 0.0023  0.0211  50  PHE A N   
408 C CA  . PHE A 50 ? 0.0569 0.1024 0.0949 -0.0016 0.0050  0.0135  50  PHE A CA  
409 C C   . PHE A 50 ? 0.0627 0.1090 0.0797 -0.0115 0.0053  0.0071  50  PHE A C   
410 O O   . PHE A 50 ? 0.0786 0.1041 0.0992 -0.0048 0.0036  0.0168  50  PHE A O   
411 C CB  . PHE A 50 ? 0.0802 0.1122 0.0850 -0.0130 0.0122  0.0058  50  PHE A CB  
412 C CG  . PHE A 50 ? 0.0649 0.1229 0.0998 -0.0097 0.0071  0.0114  50  PHE A CG  
413 C CD1 . PHE A 50 ? 0.0613 0.1245 0.1543 0.0072  0.0112  -0.0048 50  PHE A CD1 
414 C CD2 . PHE A 50 ? 0.0760 0.1274 0.1092 0.0026  0.0057  0.0023  50  PHE A CD2 
415 C CE1 . PHE A 50 ? 0.0719 0.1467 0.1852 0.0245  -0.0060 0.0031  50  PHE A CE1 
416 C CE2 . PHE A 50 ? 0.0847 0.1160 0.1536 -0.0089 0.0071  -0.0030 50  PHE A CE2 
417 C CZ  . PHE A 50 ? 0.1137 0.1263 0.1469 0.0120  0.0127  0.0063  50  PHE A CZ  
418 N N   . VAL A 51 ? 0.0629 0.0989 0.0880 0.0000  -0.0005 0.0102  51  VAL A N   
419 C CA  . VAL A 51 ? 0.0757 0.1047 0.0796 -0.0001 -0.0029 0.0068  51  VAL A CA  
420 C C   . VAL A 51 ? 0.0717 0.1063 0.0758 -0.0013 0.0152  0.0081  51  VAL A C   
421 O O   . VAL A 51 ? 0.0823 0.0967 0.1027 -0.0051 -0.0023 0.0071  51  VAL A O   
422 C CB  . VAL A 51 ? 0.0904 0.1078 0.0824 0.0097  0.0048  0.0055  51  VAL A CB  
423 C CG1 . VAL A 51 ? 0.1112 0.1194 0.0862 -0.0098 0.0046  0.0066  51  VAL A CG1 
424 C CG2 . VAL A 51 ? 0.0797 0.1239 0.0929 0.0058  0.0135  0.0156  51  VAL A CG2 
425 N N   . ASP A 52 ? 0.0796 0.0976 0.0678 0.0044  0.0043  -0.0020 52  ASP A N   
426 C CA  . ASP A 52 ? 0.0658 0.1158 0.0659 0.0029  0.0111  0.0022  52  ASP A CA  
427 C C   . ASP A 52 ? 0.0776 0.1108 0.0761 -0.0048 0.0057  0.0146  52  ASP A C   
428 O O   . ASP A 52 ? 0.0901 0.1182 0.0788 -0.0049 0.0160  0.0173  52  ASP A O   
429 C CB  . ASP A 52 ? 0.0668 0.1259 0.0721 -0.0062 0.0068  0.0064  52  ASP A CB  
430 C CG  . ASP A 52 ? 0.0652 0.1170 0.0682 -0.0032 0.0011  0.0121  52  ASP A CG  
431 O OD1 . ASP A 52 ? 0.0824 0.1187 0.0767 0.0031  0.0170  0.0201  52  ASP A OD1 
432 O OD2 . ASP A 52 ? 0.1213 0.1004 0.0800 -0.0103 0.0008  0.0029  52  ASP A OD2 
433 N N   . LYS A 53 ? 0.0771 0.1238 0.0872 -0.0112 0.0011  0.0117  53  LYS A N   
434 C CA  . LYS A 53 ? 0.0737 0.1307 0.1037 -0.0085 0.0116  0.0113  53  LYS A CA  
435 C C   . LYS A 53 ? 0.0744 0.1420 0.1110 -0.0112 0.0155  0.0202  53  LYS A C   
436 O O   . LYS A 53 ? 0.0799 0.1845 0.1385 -0.0075 0.0207  0.0297  53  LYS A O   
437 C CB  . LYS A 53 ? 0.0919 0.1893 0.1567 -0.0251 -0.0025 0.0289  53  LYS A CB  
438 C CG  . LYS A 53 ? 0.1081 0.2243 0.1631 -0.0235 0.0036  0.0059  53  LYS A CG  
439 C CD  . LYS A 53 ? 0.1600 0.2226 0.1632 0.0120  -0.0632 -0.0294 53  LYS A CD  
440 C CE  . LYS A 53 ? 0.1274 0.3264 0.1989 0.0002  -0.0226 -0.0258 53  LYS A CE  
441 N NZ  . LYS A 53 ? 0.1407 0.3253 0.1895 -0.0095 -0.0128 -0.0421 53  LYS A NZ  
442 N N   . LEU A 54 ? 0.0895 0.1333 0.1050 0.0076  0.0195  0.0152  54  LEU A N   
443 C CA  . LEU A 54 ? 0.0873 0.1572 0.1107 0.0237  0.0125  0.0065  54  LEU A CA  
444 C C   . LEU A 54 ? 0.0912 0.1558 0.1101 0.0110  0.0172  0.0329  54  LEU A C   
445 O O   . LEU A 54 ? 0.1245 0.1733 0.1205 0.0424  0.0124  -0.0001 54  LEU A O   
446 C CB  . LEU A 54 ? 0.1044 0.1374 0.1105 0.0185  0.0129  -0.0003 54  LEU A CB  
447 C CG  . LEU A 54 ? 0.1532 0.1667 0.1206 0.0237  0.0024  0.0100  54  LEU A CG  
448 C CD1 . LEU A 54 ? 0.1716 0.1667 0.1335 0.0226  0.0070  0.0238  54  LEU A CD1 
449 C CD2 . LEU A 54 ? 0.1207 0.2666 0.1675 0.0172  -0.0175 0.0434  54  LEU A CD2 
450 N N   . ASP A 55 ? 0.0899 0.1417 0.1030 0.0172  0.0136  0.0207  55  ASP A N   
451 C CA  . ASP A 55 ? 0.1123 0.1538 0.0937 0.0316  0.0231  0.0302  55  ASP A CA  
452 C C   . ASP A 55 ? 0.1033 0.1749 0.0861 0.0432  0.0026  0.0073  55  ASP A C   
453 O O   . ASP A 55 ? 0.1207 0.3135 0.0873 0.0258  -0.0062 0.0243  55  ASP A O   
454 C CB  . ASP A 55 ? 0.1216 0.1958 0.1049 0.0493  0.0296  0.0379  55  ASP A CB  
455 C CG  . ASP A 55 ? 0.1664 0.2346 0.1661 0.0176  0.0528  0.0551  55  ASP A CG  
456 O OD1 . ASP A 55 ? 0.2269 0.1967 0.2137 0.0268  0.1202  0.0548  55  ASP A OD1 
457 O OD2 . ASP A 55 ? 0.1538 0.3028 0.3466 0.0177  0.0683  0.0925  55  ASP A OD2 
458 N N   . ASN A 56 ? 0.0904 0.1397 0.0798 0.0199  -0.0002 0.0108  56  ASN A N   
459 C CA  . ASN A 56 ? 0.1088 0.1145 0.0829 0.0166  -0.0058 -0.0061 56  ASN A CA  
460 C C   . ASN A 56 ? 0.0876 0.1030 0.0749 0.0064  -0.0023 0.0037  56  ASN A C   
461 O O   . ASN A 56 ? 0.0932 0.1019 0.0890 0.0053  -0.0030 -0.0038 56  ASN A O   
462 C CB  . ASN A 56 ? 0.1279 0.1214 0.1125 0.0185  -0.0013 -0.0043 56  ASN A CB  
463 C CG  . ASN A 56 ? 0.1397 0.1366 0.1411 0.0455  -0.0028 -0.0002 56  ASN A CG  
464 O OD1 . ASN A 56 ? 0.1812 0.1684 0.1435 0.0669  -0.0156 -0.0332 56  ASN A OD1 
465 N ND2 . ASN A 56 ? 0.1747 0.1831 0.1365 0.0624  0.0083  0.0021  56  ASN A ND2 
466 N N   . VAL A 57 ? 0.1011 0.1104 0.1007 0.0070  -0.0109 -0.0096 57  VAL A N   
467 C CA  . VAL A 57 ? 0.0991 0.0970 0.0852 -0.0034 -0.0045 0.0070  57  VAL A CA  
468 C C   . VAL A 57 ? 0.0839 0.1008 0.0870 -0.0098 -0.0071 0.0138  57  VAL A C   
469 O O   . VAL A 57 ? 0.1306 0.1089 0.1012 -0.0114 -0.0091 0.0186  57  VAL A O   
470 C CB  . VAL A 57 ? 0.0917 0.1104 0.0935 -0.0132 -0.0091 0.0118  57  VAL A CB  
471 C CG1 . VAL A 57 ? 0.0897 0.1399 0.1083 -0.0098 -0.0149 -0.0006 57  VAL A CG1 
472 C CG2 . VAL A 57 ? 0.1118 0.1364 0.1047 -0.0026 -0.0215 0.0031  57  VAL A CG2 
473 N N   . ALA A 58 ? 0.0795 0.1095 0.0765 -0.0087 0.0058  0.0145  58  ALA A N   
474 C CA  . ALA A 58 ? 0.0779 0.1155 0.0754 -0.0096 0.0019  0.0081  58  ALA A CA  
475 C C   . ALA A 58 ? 0.0957 0.1360 0.0731 -0.0144 0.0109  0.0163  58  ALA A C   
476 O O   . ALA A 58 ? 0.1085 0.1719 0.0877 -0.0230 0.0112  0.0134  58  ALA A O   
477 C CB  . ALA A 58 ? 0.0912 0.1280 0.0934 -0.0148 -0.0013 0.0060  58  ALA A CB  
478 N N   . GLN A 59 ? 0.0779 0.1413 0.0872 -0.0066 0.0135  0.0137  59  GLN A N   
479 C CA  . GLN A 59 ? 0.0940 0.1484 0.1043 -0.0129 0.0091  0.0222  59  GLN A CA  
480 C C   . GLN A 59 ? 0.0806 0.1374 0.1163 -0.0072 -0.0076 0.0279  59  GLN A C   
481 O O   . GLN A 59 ? 0.0848 0.1572 0.1058 -0.0263 0.0045  0.0189  59  GLN A O   
482 C CB  . GLN A 59 ? 0.0637 0.1856 0.1306 0.0000  0.0201  0.0028  59  GLN A CB  
483 C CG  . GLN A 59 ? 0.1126 0.1604 0.1351 -0.0017 0.0263  0.0110  59  GLN A CG  
484 C CD  . GLN A 59 ? 0.1445 0.1739 0.1371 -0.0175 0.0230  0.0281  59  GLN A CD  
485 O OE1 . GLN A 59 ? 0.1492 0.2015 0.1358 -0.0092 0.0073  -0.0031 59  GLN A OE1 
486 N NE2 . GLN A 59 ? 0.1709 0.1734 0.1699 0.0024  0.0076  -0.0026 59  GLN A NE2 
487 N N   . VAL A 60 ? 0.0786 0.1549 0.1078 -0.0249 0.0034  0.0355  60  VAL A N   
488 C CA  A VAL A 60 ? 0.0750 0.1491 0.1132 -0.0347 0.0028  0.0365  60  VAL A CA  
489 C CA  B VAL A 60 ? 0.0909 0.1562 0.1057 -0.0299 -0.0001 0.0333  60  VAL A CA  
490 C C   . VAL A 60 ? 0.0594 0.1542 0.1100 -0.0253 -0.0065 0.0198  60  VAL A C   
491 O O   . VAL A 60 ? 0.0832 0.1596 0.1449 -0.0109 0.0089  0.0233  60  VAL A O   
492 C CB  A VAL A 60 ? 0.0640 0.1847 0.1462 -0.0297 0.0059  0.0332  60  VAL A CB  
493 C CB  B VAL A 60 ? 0.0942 0.1699 0.1179 -0.0314 -0.0025 0.0606  60  VAL A CB  
494 C CG1 A VAL A 60 ? 0.0822 0.1095 0.1286 -0.0347 0.0154  -0.0051 60  VAL A CG1 
495 C CG1 B VAL A 60 ? 0.0861 0.2025 0.1230 -0.0382 0.0208  0.0502  60  VAL A CG1 
496 C CG2 A VAL A 60 ? 0.1179 0.1827 0.1265 -0.0405 0.0201  0.0157  60  VAL A CG2 
497 C CG2 B VAL A 60 ? 0.0798 0.1395 0.1198 -0.0178 0.0148  0.0238  60  VAL A CG2 
498 N N   . PRO A 61 ? 0.0753 0.1314 0.1113 -0.0102 0.0071  0.0170  61  PRO A N   
499 C CA  . PRO A 61 ? 0.0686 0.1313 0.1269 -0.0175 -0.0097 0.0403  61  PRO A CA  
500 C C   . PRO A 61 ? 0.0717 0.1472 0.1305 -0.0229 0.0006  0.0292  61  PRO A C   
501 O O   . PRO A 61 ? 0.0841 0.1584 0.1537 -0.0334 -0.0171 0.0506  61  PRO A O   
502 C CB  . PRO A 61 ? 0.0905 0.1594 0.1159 -0.0211 -0.0008 0.0405  61  PRO A CB  
503 C CG  . PRO A 61 ? 0.0983 0.1344 0.1111 -0.0192 -0.0102 0.0218  61  PRO A CG  
504 C CD  . PRO A 61 ? 0.0914 0.1393 0.0925 -0.0287 -0.0081 0.0231  61  PRO A CD  
505 N N   . ARG A 62 ? 0.0788 0.1397 0.1501 -0.0199 -0.0089 0.0411  62  ARG A N   
506 C CA  . ARG A 62 ? 0.0760 0.1530 0.1585 -0.0234 -0.0012 0.0249  62  ARG A CA  
507 C C   . ARG A 62 ? 0.0897 0.1427 0.1478 -0.0161 0.0010  0.0354  62  ARG A C   
508 O O   . ARG A 62 ? 0.0712 0.1409 0.2011 -0.0190 -0.0155 0.0519  62  ARG A O   
509 C CB  . ARG A 62 ? 0.1248 0.2287 0.1820 -0.0071 0.0173  0.0623  62  ARG A CB  
510 C CG  . ARG A 62 ? 0.2155 0.3254 0.2001 -0.0026 0.0209  0.0677  62  ARG A CG  
511 C CD  . ARG A 62 ? 0.3463 0.4936 0.2110 0.1062  0.0760  0.0312  62  ARG A CD  
512 N NE  . ARG A 62 ? 0.3421 0.7479 0.2718 0.0120  0.0656  0.1516  62  ARG A NE  
513 C CZ  . ARG A 62 ? 0.5180 0.8510 0.2734 -0.2126 -0.0046 0.2711  62  ARG A CZ  
514 N NH1 . ARG A 62 ? 0.5823 0.6441 0.7311 -0.1317 -0.1734 0.1845  62  ARG A NH1 
515 N NH2 . ARG A 62 ? 0.6000 0.7162 0.6217 -0.1954 0.0290  0.3652  62  ARG A NH2 
516 N N   . VAL A 63 ? 0.0723 0.1587 0.1686 -0.0169 0.0028  0.0385  63  VAL A N   
517 C CA  . VAL A 63 ? 0.0819 0.1466 0.1629 -0.0190 -0.0168 0.0428  63  VAL A CA  
518 C C   . VAL A 63 ? 0.0635 0.1638 0.1739 -0.0076 0.0014  0.0237  63  VAL A C   
519 O O   . VAL A 63 ? 0.1146 0.1594 0.1896 -0.0156 0.0091  0.0324  63  VAL A O   
520 C CB  . VAL A 63 ? 0.1332 0.1662 0.2070 -0.0206 -0.0427 0.0423  63  VAL A CB  
521 C CG1 . VAL A 63 ? 0.1250 0.1795 0.2304 0.0050  -0.0351 0.0404  63  VAL A CG1 
522 C CG2 . VAL A 63 ? 0.0940 0.1857 0.1782 -0.0137 -0.0240 0.0472  63  VAL A CG2 
523 N N   . GLY A 64 ? 0.0707 0.1483 0.1860 -0.0166 0.0127  0.0361  64  GLY A N   
524 C CA  . GLY A 64 ? 0.0869 0.1284 0.1930 -0.0067 -0.0011 0.0221  64  GLY A CA  
525 C C   . GLY A 64 ? 0.0817 0.1622 0.1516 -0.0172 0.0052  0.0349  64  GLY A C   
526 O O   . GLY A 64 ? 0.0825 0.1447 0.1618 -0.0138 0.0121  0.0210  64  GLY A O   
527 O OXT . GLY A 64 ? 0.0838 0.1499 0.2028 0.0001  0.0179  0.0201  64  GLY A OXT 
528 O O   . HOH B .  ? 0.0835 0.1546 0.1717 -0.0221 0.0026  0.0345  101 HOH A O   
529 O O   . HOH B .  ? 0.2546 0.3609 0.3766 0.0172  0.0208  0.1247  102 HOH A O   
530 O O   . HOH B .  ? 0.1797 0.2771 0.3803 0.0323  -0.0104 -0.0969 103 HOH A O   
531 O O   . HOH B .  ? 0.3191 0.9575 0.3272 -0.0066 0.0275  -0.1091 104 HOH A O   
532 O O   . HOH B .  ? 0.7463 0.3731 0.3498 0.1533  -0.1220 -0.1162 105 HOH A O   
533 O O   . HOH B .  ? 0.4024 0.2758 0.2095 0.0613  -0.0071 0.0452  106 HOH A O   
534 O O   . HOH B .  ? 0.3117 0.2039 0.4732 0.0413  0.0097  -0.0540 107 HOH A O   
535 O O   . HOH B .  ? 0.1752 0.1276 0.1501 0.0024  0.0446  0.0108  108 HOH A O   
536 O O   . HOH B .  ? 0.5598 0.2325 0.1901 0.0694  0.0401  -0.0100 109 HOH A O   
537 O O   . HOH B .  ? 0.4775 0.2856 0.4044 -0.1138 -0.1546 -0.0394 110 HOH A O   
538 O O   . HOH B .  ? 0.2473 0.3638 0.3969 -0.1163 -0.0735 -0.0003 111 HOH A O   
539 O O   . HOH B .  ? 0.4673 0.2783 0.6271 -0.0329 -0.1898 0.1342  112 HOH A O   
540 O O   . HOH B .  ? 0.3621 0.3642 0.4877 0.1474  -0.0992 -0.1446 113 HOH A O   
541 O O   . HOH B .  ? 0.0669 0.1583 0.1872 -0.0084 0.0001  0.0285  114 HOH A O   
542 O O   . HOH B .  ? 0.1672 0.2526 0.5081 -0.0190 -0.0240 0.0535  115 HOH A O   
543 O O   . HOH B .  ? 0.3155 0.2450 0.3725 -0.0094 -0.0861 0.0169  116 HOH A O   
544 O O   . HOH B .  ? 0.2179 0.3361 0.2411 0.0659  0.0123  -0.0233 117 HOH A O   
545 O O   . HOH B .  ? 0.3535 0.3750 0.3512 0.0015  -0.0660 -0.0690 118 HOH A O   
546 O O   . HOH B .  ? 0.2411 0.2487 0.2628 -0.0661 0.0456  -0.0729 119 HOH A O   
547 O O   . HOH B .  ? 0.5395 0.2529 0.3780 0.0176  -0.2111 -0.0227 120 HOH A O   
548 O O   . HOH B .  ? 0.2018 0.4809 0.3529 0.0916  0.0354  0.0800  121 HOH A O   
549 O O   . HOH B .  ? 0.4344 0.3851 0.2600 -0.0050 -0.0839 -0.0859 122 HOH A O   
550 O O   . HOH B .  ? 0.1787 0.2629 0.1854 -0.0713 0.0366  -0.0554 123 HOH A O   
551 O O   . HOH B .  ? 0.4583 0.3551 0.3024 -0.1569 0.1668  -0.0251 124 HOH A O   
552 O O   . HOH B .  ? 0.2565 0.1993 0.1934 -0.0857 -0.0300 0.0319  125 HOH A O   
553 O O   . HOH B .  ? 0.3436 0.1334 0.2466 0.0415  -0.0308 -0.0368 126 HOH A O   
554 O O   . HOH B .  ? 0.1264 0.1839 0.2864 0.0211  0.0333  0.0281  127 HOH A O   
555 O O   . HOH B .  ? 0.1873 0.2000 0.1513 0.0227  0.0231  -0.0161 128 HOH A O   
556 O O   . HOH B .  ? 0.3209 0.2857 0.1997 -0.0058 -0.0432 -0.0052 129 HOH A O   
557 O O   . HOH B .  ? 0.3366 0.3908 0.1536 0.0425  -0.0508 -0.0373 130 HOH A O   
558 O O   . HOH B .  ? 0.1923 0.2236 0.3150 -0.0098 0.0916  -0.0123 131 HOH A O   
559 O O   . HOH B .  ? 0.3605 0.3821 0.2572 -0.1143 0.0758  -0.1462 132 HOH A O   
560 O O   . HOH B .  ? 0.1114 0.1609 0.1799 0.0025  -0.0067 -0.0198 133 HOH A O   
561 O O   . HOH B .  ? 0.2263 0.2240 0.2519 -0.0255 -0.0760 0.0854  134 HOH A O   
562 O O   . HOH B .  ? 0.1927 0.1979 0.1818 -0.0494 -0.0670 0.0380  135 HOH A O   
563 O O   . HOH B .  ? 0.2677 0.2121 0.2117 -0.0723 -0.0380 0.0423  136 HOH A O   
564 O O   . HOH B .  ? 0.1693 0.2444 0.1518 -0.0151 -0.0246 0.0044  137 HOH A O   
565 O O   . HOH B .  ? 0.3602 0.2201 0.3107 -0.0465 -0.0398 0.0497  138 HOH A O   
566 O O   . HOH B .  ? 0.1036 0.1705 0.1848 -0.0157 -0.0021 0.0157  139 HOH A O   
567 O O   . HOH B .  ? 0.2028 0.2264 0.1457 -0.0662 -0.0314 0.0130  140 HOH A O   
568 O O   . HOH B .  ? 0.3638 0.3320 0.5783 0.0451  0.0214  -0.2197 141 HOH A O   
569 O O   . HOH B .  ? 0.8967 0.3941 0.5701 0.4109  -0.3487 -0.2201 142 HOH A O   
570 O O   . HOH B .  ? 0.1197 0.2113 0.1839 -0.0216 0.0239  0.0058  143 HOH A O   
571 O O   . HOH B .  ? 0.1816 0.1775 0.1592 -0.0371 -0.0621 0.0362  144 HOH A O   
572 O O   . HOH B .  ? 0.1488 0.1933 0.1293 0.0109  0.0169  -0.0096 145 HOH A O   
573 O O   . HOH B .  ? 0.2747 0.3064 0.4066 -0.1422 0.0252  0.0747  146 HOH A O   
574 O O   . HOH B .  ? 0.1317 0.2274 0.2551 -0.0136 0.0016  -0.0827 147 HOH A O   
575 O O   . HOH B .  ? 0.1981 0.3142 0.3012 0.0029  0.0141  0.1172  148 HOH A O   
576 O O   . HOH B .  ? 0.4588 0.3540 0.3301 0.0910  0.1704  0.0493  149 HOH A O   
577 O O   . HOH B .  ? 0.0865 0.1484 0.1108 -0.0258 -0.0006 0.0177  150 HOH A O   
578 O O   . HOH B .  ? 0.1836 0.2663 0.1801 0.0455  0.0450  0.0088  151 HOH A O   
579 O O   . HOH B .  ? 0.2509 0.3163 0.3481 -0.0967 0.0132  0.1097  152 HOH A O   
580 O O   . HOH B .  ? 0.1777 0.2410 0.1481 0.0338  -0.0021 -0.0280 153 HOH A O   
581 O O   . HOH B .  ? 0.1999 0.2652 0.7259 0.0287  0.0645  0.0604  154 HOH A O   
582 O O   . HOH B .  ? 0.2767 0.5657 0.4024 -0.0806 0.0524  -0.2312 155 HOH A O   
583 O O   . HOH B .  ? 0.2617 0.2260 0.3327 -0.0441 -0.0990 0.0385  156 HOH A O   
584 O O   . HOH B .  ? 0.1665 0.2301 0.3176 -0.0064 -0.0228 0.0673  157 HOH A O   
585 O O   . HOH B .  ? 0.1937 0.2968 0.3412 0.0177  -0.0810 -0.0279 158 HOH A O   
586 O O   . HOH B .  ? 0.3029 0.4295 0.3143 -0.1907 -0.0829 0.0545  159 HOH A O   
587 O O   . HOH B .  ? 0.4547 0.6828 0.2851 -0.1811 -0.0806 0.1878  160 HOH A O   
588 O O   . HOH B .  ? 0.3275 0.6158 0.3024 -0.0757 -0.1213 0.0688  161 HOH A O   
589 O O   . HOH B .  ? 0.2691 0.4861 0.2607 -0.1023 0.0403  0.0818  162 HOH A O   
590 O O   . HOH B .  ? 0.2435 0.2473 0.1816 0.0358  -0.0581 -0.0443 163 HOH A O   
591 O O   . HOH B .  ? 0.3846 0.2137 0.2533 0.0386  -0.0016 0.0112  164 HOH A O   
592 O O   . HOH B .  ? 0.1599 0.2559 0.2919 0.0544  -0.0401 -0.0643 165 HOH A O   
593 O O   . HOH B .  ? 0.3652 0.2707 0.3327 -0.0102 0.0103  0.0195  166 HOH A O   
594 O O   . HOH B .  ? 0.3142 0.3859 0.6358 -0.0807 -0.0833 -0.0475 167 HOH A O   
595 O O   . HOH B .  ? 0.2355 0.2373 0.2675 0.0349  -0.0477 -0.0149 168 HOH A O   
596 O O   . HOH B .  ? 0.5028 0.3991 0.4358 0.1309  0.0962  -0.0274 169 HOH A O   
597 O O   . HOH B .  ? 0.0934 0.1996 0.1154 0.0018  0.0104  0.0651  170 HOH A O   
598 O O   . HOH B .  ? 0.3715 0.2469 0.5696 0.0310  0.0179  -0.0330 171 HOH A O   
599 O O   . HOH B .  ? 0.1714 0.2122 0.1870 -0.0174 -0.0153 0.0119  172 HOH A O   
600 O O   . HOH B .  ? 0.4563 0.6267 0.2257 0.1512  -0.1289 -0.0699 173 HOH A O   
601 O O   . HOH B .  ? 0.3279 0.1973 0.3509 -0.0267 -0.1016 0.0264  174 HOH A O   
602 O O   . HOH B .  ? 0.3552 0.3151 0.2628 0.0398  -0.0695 -0.0293 175 HOH A O   
603 O O   . HOH B .  ? 0.2708 0.2959 0.2853 0.0285  -0.0141 0.0792  176 HOH A O   
604 O O   . HOH B .  ? 0.4050 0.4014 0.4106 -0.0869 -0.0500 0.1134  177 HOH A O   
605 O O   . HOH B .  ? 0.2122 0.3127 0.2765 -0.0088 0.0216  0.0562  178 HOH A O   
606 O O   . HOH B .  ? 0.2212 0.3426 0.2308 -0.0715 -0.0399 0.0744  179 HOH A O   
607 O O   . HOH B .  ? 0.2895 0.1779 0.2035 0.0114  0.0219  0.0135  180 HOH A O   
608 O O   . HOH B .  ? 0.2363 0.1914 0.2103 -0.0256 -0.0080 0.0127  181 HOH A O   
609 O O   . HOH B .  ? 0.2622 0.2739 0.2450 0.0003  0.0444  -0.0306 182 HOH A O   
610 O O   . HOH B .  ? 0.3989 0.4711 0.3571 -0.0420 0.0531  -0.0594 183 HOH A O   
611 O O   . HOH B .  ? 0.2389 0.1954 0.2080 -0.0302 -0.0362 0.0308  184 HOH A O   
612 O O   . HOH B .  ? 0.4086 0.4927 0.2097 0.0636  -0.0211 -0.1105 185 HOH A O   
613 O O   . HOH B .  ? 0.4168 0.2134 0.2651 -0.0390 -0.0215 0.0000  186 HOH A O   
614 O O   . HOH B .  ? 0.2232 0.3262 0.4122 0.0104  0.0606  -0.0290 187 HOH A O   
615 O O   . HOH B .  ? 0.1707 0.2772 0.3182 -0.0347 0.0039  0.0777  188 HOH A O   
616 O O   . HOH B .  ? 0.4022 0.2656 0.6107 -0.0107 -0.1036 0.0869  189 HOH A O   
617 O O   . HOH B .  ? 0.5575 0.6277 0.3016 -0.0604 -0.0168 0.0043  190 HOH A O   
618 O O   . HOH B .  ? 0.8268 0.3612 0.3041 0.0153  -0.1343 0.0120  191 HOH A O   
619 O O   . HOH B .  ? 0.2554 0.3005 0.2386 -0.0175 0.0157  -0.0242 192 HOH A O   
620 O O   . HOH B .  ? 0.6795 0.3538 0.3641 0.0289  -0.1329 -0.0975 193 HOH A O   
621 O O   . HOH B .  ? 0.2706 0.3228 0.4179 -0.0276 -0.0357 -0.0791 194 HOH A O   
622 O O   . HOH B .  ? 0.2166 0.5453 0.3546 -0.0838 -0.0404 0.0823  195 HOH A O   
623 O O   . HOH B .  ? 0.1587 0.2010 0.1761 0.0018  -0.0007 -0.0160 196 HOH A O   
624 O O   . HOH B .  ? 0.3651 0.3039 0.3696 -0.0382 -0.1847 0.0805  197 HOH A O   
625 O O   . HOH B .  ? 0.2877 0.3447 0.3046 -0.0661 -0.0325 0.0002  198 HOH A O   
# 
